data_9CQL
#
_entry.id   9CQL
#
_cell.length_a   1.00
_cell.length_b   1.00
_cell.length_c   1.00
_cell.angle_alpha   90.00
_cell.angle_beta   90.00
_cell.angle_gamma   90.00
#
_symmetry.space_group_name_H-M   'P 1'
#
loop_
_entity.id
_entity.type
_entity.pdbx_description
1 polymer '9C2 TCR delta chain'
2 polymer '9C2 TCR gamma chain'
3 polymer 'anti TCR variable delta 1 Fab heavy chain Fab 3'
4 polymer 'anti TCR variable delta 1 Fab light chain Fab 3'
5 branched 2-acetamido-2-deoxy-beta-D-glucopyranose-(1-4)-2-acetamido-2-deoxy-beta-D-glucopyranose
6 non-polymer 2-acetamido-2-deoxy-beta-D-glucopyranose
7 non-polymer beta-D-mannopyranose
#
loop_
_entity_poly.entity_id
_entity_poly.type
_entity_poly.pdbx_seq_one_letter_code
_entity_poly.pdbx_strand_id
1 'polypeptide(L)'
;AQKVTQAQSSVSMPVRKAVTLNCLYETSWWSYYIFWYKQLPSKEMIFLIRQGSDEQNAKSGRYSVNFKKAAKSVALTISA
LQLEDSAKYFCALGDPGGLNTDKLIFGKGTRVTVEPRSQPHTKPSVFVMKNGTNVACLVKEFYPKDIRINLVSSKKITEF
DPAIVISPSGKYNAVKLGKYEDSNSVTCSVQHDNKTVHSTDFEVKTDSTDHVKPKETENTKQPSKSCHKPKAIVHTEKVN
MMSLTVLGLRMLFAKTVAVNFLLTAKLFFLSRGRAKRGSG
;
E,A
2 'polypeptide(L)'
;SSNLEGGTKSVTRPTRSSAEITCDLTVINAFYIHWYLHQEGKAPQRLLYYDVSNSKDVLESGLSPGKYYTHTPRRWSWIL
ILRNLIENDSGVYYCATWDRGNPKTHYYKKLFGSGTTLVVTDKQLDADVSPKPTIFLPSIAETKLQKAGTYLCLLEKFFP
DVIKIHWQEKKSNTILGSQEGNTMKTNDTYMKFSWLTVPEKSLDKEHRCIVRHENNKNGVDQEIIFPPIKTDVITMDPKD
NCSKDANDTLLLQLTNTSAYYMYLLLLLKSVVYFAIITCCLLRRTAFCCNGEKS
;
F,B
3 'polypeptide(L)'
;QVQLQQPGADLVRPGTSVKLSCKASGYTFTSYWMHWVQQRPGQGLEWIGVIDPSDSYTNYNQKFKGKATLTVDTSSSTAY
MQLSSLTSEDSAVYYCARSDDYDEGYFFDQWGQGTTLTVSAAKTTPPSVYPLAPGSAAQTNSMVTLGCLVKGYFPEPVTV
TWNSGSLSSGVHTFPAVLQSDLYTLSSSVTVPSSTWPSETVTCNVAHPASSTKVDKKIVPRDCG
;
J,C
4 'polypeptide(L)'
;DVVMTQTPLTLSVTVGQPASISCKSSQSLLHSNGKTYLNWLLQRPGQSPKLLIYLVSKVESGVPDRFSGSGSGTDFTLKI
SRVEAEDLGLYYCLQVTHFPLTFGAGTKLELKRADAAPTVSIFPPSSEQLTSGGASVVCFLNNFYPKDINVKWKIDGSER
QNGVLNSWTDQDSKDSTYSMSSTLTLTKDEYERHNSYTCEATHKTSTSPIVKSFNRGEC
;
K,D
#
# COMPACT_ATOMS: atom_id res chain seq x y z
N GLN A 2 23.23 -35.96 8.45
CA GLN A 2 23.88 -35.48 7.24
C GLN A 2 24.69 -34.23 7.49
N LYS A 3 25.82 -34.11 6.80
CA LYS A 3 26.68 -32.94 6.92
C LYS A 3 27.50 -32.81 5.65
N VAL A 4 27.49 -31.62 5.06
CA VAL A 4 28.17 -31.35 3.79
C VAL A 4 29.20 -30.26 4.01
N THR A 5 30.44 -30.53 3.59
CA THR A 5 31.53 -29.58 3.68
C THR A 5 32.18 -29.45 2.31
N GLN A 6 32.51 -28.21 1.94
CA GLN A 6 33.22 -27.91 0.71
C GLN A 6 34.60 -27.39 1.08
N ALA A 7 35.63 -28.06 0.56
CA ALA A 7 37.00 -27.77 1.00
C ALA A 7 37.48 -26.41 0.50
N GLN A 8 37.26 -26.13 -0.79
CA GLN A 8 37.82 -24.94 -1.40
C GLN A 8 37.14 -23.68 -0.87
N SER A 9 37.92 -22.61 -0.72
CA SER A 9 37.41 -21.32 -0.30
C SER A 9 37.43 -20.27 -1.38
N SER A 10 38.29 -20.41 -2.39
CA SER A 10 38.37 -19.45 -3.49
C SER A 10 39.12 -20.11 -4.64
N VAL A 11 38.51 -20.13 -5.82
CA VAL A 11 39.08 -20.75 -7.00
C VAL A 11 39.09 -19.73 -8.13
N SER A 12 40.17 -19.69 -8.89
CA SER A 12 40.32 -18.77 -10.02
C SER A 12 40.82 -19.54 -11.23
N MET A 13 40.16 -19.36 -12.37
CA MET A 13 40.47 -20.11 -13.58
C MET A 13 40.43 -19.16 -14.78
N PRO A 14 41.23 -19.44 -15.82
CA PRO A 14 41.13 -18.67 -17.06
C PRO A 14 39.88 -19.02 -17.85
N VAL A 15 39.53 -18.13 -18.77
CA VAL A 15 38.37 -18.35 -19.63
C VAL A 15 38.66 -19.49 -20.59
N ARG A 16 37.60 -20.17 -21.01
CA ARG A 16 37.61 -21.28 -21.96
C ARG A 16 38.37 -22.50 -21.42
N LYS A 17 38.75 -22.50 -20.15
CA LYS A 17 39.33 -23.66 -19.51
C LYS A 17 38.24 -24.43 -18.77
N ALA A 18 38.64 -25.39 -17.95
CA ALA A 18 37.71 -26.15 -17.13
C ALA A 18 38.16 -26.12 -15.68
N VAL A 19 37.19 -26.14 -14.77
CA VAL A 19 37.45 -26.10 -13.34
C VAL A 19 36.68 -27.23 -12.68
N THR A 20 37.14 -27.61 -11.48
CA THR A 20 36.51 -28.67 -10.72
C THR A 20 36.39 -28.25 -9.26
N LEU A 21 35.19 -28.37 -8.71
CA LEU A 21 34.90 -27.98 -7.34
C LEU A 21 34.48 -29.22 -6.56
N ASN A 22 35.08 -29.42 -5.40
CA ASN A 22 34.85 -30.61 -4.59
C ASN A 22 33.65 -30.42 -3.66
N CYS A 23 33.14 -31.55 -3.17
CA CYS A 23 32.06 -31.55 -2.18
C CYS A 23 32.13 -32.85 -1.40
N LEU A 24 32.58 -32.76 -0.14
CA LEU A 24 32.57 -33.91 0.74
C LEU A 24 31.31 -33.91 1.59
N TYR A 25 30.82 -35.11 1.90
CA TYR A 25 29.57 -35.18 2.65
C TYR A 25 29.48 -36.52 3.37
N GLU A 26 28.74 -36.52 4.47
CA GLU A 26 28.44 -37.72 5.24
C GLU A 26 26.94 -37.80 5.42
N THR A 27 26.37 -38.97 5.16
CA THR A 27 24.94 -39.18 5.19
C THR A 27 24.61 -40.43 6.01
N SER A 28 23.32 -40.74 6.10
CA SER A 28 22.86 -41.94 6.77
C SER A 28 21.81 -42.72 5.99
N TRP A 29 21.11 -42.09 5.06
CA TRP A 29 20.04 -42.75 4.32
C TRP A 29 20.61 -43.72 3.29
N TRP A 30 19.73 -44.53 2.71
CA TRP A 30 20.12 -45.45 1.65
C TRP A 30 20.21 -44.73 0.31
N SER A 31 19.10 -44.14 -0.14
CA SER A 31 19.04 -43.40 -1.39
C SER A 31 18.91 -41.92 -1.08
N TYR A 32 19.71 -41.08 -1.74
CA TYR A 32 19.69 -39.65 -1.51
C TYR A 32 19.79 -38.95 -2.85
N TYR A 33 19.99 -37.63 -2.82
CA TYR A 33 20.23 -36.86 -4.02
C TYR A 33 21.24 -35.77 -3.72
N ILE A 34 21.93 -35.31 -4.76
CA ILE A 34 22.91 -34.25 -4.64
C ILE A 34 22.64 -33.20 -5.71
N PHE A 35 22.45 -31.95 -5.27
CA PHE A 35 22.15 -30.83 -6.14
C PHE A 35 23.27 -29.81 -6.06
N TRP A 36 23.42 -29.02 -7.13
CA TRP A 36 24.40 -27.95 -7.18
C TRP A 36 23.69 -26.65 -7.50
N TYR A 37 23.98 -25.61 -6.73
CA TYR A 37 23.31 -24.32 -6.89
C TYR A 37 24.34 -23.22 -7.09
N LYS A 38 23.96 -22.22 -7.87
CA LYS A 38 24.82 -21.08 -8.18
C LYS A 38 24.18 -19.82 -7.63
N GLN A 39 24.95 -19.04 -6.89
CA GLN A 39 24.51 -17.76 -6.35
C GLN A 39 25.30 -16.66 -7.03
N LEU A 40 24.60 -15.82 -7.79
CA LEU A 40 25.21 -14.70 -8.48
C LEU A 40 25.55 -13.63 -7.45
N PRO A 41 26.28 -12.58 -7.86
CA PRO A 41 26.48 -11.45 -6.96
C PRO A 41 25.18 -10.75 -6.59
N SER A 42 24.09 -10.97 -7.33
CA SER A 42 22.80 -10.39 -7.04
C SER A 42 21.94 -11.27 -6.13
N LYS A 43 22.53 -12.30 -5.52
CA LYS A 43 21.84 -13.16 -4.56
C LYS A 43 20.61 -13.82 -5.20
N GLU A 44 20.88 -14.68 -6.18
CA GLU A 44 19.83 -15.41 -6.88
C GLU A 44 20.28 -16.86 -7.03
N MET A 45 19.69 -17.75 -6.24
CA MET A 45 20.08 -19.15 -6.27
C MET A 45 19.49 -19.81 -7.50
N ILE A 46 20.36 -20.29 -8.39
CA ILE A 46 19.95 -20.87 -9.67
C ILE A 46 20.36 -22.33 -9.70
N PHE A 47 19.42 -23.20 -10.02
CA PHE A 47 19.69 -24.62 -10.08
C PHE A 47 20.66 -24.95 -11.22
N LEU A 48 21.61 -25.84 -10.94
CA LEU A 48 22.62 -26.21 -11.92
C LEU A 48 22.50 -27.67 -12.36
N ILE A 49 22.55 -28.62 -11.43
CA ILE A 49 22.50 -30.03 -11.79
C ILE A 49 22.05 -30.82 -10.57
N ARG A 50 21.42 -31.96 -10.83
CA ARG A 50 21.03 -32.93 -9.81
C ARG A 50 21.48 -34.31 -10.26
N GLN A 51 22.21 -35.01 -9.41
CA GLN A 51 22.78 -36.31 -9.75
C GLN A 51 22.04 -37.40 -8.98
N GLY A 52 21.39 -38.30 -9.73
CA GLY A 52 20.74 -39.44 -9.10
C GLY A 52 21.76 -40.35 -8.44
N SER A 53 21.51 -40.71 -7.19
CA SER A 53 22.44 -41.56 -6.46
C SER A 53 22.56 -42.94 -7.11
N ASP A 54 21.45 -43.50 -7.56
CA ASP A 54 21.42 -44.81 -8.19
C ASP A 54 21.71 -44.75 -9.69
N GLU A 55 21.94 -43.56 -10.23
CA GLU A 55 22.18 -43.37 -11.66
C GLU A 55 23.65 -43.13 -11.92
N GLN A 56 23.98 -43.07 -13.21
CA GLN A 56 25.36 -42.87 -13.65
C GLN A 56 25.73 -41.40 -13.49
N ASN A 57 26.92 -41.03 -13.95
CA ASN A 57 27.40 -39.66 -13.88
C ASN A 57 26.63 -38.82 -14.90
N ALA A 58 25.62 -38.09 -14.43
CA ALA A 58 24.78 -37.30 -15.31
C ALA A 58 25.53 -36.08 -15.82
N LYS A 59 25.21 -35.68 -17.05
CA LYS A 59 25.79 -34.50 -17.68
C LYS A 59 24.67 -33.57 -18.12
N SER A 60 24.80 -32.29 -17.77
CA SER A 60 23.81 -31.29 -18.13
C SER A 60 24.55 -30.06 -18.64
N GLY A 61 24.50 -29.84 -19.97
CA GLY A 61 25.18 -28.69 -20.54
C GLY A 61 26.67 -28.76 -20.30
N ARG A 62 27.23 -27.66 -19.81
CA ARG A 62 28.66 -27.56 -19.54
C ARG A 62 29.04 -28.07 -18.15
N TYR A 63 28.08 -28.55 -17.37
CA TYR A 63 28.33 -29.03 -16.03
C TYR A 63 28.29 -30.56 -16.01
N SER A 64 29.28 -31.16 -15.35
CA SER A 64 29.31 -32.60 -15.16
C SER A 64 29.61 -32.92 -13.69
N VAL A 65 29.21 -34.11 -13.26
CA VAL A 65 29.42 -34.56 -11.89
C VAL A 65 30.21 -35.86 -11.93
N ASN A 66 31.27 -35.93 -11.14
CA ASN A 66 32.09 -37.14 -11.01
C ASN A 66 31.67 -37.82 -9.72
N PHE A 67 30.70 -38.72 -9.81
CA PHE A 67 30.09 -39.34 -8.64
C PHE A 67 30.30 -40.85 -8.67
N LYS A 68 30.74 -41.40 -7.55
CA LYS A 68 30.82 -42.84 -7.33
C LYS A 68 30.09 -43.17 -6.05
N LYS A 69 29.35 -44.28 -6.05
CA LYS A 69 28.47 -44.59 -4.93
C LYS A 69 29.26 -44.78 -3.63
N ALA A 70 30.40 -45.45 -3.70
CA ALA A 70 31.23 -45.66 -2.52
C ALA A 70 32.22 -44.51 -2.28
N ALA A 71 32.30 -43.54 -3.19
CA ALA A 71 33.24 -42.44 -3.01
C ALA A 71 32.86 -41.56 -1.83
N LYS A 72 31.55 -41.32 -1.64
CA LYS A 72 31.06 -40.37 -0.65
C LYS A 72 31.63 -38.98 -0.88
N SER A 73 31.86 -38.63 -2.15
CA SER A 73 32.39 -37.33 -2.53
C SER A 73 32.11 -37.10 -4.00
N VAL A 74 31.45 -35.98 -4.31
CA VAL A 74 31.08 -35.63 -5.67
C VAL A 74 31.73 -34.30 -6.04
N ALA A 75 32.30 -34.24 -7.23
CA ALA A 75 32.94 -33.04 -7.73
C ALA A 75 32.22 -32.56 -8.99
N LEU A 76 32.07 -31.25 -9.11
CA LEU A 76 31.45 -30.63 -10.27
C LEU A 76 32.53 -30.07 -11.19
N THR A 77 32.48 -30.48 -12.45
CA THR A 77 33.40 -30.04 -13.48
C THR A 77 32.66 -29.10 -14.41
N ILE A 78 33.15 -27.87 -14.52
CA ILE A 78 32.62 -26.86 -15.43
C ILE A 78 33.60 -26.72 -16.58
N SER A 79 33.11 -26.96 -17.80
CA SER A 79 33.93 -26.89 -19.00
C SER A 79 33.60 -25.64 -19.79
N ALA A 80 34.61 -25.10 -20.46
CA ALA A 80 34.47 -23.90 -21.29
C ALA A 80 33.89 -22.74 -20.47
N LEU A 81 34.64 -22.35 -19.45
CA LEU A 81 34.19 -21.29 -18.56
C LEU A 81 33.96 -19.99 -19.33
N GLN A 82 32.85 -19.34 -19.03
CA GLN A 82 32.54 -18.04 -19.59
C GLN A 82 33.08 -16.97 -18.65
N LEU A 83 32.68 -15.71 -18.88
CA LEU A 83 33.06 -14.64 -17.98
C LEU A 83 31.99 -14.33 -16.93
N GLU A 84 30.77 -14.83 -17.12
CA GLU A 84 29.67 -14.61 -16.18
C GLU A 84 29.55 -15.73 -15.16
N ASP A 85 30.48 -16.67 -15.14
CA ASP A 85 30.44 -17.78 -14.20
C ASP A 85 31.10 -17.45 -12.87
N SER A 86 31.64 -16.25 -12.71
CA SER A 86 32.19 -15.82 -11.43
C SER A 86 31.06 -15.68 -10.43
N ALA A 87 30.93 -16.64 -9.52
CA ALA A 87 29.77 -16.71 -8.65
C ALA A 87 30.16 -17.46 -7.38
N LYS A 88 29.18 -17.85 -6.59
CA LYS A 88 29.39 -18.71 -5.43
C LYS A 88 28.65 -20.03 -5.67
N TYR A 89 29.36 -21.13 -5.58
CA TYR A 89 28.79 -22.45 -5.85
C TYR A 89 28.54 -23.18 -4.54
N PHE A 90 27.30 -23.63 -4.36
CA PHE A 90 26.86 -24.33 -3.16
C PHE A 90 26.53 -25.77 -3.52
N CYS A 91 27.00 -26.71 -2.72
CA CYS A 91 26.69 -28.12 -2.89
C CYS A 91 25.65 -28.50 -1.84
N ALA A 92 24.53 -29.07 -2.28
CA ALA A 92 23.42 -29.39 -1.40
C ALA A 92 23.14 -30.88 -1.43
N LEU A 93 22.92 -31.46 -0.26
CA LEU A 93 22.50 -32.84 -0.13
C LEU A 93 21.02 -32.87 0.20
N GLY A 94 20.28 -33.70 -0.50
CA GLY A 94 18.83 -33.74 -0.38
C GLY A 94 18.33 -35.12 -0.01
N ASP A 95 17.43 -35.15 0.97
CA ASP A 95 16.77 -36.38 1.36
C ASP A 95 15.86 -36.85 0.24
N PRO A 96 15.46 -38.14 0.24
CA PRO A 96 14.55 -38.65 -0.80
C PRO A 96 13.37 -37.73 -1.05
N GLY A 97 13.26 -37.21 -2.27
CA GLY A 97 12.30 -36.19 -2.63
C GLY A 97 10.87 -36.65 -2.78
N GLY A 98 10.57 -37.90 -2.44
CA GLY A 98 9.19 -38.36 -2.51
C GLY A 98 8.26 -37.54 -1.64
N LEU A 99 8.74 -37.15 -0.47
CA LEU A 99 7.98 -36.24 0.39
C LEU A 99 8.26 -34.79 0.00
N ASN A 100 7.45 -33.89 0.56
CA ASN A 100 7.56 -32.47 0.26
C ASN A 100 8.16 -31.67 1.40
N THR A 101 8.24 -32.22 2.60
CA THR A 101 8.88 -31.58 3.74
C THR A 101 10.40 -31.62 3.65
N ASP A 102 10.95 -32.54 2.86
CA ASP A 102 12.39 -32.74 2.81
C ASP A 102 13.12 -31.46 2.43
N LYS A 103 14.19 -31.18 3.16
CA LYS A 103 15.00 -29.99 2.97
C LYS A 103 16.32 -30.34 2.32
N LEU A 104 16.99 -29.32 1.79
CA LEU A 104 18.34 -29.46 1.28
C LEU A 104 19.31 -28.88 2.30
N ILE A 105 20.35 -29.65 2.62
CA ILE A 105 21.40 -29.17 3.52
C ILE A 105 22.59 -28.75 2.67
N PHE A 106 22.95 -27.48 2.75
CA PHE A 106 23.99 -26.89 1.91
C PHE A 106 25.31 -26.83 2.66
N GLY A 107 26.39 -26.73 1.88
CA GLY A 107 27.70 -26.49 2.43
C GLY A 107 28.04 -25.01 2.50
N LYS A 108 29.23 -24.72 3.02
CA LYS A 108 29.67 -23.34 3.12
C LYS A 108 29.83 -22.69 1.75
N GLY A 109 30.02 -23.49 0.71
CA GLY A 109 30.07 -22.96 -0.65
C GLY A 109 31.41 -22.38 -1.03
N THR A 110 31.88 -22.70 -2.23
CA THR A 110 33.12 -22.16 -2.75
C THR A 110 32.81 -20.95 -3.64
N ARG A 111 33.86 -20.24 -4.04
CA ARG A 111 33.72 -19.09 -4.92
C ARG A 111 34.53 -19.34 -6.18
N VAL A 112 33.96 -18.96 -7.33
CA VAL A 112 34.61 -19.18 -8.62
C VAL A 112 34.80 -17.83 -9.30
N THR A 113 36.03 -17.57 -9.74
CA THR A 113 36.36 -16.37 -10.49
C THR A 113 37.02 -16.78 -11.80
N VAL A 114 36.73 -16.03 -12.86
CA VAL A 114 37.24 -16.31 -14.20
C VAL A 114 38.09 -15.13 -14.64
N GLU A 115 39.41 -15.30 -14.62
CA GLU A 115 40.32 -14.29 -15.13
C GLU A 115 40.46 -14.41 -16.64
N PRO A 116 40.88 -13.33 -17.31
CA PRO A 116 41.12 -13.42 -18.75
C PRO A 116 42.21 -14.43 -19.07
N ARG A 117 42.10 -15.03 -20.25
CA ARG A 117 43.06 -16.03 -20.68
C ARG A 117 44.47 -15.47 -20.67
N SER A 118 45.46 -16.37 -20.62
CA SER A 118 46.85 -15.94 -20.63
C SER A 118 47.15 -15.16 -21.89
N GLN A 119 47.59 -13.93 -21.72
CA GLN A 119 47.66 -12.95 -22.80
C GLN A 119 49.03 -12.30 -22.85
N PRO A 120 49.42 -11.77 -23.99
CA PRO A 120 50.63 -10.95 -24.06
C PRO A 120 50.43 -9.63 -23.34
N HIS A 121 51.54 -9.05 -22.90
CA HIS A 121 51.49 -7.81 -22.14
C HIS A 121 50.96 -6.68 -23.02
N THR A 122 50.35 -5.68 -22.38
CA THR A 122 49.84 -4.50 -23.05
C THR A 122 50.16 -3.28 -22.20
N LYS A 123 50.61 -2.22 -22.84
CA LYS A 123 50.86 -0.97 -22.13
C LYS A 123 49.55 -0.27 -21.85
N PRO A 124 49.21 0.02 -20.60
CA PRO A 124 47.93 0.65 -20.30
C PRO A 124 47.96 2.15 -20.54
N SER A 125 46.79 2.70 -20.84
CA SER A 125 46.64 4.14 -21.03
C SER A 125 46.11 4.78 -19.76
N VAL A 126 46.68 5.91 -19.38
CA VAL A 126 46.39 6.56 -18.10
C VAL A 126 45.71 7.89 -18.36
N PHE A 127 44.63 8.15 -17.64
CA PHE A 127 43.91 9.41 -17.72
C PHE A 127 43.48 9.83 -16.33
N VAL A 128 43.10 11.10 -16.20
CA VAL A 128 42.69 11.66 -14.92
C VAL A 128 41.36 12.39 -15.11
N MET A 129 40.42 12.13 -14.22
CA MET A 129 39.14 12.84 -14.18
C MET A 129 38.98 13.50 -12.82
N LYS A 130 38.23 14.60 -12.80
CA LYS A 130 38.08 15.35 -11.55
C LYS A 130 36.79 16.16 -11.61
N ASN A 131 36.01 16.10 -10.53
CA ASN A 131 34.83 16.94 -10.35
C ASN A 131 34.76 17.28 -8.86
N GLY A 132 35.20 18.48 -8.51
CA GLY A 132 35.34 18.83 -7.11
C GLY A 132 36.67 18.34 -6.56
N THR A 133 36.71 18.17 -5.24
CA THR A 133 37.93 17.71 -4.59
C THR A 133 38.25 16.26 -4.91
N ASN A 134 37.29 15.50 -5.41
CA ASN A 134 37.53 14.11 -5.75
C ASN A 134 38.38 14.00 -7.02
N VAL A 135 39.28 13.03 -7.05
CA VAL A 135 40.15 12.78 -8.19
C VAL A 135 40.08 11.30 -8.53
N ALA A 136 39.94 10.99 -9.81
CA ALA A 136 39.88 9.62 -10.29
C ALA A 136 41.00 9.39 -11.29
N CYS A 137 41.80 8.35 -11.04
CA CYS A 137 42.85 7.92 -11.95
C CYS A 137 42.36 6.68 -12.69
N LEU A 138 42.34 6.73 -14.01
CA LEU A 138 41.84 5.66 -14.84
C LEU A 138 42.98 5.03 -15.63
N VAL A 139 43.09 3.70 -15.55
CA VAL A 139 44.11 2.94 -16.25
C VAL A 139 43.40 1.91 -17.11
N LYS A 140 43.74 1.85 -18.38
CA LYS A 140 42.98 1.06 -19.34
C LYS A 140 43.86 0.04 -20.05
N GLU A 141 43.32 -1.18 -20.20
CA GLU A 141 43.80 -2.18 -21.15
C GLU A 141 45.24 -2.62 -20.87
N PHE A 142 45.43 -3.19 -19.68
CA PHE A 142 46.68 -3.83 -19.31
C PHE A 142 46.38 -5.26 -18.88
N TYR A 143 47.09 -6.22 -19.45
CA TYR A 143 46.80 -7.60 -19.11
C TYR A 143 47.40 -8.03 -17.77
N PRO A 144 48.69 -7.79 -17.51
CA PRO A 144 49.25 -8.23 -16.22
C PRO A 144 48.60 -7.50 -15.06
N LYS A 145 47.98 -8.27 -14.16
CA LYS A 145 47.28 -7.68 -13.03
C LYS A 145 48.21 -6.85 -12.15
N ASP A 146 49.50 -7.19 -12.12
CA ASP A 146 50.46 -6.49 -11.27
C ASP A 146 50.55 -5.03 -11.68
N ILE A 147 50.07 -4.13 -10.83
CA ILE A 147 50.01 -2.72 -11.13
C ILE A 147 50.05 -1.94 -9.82
N ARG A 148 50.59 -0.72 -9.88
CA ARG A 148 50.72 0.13 -8.70
C ARG A 148 50.42 1.56 -9.11
N ILE A 149 49.15 1.96 -9.01
CA ILE A 149 48.75 3.33 -9.31
C ILE A 149 49.13 4.22 -8.14
N ASN A 150 49.89 5.27 -8.41
CA ASN A 150 50.32 6.22 -7.41
C ASN A 150 49.82 7.60 -7.80
N LEU A 151 49.13 8.27 -6.87
CA LEU A 151 48.69 9.64 -7.07
C LEU A 151 49.65 10.56 -6.32
N VAL A 152 50.31 11.44 -7.06
CA VAL A 152 51.28 12.36 -6.52
C VAL A 152 50.61 13.71 -6.32
N SER A 153 50.58 14.16 -5.06
CA SER A 153 50.01 15.45 -4.68
C SER A 153 50.57 15.78 -3.30
N SER A 154 49.98 16.78 -2.64
CA SER A 154 50.50 17.28 -1.37
C SER A 154 49.52 17.21 -0.21
N LYS A 155 48.22 17.19 -0.46
CA LYS A 155 47.22 17.27 0.60
C LYS A 155 46.22 16.12 0.45
N LYS A 156 46.75 14.90 0.39
CA LYS A 156 45.91 13.71 0.37
C LYS A 156 45.10 13.65 1.66
N ILE A 157 43.78 13.86 1.58
CA ILE A 157 42.98 13.75 2.81
C ILE A 157 42.52 12.32 3.05
N THR A 158 41.92 11.67 2.06
CA THR A 158 41.56 10.27 2.17
C THR A 158 41.89 9.55 0.87
N GLU A 159 42.17 8.25 0.99
CA GLU A 159 42.54 7.42 -0.15
C GLU A 159 41.71 6.15 -0.14
N PHE A 160 41.44 5.64 -1.34
CA PHE A 160 40.68 4.42 -1.52
C PHE A 160 41.50 3.43 -2.34
N ASP A 161 41.41 2.16 -1.98
CA ASP A 161 42.17 1.14 -2.68
C ASP A 161 41.70 1.04 -4.12
N PRO A 162 42.61 0.89 -5.08
CA PRO A 162 42.21 0.84 -6.49
C PRO A 162 41.31 -0.35 -6.77
N ALA A 163 40.35 -0.14 -7.68
CA ALA A 163 39.45 -1.19 -8.11
C ALA A 163 39.90 -1.67 -9.49
N ILE A 164 40.17 -2.97 -9.60
CA ILE A 164 40.69 -3.59 -10.82
C ILE A 164 39.65 -4.60 -11.29
N VAL A 165 39.19 -4.42 -12.53
CA VAL A 165 38.10 -5.23 -13.08
C VAL A 165 38.49 -5.72 -14.46
N ILE A 166 37.77 -6.74 -14.92
CA ILE A 166 37.92 -7.24 -16.28
C ILE A 166 37.08 -6.39 -17.23
N SER A 167 37.58 -6.21 -18.44
CA SER A 167 36.92 -5.40 -19.44
C SER A 167 36.27 -6.28 -20.50
N PRO A 168 35.30 -5.75 -21.24
CA PRO A 168 34.74 -6.52 -22.36
C PRO A 168 35.76 -6.84 -23.44
N SER A 169 36.85 -6.07 -23.54
CA SER A 169 37.88 -6.35 -24.52
C SER A 169 38.75 -7.55 -24.14
N GLY A 170 38.67 -8.01 -22.90
CA GLY A 170 39.48 -9.12 -22.43
C GLY A 170 40.68 -8.75 -21.62
N LYS A 171 40.85 -7.47 -21.28
CA LYS A 171 41.97 -7.00 -20.47
C LYS A 171 41.42 -6.32 -19.22
N TYR A 172 42.31 -5.67 -18.47
CA TYR A 172 41.98 -5.12 -17.17
C TYR A 172 41.83 -3.61 -17.22
N ASN A 173 40.84 -3.09 -16.50
CA ASN A 173 40.66 -1.67 -16.29
C ASN A 173 40.73 -1.39 -14.79
N ALA A 174 41.49 -0.38 -14.41
CA ALA A 174 41.66 -0.01 -13.01
C ALA A 174 41.22 1.43 -12.81
N VAL A 175 40.61 1.69 -11.66
CA VAL A 175 40.21 3.05 -11.30
C VAL A 175 40.55 3.26 -9.83
N LYS A 176 41.23 4.36 -9.53
CA LYS A 176 41.59 4.72 -8.16
C LYS A 176 41.00 6.08 -7.82
N LEU A 177 40.36 6.17 -6.66
CA LEU A 177 39.68 7.40 -6.24
C LEU A 177 40.33 7.97 -4.98
N GLY A 178 40.51 9.29 -4.98
CA GLY A 178 41.13 9.95 -3.85
C GLY A 178 40.52 11.32 -3.60
N LYS A 179 40.82 11.86 -2.42
CA LYS A 179 40.36 13.18 -2.02
C LYS A 179 41.56 14.10 -1.88
N TYR A 180 41.53 15.20 -2.64
CA TYR A 180 42.65 16.12 -2.75
C TYR A 180 42.13 17.55 -2.77
N GLU A 181 42.77 18.43 -1.99
CA GLU A 181 42.41 19.83 -2.02
C GLU A 181 42.81 20.47 -3.34
N ASP A 182 44.01 20.16 -3.82
CA ASP A 182 44.52 20.68 -5.10
C ASP A 182 44.13 19.69 -6.18
N SER A 183 42.91 19.86 -6.72
CA SER A 183 42.38 18.90 -7.69
C SER A 183 43.22 18.87 -8.96
N ASN A 184 43.64 20.03 -9.44
CA ASN A 184 44.37 20.13 -10.69
C ASN A 184 45.87 19.96 -10.54
N SER A 185 46.37 19.81 -9.31
CA SER A 185 47.80 19.66 -9.06
C SER A 185 48.20 18.23 -8.81
N VAL A 186 47.34 17.27 -9.09
CA VAL A 186 47.64 15.86 -8.89
C VAL A 186 48.22 15.27 -10.17
N THR A 187 49.06 14.26 -10.01
CA THR A 187 49.61 13.51 -11.14
C THR A 187 49.43 12.02 -10.89
N CYS A 188 49.47 11.24 -11.96
CA CYS A 188 49.28 9.81 -11.89
C CYS A 188 50.51 9.09 -12.42
N SER A 189 50.96 8.08 -11.67
CA SER A 189 52.10 7.26 -12.08
C SER A 189 51.71 5.79 -12.01
N VAL A 190 51.99 5.05 -13.07
CA VAL A 190 51.69 3.63 -13.14
C VAL A 190 53.00 2.88 -13.30
N GLN A 191 53.29 2.01 -12.33
CA GLN A 191 54.47 1.15 -12.37
C GLN A 191 54.07 -0.24 -12.84
N HIS A 192 53.84 -0.36 -14.14
CA HIS A 192 53.33 -1.59 -14.70
C HIS A 192 54.37 -2.26 -15.57
N ASP A 193 54.62 -3.55 -15.33
CA ASP A 193 55.53 -4.36 -16.13
C ASP A 193 56.91 -3.74 -16.20
N ASN A 194 57.40 -3.24 -15.07
CA ASN A 194 58.71 -2.61 -14.91
C ASN A 194 58.79 -1.27 -15.65
N LYS A 195 57.72 -0.82 -16.29
CA LYS A 195 57.72 0.42 -17.04
C LYS A 195 56.82 1.45 -16.38
N THR A 196 57.19 2.71 -16.50
CA THR A 196 56.52 3.83 -15.85
C THR A 196 55.69 4.59 -16.86
N VAL A 197 54.42 4.84 -16.54
CA VAL A 197 53.54 5.63 -17.39
C VAL A 197 52.98 6.79 -16.57
N HIS A 198 53.05 8.00 -17.12
CA HIS A 198 52.50 9.18 -16.48
C HIS A 198 51.26 9.66 -17.22
N SER A 199 50.42 10.39 -16.50
CA SER A 199 49.16 10.86 -17.07
C SER A 199 49.37 11.91 -18.15
N THR A 200 50.46 12.69 -18.05
CA THR A 200 50.72 13.76 -19.00
C THR A 200 51.40 13.29 -20.28
N ASP A 201 51.76 12.00 -20.36
CA ASP A 201 52.41 11.48 -21.56
C ASP A 201 51.49 11.42 -22.76
N PHE A 202 50.19 11.62 -22.57
CA PHE A 202 49.23 11.58 -23.67
C PHE A 202 48.63 12.94 -23.99
N GLU A 203 48.74 13.91 -23.09
CA GLU A 203 48.21 15.25 -23.34
C GLU A 203 49.01 15.97 -24.42
N GLY B 7 14.28 -8.66 -8.76
CA GLY B 7 13.38 -8.49 -7.63
C GLY B 7 14.09 -8.42 -6.30
N THR B 8 15.41 -8.32 -6.33
CA THR B 8 16.20 -8.25 -5.11
C THR B 8 15.89 -6.96 -4.36
N LYS B 9 15.98 -7.03 -3.03
CA LYS B 9 15.63 -5.91 -2.18
C LYS B 9 16.34 -6.07 -0.84
N SER B 10 16.34 -5.00 -0.06
CA SER B 10 16.89 -5.01 1.28
C SER B 10 15.91 -4.35 2.24
N VAL B 11 15.90 -4.84 3.47
CA VAL B 11 15.02 -4.33 4.52
C VAL B 11 15.87 -4.08 5.76
N THR B 12 15.91 -2.84 6.23
CA THR B 12 16.67 -2.48 7.42
C THR B 12 15.71 -2.15 8.55
N ARG B 13 15.98 -2.72 9.73
CA ARG B 13 15.09 -2.55 10.87
C ARG B 13 15.90 -2.38 12.15
N PRO B 14 15.35 -1.70 13.14
CA PRO B 14 16.04 -1.55 14.43
C PRO B 14 15.87 -2.80 15.28
N THR B 15 16.50 -2.78 16.45
CA THR B 15 16.32 -3.86 17.41
C THR B 15 14.93 -3.79 18.02
N ARG B 16 14.39 -4.96 18.35
CA ARG B 16 13.08 -5.16 18.97
C ARG B 16 11.92 -4.82 18.04
N SER B 17 12.18 -4.40 16.81
CA SER B 17 11.11 -4.07 15.88
C SER B 17 10.61 -5.36 15.22
N SER B 18 9.80 -5.23 14.18
CA SER B 18 9.33 -6.36 13.41
C SER B 18 9.61 -6.12 11.93
N ALA B 19 9.92 -7.20 11.22
CA ALA B 19 10.31 -7.10 9.82
C ALA B 19 9.44 -7.98 8.95
N GLU B 20 9.23 -7.53 7.71
CA GLU B 20 8.46 -8.26 6.72
C GLU B 20 9.36 -8.59 5.55
N ILE B 21 9.32 -9.85 5.10
CA ILE B 21 10.09 -10.31 3.95
C ILE B 21 9.14 -10.94 2.96
N THR B 22 9.17 -10.45 1.72
CA THR B 22 8.23 -10.86 0.70
C THR B 22 8.74 -12.09 -0.04
N CYS B 23 7.79 -12.92 -0.49
CA CYS B 23 8.09 -14.12 -1.27
C CYS B 23 7.88 -13.80 -2.75
N ASP B 24 8.95 -13.87 -3.53
CA ASP B 24 8.89 -13.51 -4.94
C ASP B 24 8.39 -14.62 -5.84
N LEU B 25 8.16 -15.82 -5.30
CA LEU B 25 7.65 -16.91 -6.12
C LEU B 25 6.24 -16.61 -6.61
N THR B 26 6.01 -16.84 -7.89
CA THR B 26 4.67 -16.71 -8.48
C THR B 26 4.04 -18.07 -8.76
N VAL B 27 4.47 -19.10 -8.02
CA VAL B 27 3.96 -20.45 -8.27
C VAL B 27 2.48 -20.52 -7.90
N ILE B 28 1.82 -21.55 -8.43
CA ILE B 28 0.38 -21.73 -8.27
C ILE B 28 0.13 -23.13 -7.74
N ASN B 29 -0.95 -23.26 -6.96
CA ASN B 29 -1.36 -24.51 -6.31
C ASN B 29 -0.18 -25.21 -5.62
N ALA B 30 0.62 -24.42 -4.90
CA ALA B 30 1.68 -24.98 -4.09
C ALA B 30 1.11 -25.63 -2.85
N PHE B 31 1.91 -26.51 -2.25
CA PHE B 31 1.50 -27.22 -1.04
C PHE B 31 2.34 -26.89 0.18
N TYR B 32 3.63 -26.58 0.01
CA TYR B 32 4.47 -26.18 1.11
C TYR B 32 5.40 -25.07 0.64
N ILE B 33 5.75 -24.17 1.56
CA ILE B 33 6.62 -23.05 1.26
C ILE B 33 7.73 -23.03 2.32
N HIS B 34 8.94 -23.37 1.91
CA HIS B 34 10.06 -23.40 2.85
C HIS B 34 10.79 -22.07 2.84
N TRP B 35 11.38 -21.72 3.98
CA TRP B 35 12.11 -20.46 4.11
C TRP B 35 13.54 -20.74 4.54
N TYR B 36 14.50 -20.17 3.82
CA TYR B 36 15.91 -20.43 4.04
C TYR B 36 16.62 -19.15 4.47
N LEU B 37 17.51 -19.28 5.44
CA LEU B 37 18.36 -18.19 5.89
C LEU B 37 19.78 -18.44 5.44
N HIS B 38 20.41 -17.43 4.87
CA HIS B 38 21.80 -17.50 4.43
C HIS B 38 22.53 -16.30 5.03
N GLN B 39 23.35 -16.55 6.05
CA GLN B 39 24.13 -15.50 6.67
C GLN B 39 25.41 -15.32 5.86
N GLU B 40 26.37 -14.56 6.41
CA GLU B 40 27.65 -14.37 5.74
C GLU B 40 28.66 -15.37 6.28
N GLY B 41 29.35 -16.05 5.37
CA GLY B 41 30.34 -17.04 5.76
C GLY B 41 29.78 -18.34 6.27
N LYS B 42 28.47 -18.54 6.20
CA LYS B 42 27.83 -19.74 6.72
C LYS B 42 26.93 -20.33 5.66
N ALA B 43 26.67 -21.63 5.79
CA ALA B 43 25.85 -22.33 4.82
C ALA B 43 24.39 -21.91 4.94
N PRO B 44 23.65 -21.92 3.84
CA PRO B 44 22.20 -21.70 3.92
C PRO B 44 21.54 -22.81 4.74
N GLN B 45 20.58 -22.41 5.57
CA GLN B 45 19.88 -23.36 6.43
C GLN B 45 18.41 -23.00 6.47
N ARG B 46 17.55 -24.02 6.46
CA ARG B 46 16.12 -23.79 6.49
C ARG B 46 15.66 -23.44 7.90
N LEU B 47 14.80 -22.42 7.98
CA LEU B 47 14.24 -21.97 9.25
C LEU B 47 12.88 -22.58 9.55
N LEU B 48 12.01 -22.70 8.55
CA LEU B 48 10.66 -23.19 8.77
C LEU B 48 10.05 -23.55 7.42
N TYR B 49 8.88 -24.19 7.48
CA TYR B 49 8.12 -24.44 6.27
C TYR B 49 6.63 -24.34 6.56
N TYR B 50 5.91 -23.64 5.69
CA TYR B 50 4.51 -23.33 5.87
C TYR B 50 3.68 -24.29 5.03
N ASP B 51 2.75 -24.99 5.69
CA ASP B 51 1.79 -25.85 5.03
C ASP B 51 0.56 -25.03 4.69
N VAL B 52 0.25 -24.91 3.41
CA VAL B 52 -0.92 -24.14 2.99
C VAL B 52 -2.18 -24.99 2.91
N SER B 53 -2.06 -26.32 2.91
CA SER B 53 -3.24 -27.16 2.96
C SER B 53 -3.98 -26.99 4.28
N ASN B 54 -3.24 -26.90 5.39
CA ASN B 54 -3.82 -26.69 6.71
C ASN B 54 -3.51 -25.30 7.27
N SER B 55 -2.74 -24.49 6.56
CA SER B 55 -2.36 -23.15 6.99
C SER B 55 -1.70 -23.17 8.37
N LYS B 56 -0.54 -23.81 8.42
CA LYS B 56 0.21 -23.93 9.67
C LYS B 56 1.70 -23.98 9.36
N ASP B 57 2.48 -23.17 10.06
CA ASP B 57 3.92 -23.12 9.84
C ASP B 57 4.62 -24.00 10.86
N VAL B 58 5.52 -24.86 10.39
CA VAL B 58 6.27 -25.78 11.23
C VAL B 58 7.71 -25.27 11.31
N LEU B 59 8.20 -25.11 12.53
CA LEU B 59 9.54 -24.60 12.77
C LEU B 59 10.51 -25.75 12.96
N GLU B 60 11.74 -25.55 12.49
CA GLU B 60 12.80 -26.52 12.71
C GLU B 60 13.11 -26.63 14.20
N SER B 61 13.52 -27.83 14.62
CA SER B 61 13.79 -28.07 16.03
C SER B 61 14.91 -27.17 16.52
N GLY B 62 14.70 -26.57 17.69
CA GLY B 62 15.67 -25.65 18.26
C GLY B 62 15.34 -24.18 18.13
N LEU B 63 14.16 -23.84 17.65
CA LEU B 63 13.75 -22.45 17.46
C LEU B 63 12.61 -22.12 18.42
N SER B 64 12.65 -20.91 18.97
CA SER B 64 11.65 -20.49 19.93
C SER B 64 10.34 -20.15 19.22
N PRO B 65 9.23 -20.78 19.58
CA PRO B 65 7.94 -20.41 18.97
C PRO B 65 7.56 -18.99 19.33
N GLY B 66 6.81 -18.35 18.43
CA GLY B 66 6.41 -16.97 18.61
C GLY B 66 7.35 -15.96 18.01
N LYS B 67 8.32 -16.40 17.21
CA LYS B 67 9.29 -15.51 16.58
C LYS B 67 9.01 -15.28 15.10
N TYR B 68 8.54 -16.30 14.38
CA TYR B 68 8.28 -16.19 12.96
C TYR B 68 6.78 -16.31 12.69
N TYR B 69 6.42 -16.16 11.42
CA TYR B 69 5.05 -16.22 10.93
C TYR B 69 5.10 -16.20 9.41
N THR B 70 4.10 -16.82 8.79
CA THR B 70 3.99 -16.82 7.33
C THR B 70 2.64 -16.23 6.96
N HIS B 71 2.59 -14.91 6.88
CA HIS B 71 1.37 -14.23 6.46
C HIS B 71 1.02 -14.60 5.03
N THR B 72 -0.26 -14.68 4.74
CA THR B 72 -0.77 -14.94 3.40
C THR B 72 -1.84 -13.90 3.07
N PRO B 73 -1.43 -12.66 2.80
CA PRO B 73 -2.42 -11.59 2.62
C PRO B 73 -3.40 -11.84 1.49
N ARG B 74 -2.96 -12.50 0.42
CA ARG B 74 -3.84 -12.81 -0.69
C ARG B 74 -3.75 -14.28 -1.06
N ARG B 75 -4.32 -14.67 -2.18
CA ARG B 75 -4.14 -16.01 -2.69
C ARG B 75 -2.79 -16.11 -3.39
N TRP B 76 -2.00 -17.13 -3.02
CA TRP B 76 -0.68 -17.36 -3.62
C TRP B 76 0.23 -16.15 -3.45
N SER B 77 0.31 -15.65 -2.23
CA SER B 77 1.24 -14.59 -1.88
C SER B 77 1.59 -14.74 -0.40
N TRP B 78 2.88 -14.86 -0.11
CA TRP B 78 3.34 -15.16 1.24
C TRP B 78 4.33 -14.10 1.72
N ILE B 79 4.34 -13.89 3.03
CA ILE B 79 5.20 -12.90 3.67
C ILE B 79 5.65 -13.48 5.01
N LEU B 80 6.93 -13.39 5.30
CA LEU B 80 7.47 -13.83 6.58
C LEU B 80 7.62 -12.63 7.50
N ILE B 81 7.16 -12.79 8.75
CA ILE B 81 7.14 -11.72 9.73
C ILE B 81 8.03 -12.13 10.90
N LEU B 82 8.96 -11.25 11.25
CA LEU B 82 9.92 -11.51 12.32
C LEU B 82 9.72 -10.53 13.45
N ARG B 83 9.65 -11.04 14.68
CA ARG B 83 9.56 -10.23 15.88
C ARG B 83 10.91 -10.18 16.59
N ASN B 84 11.03 -9.23 17.52
CA ASN B 84 12.16 -9.13 18.45
C ASN B 84 13.50 -9.21 17.70
N LEU B 85 13.62 -8.38 16.67
CA LEU B 85 14.81 -8.40 15.85
C LEU B 85 16.05 -8.03 16.66
N ILE B 86 17.11 -8.80 16.50
CA ILE B 86 18.39 -8.55 17.12
C ILE B 86 19.47 -8.70 16.06
N GLU B 87 20.71 -8.35 16.42
CA GLU B 87 21.80 -8.31 15.45
C GLU B 87 21.91 -9.60 14.66
N ASN B 88 21.75 -10.74 15.32
CA ASN B 88 21.90 -12.04 14.67
C ASN B 88 20.90 -12.27 13.55
N ASP B 89 19.79 -11.53 13.53
CA ASP B 89 18.73 -11.79 12.56
C ASP B 89 19.08 -11.38 11.14
N SER B 90 20.19 -10.66 10.94
CA SER B 90 20.55 -10.20 9.61
C SER B 90 20.97 -11.37 8.72
N GLY B 91 20.88 -11.15 7.42
CA GLY B 91 21.27 -12.18 6.47
C GLY B 91 20.51 -12.00 5.16
N VAL B 92 20.30 -13.10 4.47
CA VAL B 92 19.47 -13.14 3.27
C VAL B 92 18.41 -14.20 3.47
N TYR B 93 17.18 -13.91 3.05
CA TYR B 93 16.07 -14.84 3.22
C TYR B 93 15.53 -15.25 1.86
N TYR B 94 15.43 -16.57 1.65
CA TYR B 94 14.97 -17.15 0.40
C TYR B 94 13.64 -17.85 0.62
N CYS B 95 12.70 -17.63 -0.30
CA CYS B 95 11.42 -18.33 -0.32
C CYS B 95 11.50 -19.43 -1.36
N ALA B 96 11.39 -20.69 -0.94
CA ALA B 96 11.65 -21.81 -1.82
C ALA B 96 10.50 -22.81 -1.78
N THR B 97 10.42 -23.63 -2.82
CA THR B 97 9.41 -24.68 -2.88
C THR B 97 9.84 -25.76 -3.86
N TRP B 98 9.50 -27.00 -3.53
CA TRP B 98 9.69 -28.09 -4.46
C TRP B 98 8.69 -27.98 -5.61
N ASP B 99 8.93 -28.74 -6.66
CA ASP B 99 8.02 -28.81 -7.80
C ASP B 99 7.48 -30.23 -7.93
N ARG B 100 6.19 -30.34 -8.19
CA ARG B 100 5.50 -31.63 -8.24
C ARG B 100 5.15 -31.97 -9.68
N GLY B 101 5.51 -33.17 -10.11
CA GLY B 101 5.15 -33.67 -11.41
C GLY B 101 6.06 -33.18 -12.52
N ASN B 102 6.06 -33.93 -13.61
CA ASN B 102 6.84 -33.64 -14.80
C ASN B 102 6.49 -34.67 -15.86
N PRO B 103 6.69 -34.35 -17.14
CA PRO B 103 6.54 -35.39 -18.17
C PRO B 103 7.45 -36.57 -17.94
N LYS B 104 8.66 -36.32 -17.45
CA LYS B 104 9.56 -37.34 -16.92
C LYS B 104 9.78 -37.02 -15.45
N THR B 105 9.38 -37.94 -14.57
CA THR B 105 9.27 -37.62 -13.15
C THR B 105 10.64 -37.46 -12.52
N HIS B 106 11.31 -36.35 -12.83
CA HIS B 106 12.64 -36.09 -12.31
C HIS B 106 12.60 -35.62 -10.86
N TYR B 107 11.60 -34.82 -10.50
CA TYR B 107 11.65 -34.02 -9.27
C TYR B 107 12.93 -33.22 -9.24
N TYR B 108 13.24 -32.61 -10.40
CA TYR B 108 14.61 -32.22 -10.72
C TYR B 108 15.16 -31.19 -9.73
N LYS B 109 14.36 -30.19 -9.39
CA LYS B 109 14.90 -29.03 -8.71
C LYS B 109 14.01 -28.62 -7.54
N LYS B 110 14.48 -27.63 -6.80
CA LYS B 110 13.71 -26.93 -5.78
C LYS B 110 13.75 -25.45 -6.15
N LEU B 111 12.64 -24.95 -6.68
CA LEU B 111 12.61 -23.57 -7.15
C LEU B 111 12.87 -22.63 -5.99
N PHE B 112 13.76 -21.67 -6.21
CA PHE B 112 14.22 -20.75 -5.17
C PHE B 112 13.80 -19.34 -5.53
N GLY B 113 13.57 -18.51 -4.51
CA GLY B 113 13.14 -17.15 -4.72
C GLY B 113 14.27 -16.23 -5.11
N SER B 114 13.94 -14.95 -5.18
CA SER B 114 14.92 -13.93 -5.53
C SER B 114 15.80 -13.52 -4.36
N GLY B 115 15.41 -13.86 -3.14
CA GLY B 115 16.23 -13.55 -1.98
C GLY B 115 16.11 -12.10 -1.57
N THR B 116 15.92 -11.85 -0.28
CA THR B 116 15.79 -10.49 0.24
C THR B 116 16.78 -10.33 1.38
N THR B 117 17.62 -9.30 1.28
CA THR B 117 18.57 -9.03 2.35
C THR B 117 17.87 -8.36 3.51
N LEU B 118 18.22 -8.76 4.72
CA LEU B 118 17.72 -8.13 5.93
C LEU B 118 18.88 -7.67 6.78
N VAL B 119 18.85 -6.41 7.19
CA VAL B 119 19.86 -5.82 8.05
C VAL B 119 19.17 -5.33 9.31
N VAL B 120 19.73 -5.69 10.46
CA VAL B 120 19.24 -5.23 11.76
C VAL B 120 20.30 -4.33 12.36
N THR B 121 19.91 -3.09 12.66
CA THR B 121 20.83 -2.10 13.20
C THR B 121 20.24 -1.54 14.48
N ASP B 122 20.95 -0.57 15.08
CA ASP B 122 20.34 0.20 16.15
C ASP B 122 19.22 1.08 15.62
N LYS B 123 19.48 1.80 14.53
CA LYS B 123 18.46 2.56 13.80
C LYS B 123 17.77 3.59 14.70
N GLN B 124 18.53 4.16 15.63
CA GLN B 124 18.07 5.32 16.40
C GLN B 124 18.95 6.54 16.19
N LEU B 125 20.26 6.37 16.06
CA LEU B 125 21.18 7.44 15.72
C LEU B 125 21.35 7.59 14.22
N ASP B 126 20.65 6.78 13.41
CA ASP B 126 20.82 6.82 11.96
C ASP B 126 20.23 8.12 11.40
N ALA B 127 21.02 8.79 10.57
CA ALA B 127 20.57 9.98 9.87
C ALA B 127 20.10 9.59 8.47
N ASP B 128 19.84 10.59 7.63
CA ASP B 128 19.47 10.31 6.24
C ASP B 128 20.67 9.72 5.51
N VAL B 129 20.49 8.51 4.96
CA VAL B 129 21.60 7.77 4.38
C VAL B 129 21.30 7.40 2.94
N SER B 130 20.48 8.20 2.27
CA SER B 130 20.25 7.98 0.85
C SER B 130 21.53 8.23 0.07
N PRO B 131 21.77 7.50 -1.01
CA PRO B 131 22.99 7.75 -1.81
C PRO B 131 23.03 9.16 -2.36
N LYS B 132 24.21 9.77 -2.30
CA LYS B 132 24.42 11.12 -2.79
C LYS B 132 25.40 11.09 -3.94
N PRO B 133 24.96 11.29 -5.19
CA PRO B 133 25.86 11.16 -6.33
C PRO B 133 26.75 12.37 -6.54
N THR B 134 28.00 12.11 -6.91
CA THR B 134 28.97 13.14 -7.28
C THR B 134 29.64 12.66 -8.57
N ILE B 135 29.00 12.94 -9.70
CA ILE B 135 29.39 12.33 -10.96
C ILE B 135 30.67 12.97 -11.49
N PHE B 136 31.26 12.33 -12.51
CA PHE B 136 32.50 12.80 -13.11
C PHE B 136 32.27 13.01 -14.60
N LEU B 137 33.12 13.84 -15.20
CA LEU B 137 33.02 14.16 -16.61
C LEU B 137 34.16 13.49 -17.38
N PRO B 138 33.93 13.15 -18.65
CA PRO B 138 35.01 12.57 -19.46
C PRO B 138 36.18 13.54 -19.58
N SER B 139 37.38 12.99 -19.60
CA SER B 139 38.57 13.80 -19.81
C SER B 139 38.78 14.05 -21.29
N ILE B 140 39.03 15.31 -21.65
CA ILE B 140 39.20 15.66 -23.06
C ILE B 140 40.44 15.00 -23.63
N ALA B 141 41.50 14.86 -22.83
CA ALA B 141 42.69 14.18 -23.31
C ALA B 141 42.42 12.74 -23.68
N GLU B 142 41.45 12.10 -23.00
CA GLU B 142 41.15 10.70 -23.28
C GLU B 142 40.51 10.53 -24.66
N THR B 143 39.53 11.37 -24.98
CA THR B 143 38.92 11.33 -26.30
C THR B 143 39.79 11.98 -27.37
N LYS B 144 40.85 12.68 -26.97
CA LYS B 144 41.74 13.30 -27.95
C LYS B 144 42.41 12.25 -28.83
N LEU B 145 42.92 11.18 -28.23
CA LEU B 145 43.59 10.13 -28.98
C LEU B 145 42.85 8.81 -28.96
N GLN B 146 42.35 8.39 -27.79
CA GLN B 146 41.64 7.12 -27.70
C GLN B 146 40.28 7.17 -28.39
N LYS B 147 39.77 8.37 -28.67
CA LYS B 147 38.51 8.54 -29.40
C LYS B 147 37.34 7.87 -28.67
N ALA B 148 37.30 8.05 -27.35
CA ALA B 148 36.22 7.48 -26.56
C ALA B 148 36.07 8.29 -25.28
N GLY B 149 34.89 8.16 -24.66
CA GLY B 149 34.61 8.83 -23.41
C GLY B 149 34.33 7.86 -22.30
N THR B 150 34.76 8.16 -21.08
CA THR B 150 34.57 7.28 -19.94
C THR B 150 33.86 8.06 -18.83
N TYR B 151 32.54 7.95 -18.80
CA TYR B 151 31.76 8.54 -17.71
C TYR B 151 32.06 7.80 -16.41
N LEU B 152 31.76 8.46 -15.30
CA LEU B 152 31.96 7.87 -13.97
C LEU B 152 30.89 8.39 -13.03
N CYS B 153 29.99 7.50 -12.63
CA CYS B 153 28.90 7.83 -11.71
C CYS B 153 29.33 7.39 -10.32
N LEU B 154 29.64 8.34 -9.47
CA LEU B 154 30.08 8.08 -8.10
C LEU B 154 28.92 8.29 -7.14
N LEU B 155 28.75 7.35 -6.21
CA LEU B 155 27.78 7.47 -5.15
C LEU B 155 28.49 7.28 -3.81
N GLU B 156 28.04 8.00 -2.80
CA GLU B 156 28.72 7.95 -1.52
C GLU B 156 27.71 8.12 -0.39
N LYS B 157 28.12 7.69 0.80
CA LYS B 157 27.35 7.87 2.04
C LYS B 157 25.96 7.22 1.94
N PHE B 158 25.96 5.89 1.82
CA PHE B 158 24.71 5.15 1.94
C PHE B 158 24.91 3.98 2.88
N PHE B 159 23.97 3.76 3.79
CA PHE B 159 24.19 2.73 4.81
C PHE B 159 23.85 1.32 4.31
N PRO B 160 22.69 1.08 3.70
CA PRO B 160 22.43 -0.26 3.17
C PRO B 160 23.26 -0.52 1.92
N ASP B 161 24.17 -1.49 2.02
CA ASP B 161 25.10 -1.78 0.93
C ASP B 161 24.44 -2.43 -0.28
N VAL B 162 23.18 -2.86 -0.16
CA VAL B 162 22.50 -3.52 -1.28
C VAL B 162 22.07 -2.44 -2.27
N ILE B 163 22.89 -2.24 -3.30
CA ILE B 163 22.69 -1.15 -4.25
C ILE B 163 22.89 -1.70 -5.66
N LYS B 164 22.02 -1.31 -6.59
CA LYS B 164 22.07 -1.79 -7.96
C LYS B 164 22.25 -0.62 -8.90
N ILE B 165 23.42 -0.51 -9.52
CA ILE B 165 23.73 0.59 -10.43
C ILE B 165 23.88 0.02 -11.84
N HIS B 166 23.07 0.50 -12.76
CA HIS B 166 23.20 0.13 -14.17
C HIS B 166 22.88 1.34 -15.03
N TRP B 167 23.51 1.39 -16.19
CA TRP B 167 23.41 2.53 -17.09
C TRP B 167 22.44 2.22 -18.22
N GLN B 168 21.56 3.18 -18.52
CA GLN B 168 20.50 2.97 -19.51
C GLN B 168 20.54 3.99 -20.64
N GLU B 169 21.58 4.81 -20.73
CA GLU B 169 21.70 5.84 -21.77
C GLU B 169 20.49 6.77 -21.64
N LYS B 170 19.68 6.94 -22.68
CA LYS B 170 18.52 7.80 -22.59
C LYS B 170 17.22 7.03 -22.34
N LYS B 171 17.07 5.86 -22.96
CA LYS B 171 15.86 5.06 -22.84
C LYS B 171 16.22 3.66 -22.33
N SER B 172 15.27 3.04 -21.63
CA SER B 172 15.54 1.79 -20.92
C SER B 172 16.01 0.68 -21.84
N ASN B 173 15.62 0.73 -23.12
CA ASN B 173 16.01 -0.32 -24.06
C ASN B 173 17.51 -0.36 -24.30
N THR B 174 18.22 0.73 -24.03
CA THR B 174 19.66 0.81 -24.27
C THR B 174 20.39 0.47 -22.97
N ILE B 175 20.62 -0.81 -22.75
CA ILE B 175 21.37 -1.27 -21.58
C ILE B 175 22.84 -1.42 -21.96
N LEU B 176 23.70 -0.67 -21.29
CA LEU B 176 25.12 -0.63 -21.61
C LEU B 176 25.91 -1.35 -20.53
N GLY B 177 26.80 -2.24 -20.96
CA GLY B 177 27.71 -2.89 -20.03
C GLY B 177 28.61 -1.87 -19.36
N SER B 178 28.64 -1.87 -18.02
CA SER B 178 29.39 -0.87 -17.27
C SER B 178 30.12 -1.56 -16.13
N GLN B 179 31.44 -1.56 -16.19
CA GLN B 179 32.23 -2.13 -15.11
C GLN B 179 32.01 -1.33 -13.83
N GLU B 180 32.10 -2.01 -12.70
CA GLU B 180 31.74 -1.43 -11.42
C GLU B 180 32.67 -1.94 -10.33
N GLY B 181 33.12 -1.04 -9.47
CA GLY B 181 33.98 -1.43 -8.37
C GLY B 181 33.21 -1.95 -7.18
N ASN B 182 33.92 -2.64 -6.30
CA ASN B 182 33.29 -3.22 -5.12
C ASN B 182 32.96 -2.13 -4.10
N THR B 183 31.98 -2.43 -3.25
CA THR B 183 31.57 -1.49 -2.22
C THR B 183 32.70 -1.24 -1.24
N MET B 184 32.93 0.03 -0.90
CA MET B 184 33.98 0.42 0.02
C MET B 184 33.37 1.04 1.26
N LYS B 185 33.80 0.60 2.43
CA LYS B 185 33.23 1.05 3.69
C LYS B 185 33.96 2.30 4.16
N THR B 186 33.22 3.40 4.29
CA THR B 186 33.75 4.67 4.81
C THR B 186 33.03 4.95 6.11
N ASN B 187 33.76 4.88 7.23
CA ASN B 187 33.20 5.07 8.58
C ASN B 187 32.02 4.12 8.73
N ASP B 188 30.84 4.61 9.13
CA ASP B 188 29.68 3.75 9.30
C ASP B 188 28.89 3.53 8.01
N THR B 189 29.19 4.27 6.95
CA THR B 189 28.44 4.19 5.71
C THR B 189 29.28 3.52 4.63
N TYR B 190 28.74 3.47 3.42
CA TYR B 190 29.37 2.81 2.29
C TYR B 190 29.38 3.74 1.09
N MET B 191 30.26 3.42 0.15
CA MET B 191 30.52 4.21 -1.04
C MET B 191 30.79 3.28 -2.21
N LYS B 192 30.47 3.75 -3.41
CA LYS B 192 30.59 2.94 -4.61
C LYS B 192 30.86 3.86 -5.80
N PHE B 193 31.38 3.28 -6.88
CA PHE B 193 31.61 4.03 -8.09
C PHE B 193 31.58 3.09 -9.30
N SER B 194 30.98 3.56 -10.38
CA SER B 194 30.86 2.81 -11.61
C SER B 194 31.29 3.68 -12.78
N TRP B 195 31.68 3.03 -13.89
CA TRP B 195 32.12 3.76 -15.07
C TRP B 195 31.63 3.05 -16.33
N LEU B 196 31.57 3.81 -17.42
CA LEU B 196 31.13 3.31 -18.70
C LEU B 196 32.02 3.93 -19.78
N THR B 197 32.47 3.10 -20.72
CA THR B 197 33.25 3.58 -21.86
C THR B 197 32.37 3.57 -23.10
N VAL B 198 32.30 4.70 -23.79
CA VAL B 198 31.42 4.84 -24.95
C VAL B 198 32.23 5.24 -26.17
N PRO B 199 31.91 4.72 -27.34
CA PRO B 199 32.67 5.04 -28.55
C PRO B 199 32.33 6.44 -29.06
N GLU B 200 32.87 6.76 -30.23
CA GLU B 200 32.64 8.08 -30.82
C GLU B 200 31.16 8.31 -31.12
N LYS B 201 30.43 7.27 -31.53
CA LYS B 201 29.02 7.41 -31.87
C LYS B 201 28.13 7.15 -30.65
N SER B 202 28.52 7.77 -29.53
CA SER B 202 27.70 7.66 -28.32
C SER B 202 27.66 8.95 -27.51
N LEU B 203 28.57 9.88 -27.79
CA LEU B 203 28.67 11.08 -26.95
C LEU B 203 27.59 12.10 -27.32
N ASP B 204 26.85 11.84 -28.38
CA ASP B 204 25.78 12.74 -28.82
C ASP B 204 24.51 12.60 -28.00
N LYS B 205 24.46 11.65 -27.07
CA LYS B 205 23.28 11.39 -26.27
C LYS B 205 23.57 11.67 -24.79
N GLU B 206 22.58 11.40 -23.95
CA GLU B 206 22.70 11.56 -22.51
C GLU B 206 22.57 10.20 -21.83
N HIS B 207 23.37 9.98 -20.80
CA HIS B 207 23.39 8.70 -20.10
C HIS B 207 22.93 8.88 -18.65
N ARG B 208 22.28 7.84 -18.13
CA ARG B 208 21.79 7.84 -16.76
C ARG B 208 22.30 6.61 -16.04
N CYS B 209 22.86 6.82 -14.84
CA CYS B 209 23.23 5.71 -13.96
C CYS B 209 22.05 5.49 -13.01
N ILE B 210 21.11 4.64 -13.43
CA ILE B 210 19.86 4.46 -12.69
C ILE B 210 20.15 3.61 -11.46
N VAL B 211 20.36 4.26 -10.32
CA VAL B 211 20.73 3.57 -9.09
C VAL B 211 19.48 3.22 -8.30
N ARG B 212 19.34 1.93 -7.97
CA ARG B 212 18.26 1.44 -7.15
C ARG B 212 18.80 1.13 -5.76
N HIS B 213 18.14 1.69 -4.74
CA HIS B 213 18.55 1.53 -3.36
C HIS B 213 17.30 1.61 -2.50
N GLU B 214 17.30 0.88 -1.38
CA GLU B 214 16.12 0.81 -0.54
C GLU B 214 15.85 2.14 0.15
N ASN B 215 16.87 2.74 0.76
CA ASN B 215 16.73 4.00 1.46
C ASN B 215 16.81 5.21 0.54
N ASN B 216 16.63 5.01 -0.76
CA ASN B 216 16.65 6.12 -1.70
C ASN B 216 15.45 7.05 -1.47
N LYS B 217 15.64 8.32 -1.79
CA LYS B 217 14.60 9.31 -1.59
C LYS B 217 13.39 9.01 -2.48
N ASN B 218 12.22 9.43 -2.00
CA ASN B 218 10.93 9.25 -2.66
C ASN B 218 10.53 7.78 -2.80
N GLY B 219 11.28 6.86 -2.20
CA GLY B 219 10.94 5.46 -2.28
C GLY B 219 11.04 4.87 -3.66
N VAL B 220 11.71 5.55 -4.60
CA VAL B 220 11.86 5.07 -5.96
C VAL B 220 13.31 5.24 -6.36
N ASP B 221 13.70 4.52 -7.41
CA ASP B 221 15.08 4.55 -7.87
C ASP B 221 15.44 5.93 -8.40
N GLN B 222 16.68 6.34 -8.17
CA GLN B 222 17.17 7.64 -8.61
C GLN B 222 17.42 7.63 -10.11
N GLU B 223 17.87 8.76 -10.63
CA GLU B 223 18.17 8.90 -12.06
C GLU B 223 19.06 10.12 -12.22
N ILE B 224 20.29 9.91 -12.70
CA ILE B 224 21.27 10.98 -12.81
C ILE B 224 21.56 11.20 -14.29
N ILE B 225 21.18 12.36 -14.80
CA ILE B 225 21.39 12.69 -16.20
C ILE B 225 22.85 13.11 -16.40
N PHE B 226 23.44 12.69 -17.51
CA PHE B 226 24.82 13.07 -17.82
C PHE B 226 24.86 14.03 -19.00
N PRO B 227 25.85 14.91 -19.04
CA PRO B 227 26.02 15.79 -20.20
C PRO B 227 26.41 14.99 -21.43
N PRO B 228 26.17 15.53 -22.64
CA PRO B 228 26.54 14.79 -23.86
C PRO B 228 28.02 14.90 -24.18
N GLN C 1 45.77 -34.69 -42.30
CA GLN C 1 46.79 -33.65 -42.25
C GLN C 1 46.16 -32.27 -42.11
N VAL C 2 46.67 -31.48 -41.16
CA VAL C 2 46.20 -30.12 -40.99
C VAL C 2 46.53 -29.30 -42.24
N GLN C 3 45.55 -28.53 -42.71
CA GLN C 3 45.73 -27.78 -43.94
C GLN C 3 44.85 -26.54 -43.91
N LEU C 4 45.46 -25.38 -44.14
CA LEU C 4 44.75 -24.12 -44.32
C LEU C 4 45.06 -23.59 -45.71
N GLN C 5 44.02 -23.28 -46.47
CA GLN C 5 44.18 -22.72 -47.80
C GLN C 5 43.35 -21.45 -47.95
N GLN C 6 43.83 -20.59 -48.82
CA GLN C 6 43.28 -19.26 -49.05
C GLN C 6 43.05 -19.07 -50.55
N PRO C 7 42.22 -18.10 -50.94
CA PRO C 7 42.09 -17.79 -52.36
C PRO C 7 43.45 -17.42 -52.96
N GLY C 8 43.67 -17.85 -54.20
CA GLY C 8 44.97 -17.65 -54.82
C GLY C 8 45.33 -16.20 -55.01
N ALA C 9 44.38 -15.41 -55.53
CA ALA C 9 44.63 -14.00 -55.80
C ALA C 9 43.30 -13.26 -55.80
N ASP C 10 43.38 -11.94 -55.93
CA ASP C 10 42.19 -11.10 -55.95
C ASP C 10 42.57 -9.75 -56.53
N LEU C 11 41.68 -9.22 -57.38
CA LEU C 11 41.87 -7.91 -58.00
C LEU C 11 40.60 -7.10 -57.84
N VAL C 12 40.70 -5.98 -57.13
CA VAL C 12 39.56 -5.09 -56.88
C VAL C 12 39.98 -3.66 -57.21
N ARG C 13 38.97 -2.82 -57.42
CA ARG C 13 39.20 -1.40 -57.63
C ARG C 13 39.43 -0.70 -56.29
N PRO C 14 40.18 0.40 -56.29
CA PRO C 14 40.37 1.14 -55.05
C PRO C 14 39.06 1.71 -54.53
N GLY C 15 38.97 1.82 -53.21
CA GLY C 15 37.79 2.35 -52.56
C GLY C 15 36.69 1.34 -52.32
N THR C 16 36.91 0.07 -52.64
CA THR C 16 35.91 -0.98 -52.43
C THR C 16 36.37 -1.89 -51.30
N SER C 17 35.48 -2.12 -50.33
CA SER C 17 35.78 -3.04 -49.24
C SER C 17 35.88 -4.47 -49.78
N VAL C 18 36.86 -5.21 -49.26
CA VAL C 18 37.15 -6.55 -49.75
C VAL C 18 36.97 -7.55 -48.61
N LYS C 19 36.77 -8.82 -48.98
CA LYS C 19 36.62 -9.90 -48.03
C LYS C 19 37.61 -11.01 -48.35
N LEU C 20 38.39 -11.42 -47.37
CA LEU C 20 39.35 -12.50 -47.50
C LEU C 20 38.97 -13.66 -46.59
N SER C 21 39.28 -14.87 -47.04
CA SER C 21 38.89 -16.08 -46.33
C SER C 21 40.11 -16.98 -46.12
N CYS C 22 40.03 -17.78 -45.05
CA CYS C 22 41.08 -18.77 -44.77
C CYS C 22 40.38 -20.06 -44.33
N LYS C 23 40.26 -21.01 -45.26
CA LYS C 23 39.62 -22.28 -44.96
C LYS C 23 40.61 -23.19 -44.24
N ALA C 24 40.17 -23.76 -43.12
CA ALA C 24 41.02 -24.61 -42.29
C ALA C 24 40.37 -25.98 -42.13
N SER C 25 41.19 -27.03 -42.16
CA SER C 25 40.68 -28.38 -42.02
C SER C 25 41.75 -29.29 -41.46
N GLY C 26 41.32 -30.43 -40.93
CA GLY C 26 42.23 -31.44 -40.45
C GLY C 26 42.69 -31.29 -39.01
N TYR C 27 42.00 -30.48 -38.21
CA TYR C 27 42.40 -30.26 -36.83
C TYR C 27 41.23 -29.64 -36.08
N THR C 28 41.38 -29.54 -34.75
CA THR C 28 40.39 -28.91 -33.90
C THR C 28 40.44 -27.41 -34.15
N PHE C 29 39.48 -26.91 -34.92
CA PHE C 29 39.50 -25.51 -35.34
C PHE C 29 39.34 -24.57 -34.15
N THR C 30 38.66 -25.03 -33.09
CA THR C 30 38.36 -24.15 -31.97
C THR C 30 39.59 -23.88 -31.10
N SER C 31 40.40 -24.90 -30.84
CA SER C 31 41.43 -24.82 -29.80
C SER C 31 42.62 -23.93 -30.18
N TYR C 32 42.73 -23.50 -31.43
CA TYR C 32 43.87 -22.70 -31.88
C TYR C 32 43.40 -21.36 -32.41
N TRP C 33 44.15 -20.31 -32.08
CA TRP C 33 43.88 -18.98 -32.60
C TRP C 33 44.11 -18.94 -34.10
N MET C 34 43.75 -17.81 -34.71
CA MET C 34 44.02 -17.58 -36.13
C MET C 34 44.65 -16.20 -36.28
N HIS C 35 45.86 -16.15 -36.79
CA HIS C 35 46.62 -14.92 -36.93
C HIS C 35 46.67 -14.53 -38.40
N TRP C 36 46.24 -13.31 -38.70
CA TRP C 36 46.36 -12.74 -40.03
C TRP C 36 47.56 -11.80 -40.04
N VAL C 37 48.42 -11.96 -41.05
CA VAL C 37 49.66 -11.21 -41.18
C VAL C 37 49.82 -10.78 -42.63
N GLN C 38 50.20 -9.52 -42.84
CA GLN C 38 50.41 -8.99 -44.18
C GLN C 38 51.89 -8.98 -44.52
N GLN C 39 52.17 -8.89 -45.82
CA GLN C 39 53.54 -8.86 -46.33
C GLN C 39 53.56 -7.95 -47.55
N ARG C 40 54.19 -6.79 -47.42
CA ARG C 40 54.33 -5.89 -48.55
C ARG C 40 55.38 -6.42 -49.52
N PRO C 41 55.20 -6.18 -50.82
CA PRO C 41 56.17 -6.68 -51.80
C PRO C 41 57.54 -6.07 -51.57
N GLY C 42 58.53 -6.93 -51.32
CA GLY C 42 59.87 -6.47 -51.07
C GLY C 42 60.16 -6.05 -49.65
N GLN C 43 59.31 -6.43 -48.70
CA GLN C 43 59.49 -6.07 -47.30
C GLN C 43 59.12 -7.26 -46.42
N GLY C 44 59.46 -7.15 -45.15
CA GLY C 44 59.18 -8.21 -44.20
C GLY C 44 57.71 -8.27 -43.81
N LEU C 45 57.38 -9.30 -43.03
CA LEU C 45 56.02 -9.51 -42.61
C LEU C 45 55.57 -8.41 -41.64
N GLU C 46 54.27 -8.17 -41.60
CA GLU C 46 53.67 -7.24 -40.66
C GLU C 46 52.41 -7.87 -40.08
N TRP C 47 52.37 -7.99 -38.75
CA TRP C 47 51.25 -8.62 -38.08
C TRP C 47 49.99 -7.76 -38.25
N ILE C 48 48.88 -8.40 -38.62
CA ILE C 48 47.62 -7.70 -38.80
C ILE C 48 46.75 -7.86 -37.57
N GLY C 49 46.46 -9.10 -37.19
CA GLY C 49 45.60 -9.30 -36.03
C GLY C 49 45.47 -10.77 -35.69
N VAL C 50 44.72 -11.02 -34.62
CA VAL C 50 44.49 -12.36 -34.11
C VAL C 50 43.02 -12.50 -33.73
N ILE C 51 42.43 -13.66 -34.05
CA ILE C 51 41.05 -13.97 -33.72
C ILE C 51 41.00 -15.33 -33.04
N ASP C 52 40.33 -15.39 -31.88
CA ASP C 52 40.10 -16.63 -31.16
C ASP C 52 38.70 -17.10 -31.49
N PRO C 53 38.53 -18.25 -32.14
CA PRO C 53 37.19 -18.64 -32.63
C PRO C 53 36.24 -19.10 -31.53
N SER C 54 36.76 -19.72 -30.46
CA SER C 54 35.89 -20.22 -29.41
C SER C 54 35.10 -19.09 -28.77
N ASP C 55 35.79 -18.05 -28.32
CA ASP C 55 35.17 -16.88 -27.73
C ASP C 55 35.02 -15.73 -28.72
N SER C 56 35.45 -15.92 -29.97
CA SER C 56 35.44 -14.88 -30.99
C SER C 56 36.14 -13.61 -30.50
N TYR C 57 37.28 -13.77 -29.84
CA TYR C 57 37.99 -12.65 -29.24
C TYR C 57 39.07 -12.16 -30.19
N THR C 58 38.97 -10.89 -30.59
CA THR C 58 39.84 -10.38 -31.65
C THR C 58 40.67 -9.21 -31.14
N ASN C 59 41.93 -9.20 -31.56
CA ASN C 59 42.82 -8.07 -31.34
C ASN C 59 43.45 -7.66 -32.65
N TYR C 60 43.63 -6.36 -32.83
CA TYR C 60 44.12 -5.79 -34.08
C TYR C 60 45.37 -4.97 -33.83
N ASN C 61 46.18 -4.84 -34.89
CA ASN C 61 47.32 -3.94 -34.83
C ASN C 61 46.83 -2.50 -34.69
N GLN C 62 47.65 -1.67 -34.05
CA GLN C 62 47.25 -0.28 -33.85
C GLN C 62 47.10 0.45 -35.18
N LYS C 63 48.03 0.22 -36.12
CA LYS C 63 47.96 0.89 -37.42
C LYS C 63 46.81 0.38 -38.26
N PHE C 64 46.53 -0.92 -38.20
CA PHE C 64 45.48 -1.53 -38.99
C PHE C 64 44.13 -1.55 -38.27
N LYS C 65 44.05 -0.96 -37.08
CA LYS C 65 42.79 -0.94 -36.34
C LYS C 65 41.73 -0.18 -37.11
N GLY C 66 40.53 -0.75 -37.17
CA GLY C 66 39.42 -0.18 -37.92
C GLY C 66 39.42 -0.55 -39.38
N LYS C 67 40.60 -0.52 -40.02
CA LYS C 67 40.69 -0.90 -41.42
C LYS C 67 40.31 -2.36 -41.63
N ALA C 68 40.77 -3.24 -40.75
CA ALA C 68 40.57 -4.67 -40.88
C ALA C 68 39.66 -5.18 -39.76
N THR C 69 38.65 -5.94 -40.13
CA THR C 69 37.73 -6.55 -39.17
C THR C 69 37.77 -8.06 -39.33
N LEU C 70 38.00 -8.76 -38.22
CA LEU C 70 38.17 -10.20 -38.23
C LEU C 70 36.91 -10.88 -37.71
N THR C 71 36.44 -11.90 -38.43
CA THR C 71 35.26 -12.65 -38.02
C THR C 71 35.49 -14.13 -38.29
N VAL C 72 34.66 -14.96 -37.65
CA VAL C 72 34.80 -16.40 -37.73
C VAL C 72 33.43 -17.03 -37.94
N ASP C 73 33.37 -18.03 -38.81
CA ASP C 73 32.19 -18.88 -38.99
C ASP C 73 32.57 -20.27 -38.48
N THR C 74 32.18 -20.57 -37.23
CA THR C 74 32.56 -21.83 -36.63
C THR C 74 31.83 -23.01 -37.25
N SER C 75 30.62 -22.79 -37.75
CA SER C 75 29.87 -23.88 -38.37
C SER C 75 30.59 -24.41 -39.60
N SER C 76 31.09 -23.51 -40.44
CA SER C 76 31.85 -23.90 -41.63
C SER C 76 33.35 -23.90 -41.38
N SER C 77 33.80 -23.54 -40.19
CA SER C 77 35.22 -23.52 -39.83
C SER C 77 36.01 -22.62 -40.78
N THR C 78 35.61 -21.35 -40.83
CA THR C 78 36.24 -20.36 -41.70
C THR C 78 36.58 -19.11 -40.91
N ALA C 79 37.60 -18.39 -41.38
CA ALA C 79 38.00 -17.11 -40.80
C ALA C 79 38.06 -16.07 -41.91
N TYR C 80 37.37 -14.96 -41.71
CA TYR C 80 37.25 -13.92 -42.71
C TYR C 80 37.81 -12.60 -42.21
N MET C 81 38.35 -11.81 -43.13
CA MET C 81 38.76 -10.44 -42.87
C MET C 81 38.01 -9.50 -43.82
N GLN C 82 37.49 -8.42 -43.27
CA GLN C 82 36.92 -7.32 -44.04
C GLN C 82 37.93 -6.18 -44.08
N LEU C 83 38.27 -5.75 -45.29
CA LEU C 83 39.19 -4.65 -45.51
C LEU C 83 38.40 -3.44 -46.02
N SER C 84 38.60 -2.30 -45.37
CA SER C 84 37.84 -1.09 -45.64
C SER C 84 38.76 0.02 -46.10
N SER C 85 38.22 0.92 -46.93
CA SER C 85 38.94 2.09 -47.43
C SER C 85 40.22 1.67 -48.17
N LEU C 86 40.03 0.83 -49.17
CA LEU C 86 41.16 0.35 -49.96
C LEU C 86 41.81 1.50 -50.74
N THR C 87 43.13 1.54 -50.71
CA THR C 87 43.89 2.57 -51.42
C THR C 87 45.05 1.90 -52.14
N SER C 88 45.95 2.73 -52.68
CA SER C 88 47.09 2.19 -53.43
C SER C 88 48.02 1.38 -52.55
N GLU C 89 48.28 1.86 -51.34
CA GLU C 89 49.23 1.19 -50.45
C GLU C 89 48.70 -0.09 -49.85
N ASP C 90 47.39 -0.34 -49.94
CA ASP C 90 46.80 -1.55 -49.34
C ASP C 90 46.76 -2.70 -50.34
N SER C 91 47.92 -3.00 -50.93
CA SER C 91 48.08 -4.16 -51.80
C SER C 91 49.30 -4.93 -51.31
N ALA C 92 49.10 -6.19 -50.96
CA ALA C 92 50.16 -7.00 -50.35
C ALA C 92 49.69 -8.45 -50.33
N VAL C 93 50.56 -9.33 -49.86
CA VAL C 93 50.22 -10.74 -49.70
C VAL C 93 49.75 -10.96 -48.28
N TYR C 94 48.54 -11.47 -48.12
CA TYR C 94 47.93 -11.68 -46.80
C TYR C 94 47.93 -13.16 -46.48
N TYR C 95 48.28 -13.48 -45.24
CA TYR C 95 48.51 -14.85 -44.79
C TYR C 95 47.72 -15.13 -43.52
N CYS C 96 47.22 -16.34 -43.41
CA CYS C 96 46.56 -16.83 -42.21
C CYS C 96 47.40 -17.97 -41.61
N ALA C 97 47.57 -17.95 -40.29
CA ALA C 97 48.43 -18.90 -39.61
C ALA C 97 47.75 -19.35 -38.32
N ARG C 98 48.19 -20.51 -37.82
CA ARG C 98 47.62 -21.14 -36.65
C ARG C 98 48.57 -21.04 -35.47
N SER C 99 48.02 -20.72 -34.31
CA SER C 99 48.80 -20.53 -33.08
C SER C 99 48.41 -21.56 -32.04
N ASP C 100 48.94 -21.38 -30.83
CA ASP C 100 48.67 -22.30 -29.72
C ASP C 100 48.17 -21.55 -28.49
N ASP C 101 48.08 -22.23 -27.35
CA ASP C 101 47.38 -21.70 -26.20
C ASP C 101 48.19 -20.71 -25.37
N TYR C 102 49.43 -20.43 -25.75
CA TYR C 102 50.23 -19.34 -25.19
C TYR C 102 50.71 -19.69 -23.77
N ASP C 103 50.26 -20.82 -23.24
CA ASP C 103 50.69 -21.23 -21.91
C ASP C 103 51.62 -22.44 -21.93
N GLU C 104 51.59 -23.23 -22.99
CA GLU C 104 52.47 -24.39 -23.12
C GLU C 104 53.30 -24.32 -24.39
N GLY C 105 53.67 -23.11 -24.81
CA GLY C 105 54.47 -22.93 -26.01
C GLY C 105 53.68 -22.33 -27.15
N TYR C 106 54.07 -21.14 -27.58
CA TYR C 106 53.40 -20.43 -28.65
C TYR C 106 54.23 -20.55 -29.92
N PHE C 107 53.55 -20.71 -31.05
CA PHE C 107 54.23 -20.88 -32.33
C PHE C 107 53.24 -20.67 -33.46
N PHE C 108 53.78 -20.57 -34.68
CA PHE C 108 52.99 -20.51 -35.90
C PHE C 108 53.12 -21.87 -36.57
N ASP C 109 52.18 -22.77 -36.25
CA ASP C 109 52.32 -24.16 -36.66
C ASP C 109 52.30 -24.31 -38.18
N GLN C 110 51.29 -23.75 -38.84
CA GLN C 110 51.12 -23.93 -40.27
C GLN C 110 50.72 -22.61 -40.91
N TRP C 111 50.95 -22.52 -42.21
CA TRP C 111 50.62 -21.33 -42.98
C TRP C 111 49.88 -21.75 -44.24
N GLY C 112 49.02 -20.84 -44.72
CA GLY C 112 48.31 -21.06 -45.96
C GLY C 112 49.14 -20.62 -47.16
N GLN C 113 48.50 -20.65 -48.32
CA GLN C 113 49.14 -20.17 -49.54
C GLN C 113 49.11 -18.66 -49.66
N GLY C 114 48.32 -17.97 -48.85
CA GLY C 114 48.20 -16.53 -48.91
C GLY C 114 47.37 -16.07 -50.08
N THR C 115 47.15 -14.75 -50.13
CA THR C 115 46.43 -14.14 -51.24
C THR C 115 47.06 -12.79 -51.53
N THR C 116 47.42 -12.57 -52.79
CA THR C 116 48.06 -11.32 -53.21
C THR C 116 46.97 -10.33 -53.57
N LEU C 117 46.53 -9.57 -52.57
CA LEU C 117 45.50 -8.56 -52.79
C LEU C 117 46.10 -7.35 -53.48
N THR C 118 45.57 -7.02 -54.66
CA THR C 118 46.01 -5.88 -55.44
C THR C 118 44.84 -4.95 -55.70
N VAL C 119 45.13 -3.65 -55.75
CA VAL C 119 44.11 -2.65 -55.99
C VAL C 119 44.13 -2.20 -57.44
N ASP D 1 56.73 1.36 -28.57
CA ASP D 1 56.40 -0.05 -28.40
C ASP D 1 57.65 -0.92 -28.53
N VAL D 2 57.43 -2.21 -28.77
CA VAL D 2 58.53 -3.17 -28.93
C VAL D 2 58.90 -3.24 -30.40
N VAL D 3 60.19 -3.09 -30.68
CA VAL D 3 60.70 -3.17 -32.05
C VAL D 3 61.95 -4.04 -32.05
N MET D 4 62.01 -4.99 -32.97
CA MET D 4 63.16 -5.85 -33.10
C MET D 4 64.19 -5.23 -34.04
N THR D 5 65.44 -5.64 -33.87
CA THR D 5 66.53 -5.17 -34.73
C THR D 5 67.43 -6.35 -35.06
N GLN D 6 67.58 -6.65 -36.34
CA GLN D 6 68.49 -7.69 -36.80
C GLN D 6 69.81 -7.05 -37.22
N THR D 7 70.92 -7.59 -36.69
CA THR D 7 72.20 -6.92 -36.87
C THR D 7 72.76 -7.08 -38.28
N PRO D 8 72.98 -8.30 -38.80
CA PRO D 8 73.63 -8.40 -40.11
C PRO D 8 72.73 -8.03 -41.27
N LEU D 9 71.44 -8.40 -41.20
CA LEU D 9 70.41 -8.09 -42.21
C LEU D 9 70.82 -8.51 -43.62
N THR D 10 71.88 -9.31 -43.73
CA THR D 10 72.35 -9.92 -44.97
C THR D 10 73.49 -10.87 -44.61
N LEU D 11 73.58 -11.97 -45.37
CA LEU D 11 74.60 -12.97 -45.09
C LEU D 11 74.87 -13.77 -46.37
N SER D 12 75.97 -13.46 -47.05
CA SER D 12 76.42 -14.23 -48.20
C SER D 12 77.41 -15.27 -47.67
N VAL D 13 76.91 -16.46 -47.40
CA VAL D 13 77.66 -17.50 -46.70
C VAL D 13 77.79 -18.71 -47.62
N THR D 14 79.01 -19.21 -47.77
CA THR D 14 79.27 -20.36 -48.60
C THR D 14 78.87 -21.66 -47.89
N VAL D 15 78.80 -22.74 -48.66
CA VAL D 15 78.37 -24.02 -48.13
C VAL D 15 79.39 -24.55 -47.13
N GLY D 16 78.90 -25.13 -46.03
CA GLY D 16 79.73 -25.75 -45.04
C GLY D 16 80.26 -24.84 -43.95
N GLN D 17 79.97 -23.55 -44.01
CA GLN D 17 80.48 -22.60 -43.02
C GLN D 17 79.39 -22.24 -42.04
N PRO D 18 79.56 -22.54 -40.75
CA PRO D 18 78.55 -22.12 -39.76
C PRO D 18 78.42 -20.61 -39.71
N ALA D 19 77.19 -20.15 -39.46
CA ALA D 19 76.88 -18.73 -39.44
C ALA D 19 75.98 -18.41 -38.26
N SER D 20 75.97 -17.14 -37.88
CA SER D 20 75.19 -16.68 -36.74
C SER D 20 74.45 -15.40 -37.11
N ILE D 21 73.16 -15.35 -36.79
CA ILE D 21 72.32 -14.18 -37.00
C ILE D 21 71.78 -13.74 -35.65
N SER D 22 72.04 -12.50 -35.27
CA SER D 22 71.67 -11.99 -33.97
C SER D 22 70.58 -10.93 -34.11
N CYS D 23 69.62 -10.96 -33.19
CA CYS D 23 68.59 -9.94 -33.16
C CYS D 23 68.34 -9.52 -31.71
N LYS D 24 68.01 -8.23 -31.55
CA LYS D 24 67.89 -7.60 -30.24
C LYS D 24 66.56 -6.88 -30.13
N SER D 25 66.10 -6.73 -28.89
CA SER D 25 64.82 -6.12 -28.59
C SER D 25 65.01 -4.90 -27.69
N SER D 26 64.07 -3.97 -27.79
CA SER D 26 64.12 -2.77 -26.94
C SER D 26 63.81 -3.08 -25.49
N GLN D 27 62.91 -4.05 -25.25
CA GLN D 27 62.53 -4.44 -23.90
C GLN D 27 62.68 -5.94 -23.75
N SER D 28 62.83 -6.38 -22.50
CA SER D 28 63.00 -7.80 -22.22
C SER D 28 61.78 -8.59 -22.68
N LEU D 29 62.02 -9.80 -23.17
CA LEU D 29 60.95 -10.67 -23.67
C LEU D 29 60.57 -11.75 -22.66
N LEU D 30 61.02 -11.64 -21.41
CA LEU D 30 60.67 -12.61 -20.39
C LEU D 30 59.23 -12.33 -19.94
N HIS D 31 58.30 -13.15 -20.40
CA HIS D 31 56.91 -13.00 -20.02
C HIS D 31 56.74 -13.24 -18.52
N SER D 32 55.77 -12.56 -17.92
CA SER D 32 55.46 -12.80 -16.52
C SER D 32 54.94 -14.20 -16.28
N ASN D 33 54.51 -14.90 -17.34
CA ASN D 33 54.07 -16.27 -17.21
C ASN D 33 55.21 -17.17 -16.74
N GLY D 34 56.42 -16.95 -17.25
CA GLY D 34 57.57 -17.74 -16.87
C GLY D 34 58.34 -18.25 -18.06
N LYS D 35 58.03 -17.73 -19.23
CA LYS D 35 58.67 -18.13 -20.47
C LYS D 35 59.07 -16.90 -21.27
N THR D 36 59.99 -17.09 -22.20
CA THR D 36 60.34 -16.07 -23.18
C THR D 36 59.98 -16.59 -24.57
N TYR D 37 59.47 -15.69 -25.41
CA TYR D 37 58.98 -16.06 -26.73
C TYR D 37 59.82 -15.36 -27.79
N LEU D 38 60.37 -16.15 -28.71
CA LEU D 38 61.07 -15.62 -29.88
C LEU D 38 61.08 -16.69 -30.94
N ASN D 39 60.37 -16.45 -32.03
CA ASN D 39 60.23 -17.42 -33.11
C ASN D 39 61.16 -17.04 -34.25
N TRP D 40 62.01 -17.98 -34.65
CA TRP D 40 62.87 -17.84 -35.82
C TRP D 40 62.15 -18.48 -36.98
N LEU D 41 61.69 -17.65 -37.92
CA LEU D 41 60.89 -18.06 -39.06
C LEU D 41 61.71 -17.94 -40.34
N LEU D 42 61.59 -18.95 -41.19
CA LEU D 42 62.30 -19.00 -42.47
C LEU D 42 61.29 -18.85 -43.60
N GLN D 43 61.52 -17.86 -44.46
CA GLN D 43 60.69 -17.61 -45.64
C GLN D 43 61.50 -17.99 -46.87
N ARG D 44 61.14 -19.10 -47.49
CA ARG D 44 61.72 -19.44 -48.77
C ARG D 44 61.01 -18.66 -49.88
N PRO D 45 61.74 -17.93 -50.71
CA PRO D 45 61.08 -17.08 -51.72
C PRO D 45 60.19 -17.90 -52.64
N GLY D 46 58.98 -17.37 -52.89
CA GLY D 46 58.01 -18.03 -53.73
C GLY D 46 56.98 -18.87 -53.01
N GLN D 47 57.19 -19.18 -51.73
CA GLN D 47 56.26 -19.98 -50.96
C GLN D 47 56.01 -19.31 -49.61
N SER D 48 55.12 -19.92 -48.82
CA SER D 48 54.79 -19.38 -47.51
C SER D 48 55.93 -19.59 -46.53
N PRO D 49 56.09 -18.70 -45.56
CA PRO D 49 57.13 -18.89 -44.54
C PRO D 49 56.85 -20.13 -43.70
N LYS D 50 57.93 -20.75 -43.23
CA LYS D 50 57.85 -21.91 -42.35
C LYS D 50 58.60 -21.61 -41.06
N LEU D 51 58.08 -22.15 -39.95
CA LEU D 51 58.64 -21.90 -38.64
C LEU D 51 59.81 -22.85 -38.40
N LEU D 52 60.98 -22.28 -38.07
CA LEU D 52 62.15 -23.08 -37.74
C LEU D 52 62.27 -23.29 -36.24
N ILE D 53 62.37 -22.21 -35.48
CA ILE D 53 62.67 -22.27 -34.06
C ILE D 53 61.55 -21.61 -33.28
N TYR D 54 61.06 -22.29 -32.25
CA TYR D 54 60.08 -21.70 -31.35
C TYR D 54 60.59 -21.82 -29.92
N LEU D 55 60.17 -20.87 -29.07
CA LEU D 55 60.62 -20.78 -27.68
C LEU D 55 62.14 -20.69 -27.59
N VAL D 56 62.73 -19.91 -28.50
CA VAL D 56 64.16 -19.57 -28.48
C VAL D 56 65.03 -20.81 -28.67
N SER D 57 64.89 -21.80 -27.79
CA SER D 57 65.77 -22.96 -27.82
C SER D 57 65.21 -24.11 -28.64
N LYS D 58 63.93 -24.43 -28.48
CA LYS D 58 63.36 -25.61 -29.12
C LYS D 58 63.29 -25.43 -30.62
N VAL D 59 63.17 -26.55 -31.32
CA VAL D 59 63.18 -26.59 -32.78
C VAL D 59 61.95 -27.35 -33.25
N GLU D 60 61.27 -26.81 -34.27
CA GLU D 60 60.10 -27.46 -34.83
C GLU D 60 60.49 -28.79 -35.47
N SER D 61 59.60 -29.78 -35.35
CA SER D 61 59.83 -31.08 -35.96
C SER D 61 59.85 -30.97 -37.48
N GLY D 62 60.61 -31.88 -38.11
CA GLY D 62 60.79 -31.81 -39.54
C GLY D 62 61.84 -30.84 -39.99
N VAL D 63 62.72 -30.40 -39.10
CA VAL D 63 63.77 -29.43 -39.41
C VAL D 63 65.12 -30.06 -39.13
N PRO D 64 66.11 -29.87 -40.01
CA PRO D 64 67.42 -30.49 -39.78
C PRO D 64 68.10 -29.94 -38.53
N ASP D 65 68.97 -30.76 -37.96
CA ASP D 65 69.60 -30.47 -36.67
C ASP D 65 70.63 -29.33 -36.75
N ARG D 66 70.99 -28.87 -37.94
CA ARG D 66 71.98 -27.81 -38.05
C ARG D 66 71.50 -26.53 -37.38
N PHE D 67 70.21 -26.20 -37.55
CA PHE D 67 69.68 -24.98 -36.96
C PHE D 67 69.61 -25.09 -35.43
N SER D 68 69.93 -23.99 -34.76
CA SER D 68 69.85 -23.94 -33.31
C SER D 68 69.61 -22.51 -32.88
N GLY D 69 69.16 -22.33 -31.65
CA GLY D 69 68.90 -21.01 -31.12
C GLY D 69 69.50 -20.84 -29.74
N SER D 70 69.82 -19.59 -29.42
CA SER D 70 70.40 -19.27 -28.12
C SER D 70 70.13 -17.80 -27.83
N GLY D 71 70.50 -17.39 -26.62
CA GLY D 71 70.34 -16.01 -26.20
C GLY D 71 69.32 -15.88 -25.08
N SER D 72 69.29 -14.68 -24.51
CA SER D 72 68.43 -14.37 -23.37
C SER D 72 68.42 -12.86 -23.18
N GLY D 73 67.79 -12.41 -22.10
CA GLY D 73 67.66 -11.00 -21.82
C GLY D 73 66.96 -10.26 -22.93
N THR D 74 67.71 -9.43 -23.66
CA THR D 74 67.17 -8.73 -24.82
C THR D 74 67.87 -9.10 -26.12
N ASP D 75 68.82 -10.05 -26.09
CA ASP D 75 69.59 -10.40 -27.27
C ASP D 75 69.51 -11.90 -27.51
N PHE D 76 69.22 -12.29 -28.75
CA PHE D 76 69.13 -13.69 -29.13
C PHE D 76 69.89 -13.91 -30.42
N THR D 77 70.19 -15.16 -30.73
CA THR D 77 70.98 -15.50 -31.90
C THR D 77 70.63 -16.88 -32.40
N LEU D 78 70.38 -16.98 -33.71
CA LEU D 78 70.19 -18.24 -34.41
C LEU D 78 71.50 -18.65 -35.03
N LYS D 79 71.83 -19.94 -34.92
CA LYS D 79 73.07 -20.49 -35.42
C LYS D 79 72.79 -21.59 -36.43
N ILE D 80 73.57 -21.60 -37.51
CA ILE D 80 73.52 -22.64 -38.52
C ILE D 80 74.89 -23.29 -38.56
N SER D 81 74.98 -24.50 -37.99
CA SER D 81 76.26 -25.20 -37.96
C SER D 81 76.74 -25.54 -39.37
N ARG D 82 75.84 -26.02 -40.22
CA ARG D 82 76.15 -26.31 -41.61
C ARG D 82 75.15 -25.58 -42.50
N VAL D 83 75.68 -24.83 -43.47
CA VAL D 83 74.86 -24.06 -44.40
C VAL D 83 74.76 -24.83 -45.71
N GLU D 84 73.54 -25.09 -46.16
CA GLU D 84 73.30 -25.86 -47.37
C GLU D 84 72.56 -25.00 -48.39
N ALA D 85 72.18 -25.62 -49.50
CA ALA D 85 71.49 -24.90 -50.56
C ALA D 85 70.02 -24.64 -50.24
N GLU D 86 69.45 -25.34 -49.27
CA GLU D 86 68.05 -25.18 -48.92
C GLU D 86 67.84 -24.16 -47.80
N ASP D 87 68.90 -23.59 -47.25
CA ASP D 87 68.77 -22.58 -46.20
C ASP D 87 68.66 -21.17 -46.74
N LEU D 88 68.87 -20.97 -48.04
CA LEU D 88 68.78 -19.63 -48.61
C LEU D 88 67.35 -19.13 -48.57
N GLY D 89 67.21 -17.84 -48.34
CA GLY D 89 65.90 -17.22 -48.25
C GLY D 89 65.95 -16.02 -47.32
N LEU D 90 64.91 -15.88 -46.50
CA LEU D 90 64.82 -14.80 -45.53
C LEU D 90 64.55 -15.37 -44.16
N TYR D 91 65.01 -14.65 -43.13
CA TYR D 91 64.87 -15.08 -41.75
C TYR D 91 64.32 -13.92 -40.93
N TYR D 92 63.35 -14.23 -40.06
CA TYR D 92 62.75 -13.23 -39.19
C TYR D 92 62.76 -13.72 -37.75
N CYS D 93 63.14 -12.85 -36.83
CA CYS D 93 62.97 -13.11 -35.41
C CYS D 93 61.74 -12.35 -34.95
N LEU D 94 60.77 -13.08 -34.41
CA LEU D 94 59.44 -12.56 -34.14
C LEU D 94 59.15 -12.65 -32.65
N GLN D 95 58.69 -11.55 -32.07
CA GLN D 95 58.44 -11.44 -30.64
C GLN D 95 56.95 -11.35 -30.40
N VAL D 96 56.44 -12.20 -29.50
CA VAL D 96 55.00 -12.30 -29.26
C VAL D 96 54.63 -12.00 -27.81
N THR D 97 55.61 -11.73 -26.94
CA THR D 97 55.28 -11.48 -25.54
C THR D 97 54.53 -10.16 -25.35
N HIS D 98 54.77 -9.19 -26.22
CA HIS D 98 54.01 -7.94 -26.21
C HIS D 98 53.07 -7.92 -27.41
N PHE D 99 51.83 -7.47 -27.17
CA PHE D 99 50.76 -7.70 -28.14
C PHE D 99 51.01 -7.11 -29.52
N PRO D 100 51.60 -5.91 -29.70
CA PRO D 100 51.86 -5.41 -31.05
C PRO D 100 52.50 -6.41 -32.00
N LEU D 101 53.14 -7.45 -31.45
CA LEU D 101 53.63 -8.59 -32.23
C LEU D 101 54.57 -8.14 -33.34
N THR D 102 55.53 -7.29 -32.98
CA THR D 102 56.44 -6.73 -33.97
C THR D 102 57.28 -7.83 -34.61
N PHE D 103 57.50 -7.68 -35.91
CA PHE D 103 58.37 -8.57 -36.67
C PHE D 103 59.76 -7.96 -36.81
N GLY D 104 60.73 -8.81 -37.16
CA GLY D 104 62.08 -8.34 -37.37
C GLY D 104 62.26 -7.67 -38.72
N ALA D 105 63.42 -7.02 -38.88
CA ALA D 105 63.70 -6.33 -40.13
C ALA D 105 63.83 -7.32 -41.28
N GLY D 106 64.47 -8.45 -41.05
CA GLY D 106 64.63 -9.45 -42.09
C GLY D 106 66.09 -9.66 -42.48
N THR D 107 66.55 -10.91 -42.42
CA THR D 107 67.92 -11.26 -42.79
C THR D 107 67.87 -12.09 -44.07
N LYS D 108 68.57 -11.62 -45.10
CA LYS D 108 68.61 -12.31 -46.38
C LYS D 108 69.86 -13.19 -46.43
N LEU D 109 69.68 -14.46 -46.80
CA LEU D 109 70.78 -15.40 -46.90
C LEU D 109 71.17 -15.57 -48.36
N GLU D 110 72.45 -15.37 -48.65
CA GLU D 110 72.99 -15.48 -50.00
C GLU D 110 74.22 -16.38 -49.97
N LEU D 111 74.84 -16.54 -51.14
CA LEU D 111 76.01 -17.39 -51.29
C LEU D 111 77.09 -16.66 -52.07
N LYS D 112 78.34 -17.00 -51.80
CA LYS D 112 79.47 -16.39 -52.47
C LYS D 112 79.80 -17.09 -53.79
N GLN E 2 -17.12 -14.36 37.48
CA GLN E 2 -17.96 -13.20 37.21
C GLN E 2 -18.90 -13.46 36.04
N LYS E 3 -20.11 -12.91 36.13
CA LYS E 3 -21.10 -13.05 35.06
C LYS E 3 -22.08 -11.89 35.15
N VAL E 4 -22.29 -11.22 34.04
CA VAL E 4 -23.14 -10.03 33.98
C VAL E 4 -24.27 -10.29 33.01
N THR E 5 -25.51 -10.07 33.47
CA THR E 5 -26.69 -10.21 32.64
C THR E 5 -27.52 -8.93 32.72
N GLN E 6 -28.05 -8.51 31.58
CA GLN E 6 -28.94 -7.36 31.49
C GLN E 6 -30.32 -7.86 31.11
N ALA E 7 -31.31 -7.55 31.94
CA ALA E 7 -32.64 -8.13 31.78
C ALA E 7 -33.35 -7.59 30.54
N GLN E 8 -33.33 -6.27 30.36
CA GLN E 8 -34.11 -5.64 29.31
C GLN E 8 -33.54 -5.97 27.93
N SER E 9 -34.43 -6.13 26.96
CA SER E 9 -34.05 -6.37 25.58
C SER E 9 -34.34 -5.22 24.65
N SER E 10 -35.28 -4.35 24.99
CA SER E 10 -35.62 -3.19 24.16
C SER E 10 -36.41 -2.21 25.01
N VAL E 11 -35.95 -0.97 25.08
CA VAL E 11 -36.57 0.08 25.88
C VAL E 11 -36.85 1.27 24.98
N SER E 12 -38.01 1.89 25.15
CA SER E 12 -38.41 3.06 24.37
C SER E 12 -38.94 4.12 25.31
N MET E 13 -38.45 5.35 25.16
CA MET E 13 -38.81 6.45 26.05
C MET E 13 -39.04 7.71 25.24
N PRO E 14 -39.92 8.61 25.70
CA PRO E 14 -40.07 9.91 25.06
C PRO E 14 -38.88 10.82 25.33
N VAL E 15 -38.77 11.86 24.50
CA VAL E 15 -37.70 12.84 24.65
C VAL E 15 -37.95 13.66 25.91
N ARG E 16 -36.87 14.16 26.50
CA ARG E 16 -36.85 15.00 27.70
C ARG E 16 -37.37 14.27 28.94
N LYS E 17 -37.59 12.97 28.86
CA LYS E 17 -37.93 12.15 30.01
C LYS E 17 -36.67 11.51 30.56
N ALA E 18 -36.84 10.57 31.48
CA ALA E 18 -35.73 9.82 32.04
C ALA E 18 -36.00 8.33 31.93
N VAL E 19 -34.93 7.56 31.74
CA VAL E 19 -35.03 6.11 31.58
C VAL E 19 -34.04 5.46 32.54
N THR E 20 -34.29 4.19 32.86
CA THR E 20 -33.44 3.43 33.76
C THR E 20 -33.21 2.04 33.18
N LEU E 21 -31.94 1.64 33.10
CA LEU E 21 -31.54 0.36 32.55
C LEU E 21 -30.88 -0.46 33.65
N ASN E 22 -31.30 -1.70 33.80
CA ASN E 22 -30.82 -2.57 34.88
C ASN E 22 -29.56 -3.30 34.45
N CYS E 23 -28.85 -3.82 35.46
CA CYS E 23 -27.67 -4.66 35.22
C CYS E 23 -27.47 -5.54 36.44
N LEU E 24 -27.77 -6.83 36.29
CA LEU E 24 -27.51 -7.80 37.33
C LEU E 24 -26.16 -8.48 37.10
N TYR E 25 -25.48 -8.81 38.19
CA TYR E 25 -24.15 -9.40 38.05
C TYR E 25 -23.81 -10.21 39.29
N GLU E 26 -22.95 -11.20 39.08
CA GLU E 26 -22.40 -12.01 40.16
C GLU E 26 -20.89 -12.01 40.04
N THR E 27 -20.21 -11.77 41.15
CA THR E 27 -18.77 -11.62 41.19
C THR E 27 -18.19 -12.49 42.31
N SER E 28 -16.86 -12.44 42.45
CA SER E 28 -16.17 -13.14 43.51
C SER E 28 -15.13 -12.29 44.23
N TRP E 29 -14.63 -11.23 43.62
CA TRP E 29 -13.58 -10.42 44.22
C TRP E 29 -14.14 -9.55 45.34
N TRP E 30 -13.24 -8.93 46.09
CA TRP E 30 -13.63 -8.01 47.15
C TRP E 30 -13.97 -6.64 46.58
N SER E 31 -13.01 -6.00 45.92
CA SER E 31 -13.20 -4.70 45.30
C SER E 31 -13.22 -4.88 43.78
N TYR E 32 -14.19 -4.25 43.12
CA TYR E 32 -14.35 -4.36 41.68
C TYR E 32 -14.70 -2.99 41.13
N TYR E 33 -15.06 -2.94 39.85
CA TYR E 33 -15.55 -1.72 39.24
C TYR E 33 -16.65 -2.06 38.25
N ILE E 34 -17.51 -1.08 37.98
CA ILE E 34 -18.60 -1.24 37.04
C ILE E 34 -18.60 -0.07 36.08
N PHE E 35 -18.53 -0.37 34.78
CA PHE E 35 -18.48 0.62 33.71
C PHE E 35 -19.71 0.48 32.84
N TRP E 36 -20.08 1.58 32.18
CA TRP E 36 -21.20 1.58 31.25
C TRP E 36 -20.71 2.10 29.90
N TYR E 37 -21.04 1.39 28.84
CA TYR E 37 -20.57 1.75 27.50
C TYR E 37 -21.75 1.89 26.56
N LYS E 38 -21.60 2.79 25.60
CA LYS E 38 -22.63 3.08 24.62
C LYS E 38 -22.11 2.73 23.23
N GLN E 39 -22.88 1.97 22.48
CA GLN E 39 -22.54 1.59 21.11
C GLN E 39 -23.55 2.25 20.18
N LEU E 40 -23.06 3.16 19.34
CA LEU E 40 -23.89 3.85 18.38
C LEU E 40 -24.25 2.89 17.26
N PRO E 41 -25.15 3.28 16.36
CA PRO E 41 -25.39 2.45 15.17
C PRO E 41 -24.15 2.32 14.29
N SER E 42 -23.15 3.17 14.45
CA SER E 42 -21.92 3.10 13.69
C SER E 42 -20.85 2.24 14.37
N LYS E 43 -21.22 1.48 15.39
CA LYS E 43 -20.31 0.56 16.07
C LYS E 43 -19.09 1.29 16.64
N GLU E 44 -19.36 2.15 17.61
CA GLU E 44 -18.32 2.93 18.28
C GLU E 44 -18.59 2.89 19.78
N MET E 45 -17.79 2.12 20.51
CA MET E 45 -17.99 1.98 21.95
C MET E 45 -17.48 3.22 22.64
N ILE E 46 -18.37 3.94 23.31
CA ILE E 46 -18.05 5.21 23.96
C ILE E 46 -18.27 5.07 25.45
N PHE E 47 -17.26 5.44 26.24
CA PHE E 47 -17.35 5.35 27.68
C PHE E 47 -18.40 6.32 28.23
N LEU E 48 -19.19 5.84 29.20
CA LEU E 48 -20.25 6.65 29.78
C LEU E 48 -19.99 6.98 31.25
N ILE E 49 -19.80 5.97 32.10
CA ILE E 49 -19.61 6.22 33.52
C ILE E 49 -18.91 5.01 34.13
N ARG E 50 -18.17 5.26 35.21
CA ARG E 50 -17.55 4.23 36.02
C ARG E 50 -17.86 4.49 37.48
N GLN E 51 -18.38 3.50 38.18
CA GLN E 51 -18.81 3.65 39.56
C GLN E 51 -17.85 2.90 40.48
N GLY E 52 -17.18 3.65 41.36
CA GLY E 52 -16.32 3.02 42.34
C GLY E 52 -17.12 2.16 43.30
N SER E 53 -16.67 0.92 43.50
CA SER E 53 -17.39 0.01 44.39
C SER E 53 -17.41 0.53 45.82
N ASP E 54 -16.30 1.08 46.29
CA ASP E 54 -16.18 1.59 47.64
C ASP E 54 -16.65 3.04 47.77
N GLU E 55 -17.10 3.64 46.67
CA GLU E 55 -17.51 5.03 46.64
C GLU E 55 -19.04 5.12 46.62
N GLN E 56 -19.53 6.36 46.73
CA GLN E 56 -20.96 6.63 46.73
C GLN E 56 -21.50 6.54 45.31
N ASN E 57 -22.78 6.87 45.14
CA ASN E 57 -23.41 6.84 43.83
C ASN E 57 -22.89 8.02 43.01
N ALA E 58 -21.94 7.75 42.12
CA ALA E 58 -21.32 8.80 41.33
C ALA E 58 -22.28 9.31 40.26
N LYS E 59 -22.16 10.59 39.95
CA LYS E 59 -22.96 11.24 38.92
C LYS E 59 -22.04 11.89 37.90
N SER E 60 -22.29 11.64 36.62
CA SER E 60 -21.49 12.21 35.54
C SER E 60 -22.45 12.72 34.47
N GLY E 61 -22.58 14.04 34.37
CA GLY E 61 -23.47 14.62 33.38
C GLY E 61 -24.90 14.18 33.61
N ARG E 62 -25.54 13.72 32.54
CA ARG E 62 -26.93 13.27 32.58
C ARG E 62 -27.06 11.81 33.00
N TYR E 63 -25.97 11.12 33.28
CA TYR E 63 -25.99 9.72 33.65
C TYR E 63 -25.75 9.59 35.15
N SER E 64 -26.56 8.75 35.80
CA SER E 64 -26.37 8.44 37.21
C SER E 64 -26.45 6.93 37.41
N VAL E 65 -25.85 6.46 38.50
CA VAL E 65 -25.84 5.04 38.84
C VAL E 65 -26.45 4.87 40.22
N ASN E 66 -27.39 3.94 40.34
CA ASN E 66 -28.02 3.61 41.62
C ASN E 66 -27.36 2.33 42.12
N PHE E 67 -26.30 2.48 42.89
CA PHE E 67 -25.48 1.35 43.32
C PHE E 67 -25.49 1.22 44.84
N LYS E 68 -25.71 0.01 45.33
CA LYS E 68 -25.58 -0.33 46.74
C LYS E 68 -24.67 -1.53 46.85
N LYS E 69 -23.78 -1.52 47.86
CA LYS E 69 -22.74 -2.54 47.95
C LYS E 69 -23.34 -3.94 48.10
N ALA E 70 -24.38 -4.07 48.91
CA ALA E 70 -25.04 -5.37 49.10
C ALA E 70 -26.12 -5.65 48.07
N ALA E 71 -26.44 -4.69 47.21
CA ALA E 71 -27.49 -4.89 46.21
C ALA E 71 -27.08 -5.92 45.18
N LYS E 72 -25.82 -5.92 44.77
CA LYS E 72 -25.34 -6.76 43.67
C LYS E 72 -26.11 -6.49 42.39
N SER E 73 -26.53 -5.24 42.20
CA SER E 73 -27.27 -4.82 41.02
C SER E 73 -27.20 -3.32 40.90
N VAL E 74 -26.74 -2.83 39.74
CA VAL E 74 -26.58 -1.42 39.49
C VAL E 74 -27.44 -1.03 38.30
N ALA E 75 -28.15 0.09 38.41
CA ALA E 75 -29.00 0.59 37.35
C ALA E 75 -28.50 1.96 36.91
N LEU E 76 -28.55 2.22 35.61
CA LEU E 76 -28.15 3.49 35.04
C LEU E 76 -29.40 4.31 34.71
N THR E 77 -29.44 5.53 35.24
CA THR E 77 -30.54 6.45 35.01
C THR E 77 -30.05 7.56 34.08
N ILE E 78 -30.70 7.69 32.93
CA ILE E 78 -30.42 8.75 31.97
C ILE E 78 -31.54 9.77 32.06
N SER E 79 -31.17 11.02 32.35
CA SER E 79 -32.13 12.10 32.50
C SER E 79 -32.07 13.02 31.30
N ALA E 80 -33.21 13.61 30.96
CA ALA E 80 -33.33 14.54 29.84
C ALA E 80 -32.82 13.90 28.55
N LEU E 81 -33.48 12.83 28.15
CA LEU E 81 -33.08 12.09 26.96
C LEU E 81 -33.11 12.99 25.72
N GLN E 82 -32.07 12.89 24.92
CA GLN E 82 -32.00 13.59 23.65
C GLN E 82 -32.56 12.68 22.57
N LEU E 83 -32.36 13.06 21.30
CA LEU E 83 -32.76 12.21 20.20
C LEU E 83 -31.62 11.34 19.66
N GLU E 84 -30.38 11.65 20.03
CA GLU E 84 -29.22 10.89 19.59
C GLU E 84 -28.83 9.81 20.57
N ASP E 85 -29.62 9.58 21.62
CA ASP E 85 -29.32 8.56 22.61
C ASP E 85 -29.85 7.19 22.23
N SER E 86 -30.53 7.06 21.10
CA SER E 86 -30.97 5.75 20.62
C SER E 86 -29.75 4.93 20.24
N ALA E 87 -29.39 3.97 21.09
CA ALA E 87 -28.14 3.25 20.92
C ALA E 87 -28.27 1.89 21.59
N LYS E 88 -27.16 1.21 21.79
CA LYS E 88 -27.11 -0.04 22.54
C LYS E 88 -26.24 0.19 23.78
N TYR E 89 -26.78 -0.09 24.95
CA TYR E 89 -26.08 0.15 26.20
C TYR E 89 -25.58 -1.17 26.77
N PHE E 90 -24.29 -1.22 27.05
CA PHE E 90 -23.62 -2.41 27.57
C PHE E 90 -23.14 -2.13 28.99
N CYS E 91 -23.38 -3.06 29.89
CA CYS E 91 -22.91 -2.97 31.27
C CYS E 91 -21.71 -3.90 31.42
N ALA E 92 -20.59 -3.36 31.89
CA ALA E 92 -19.35 -4.12 31.98
C ALA E 92 -18.88 -4.16 33.43
N LEU E 93 -18.45 -5.34 33.85
CA LEU E 93 -17.84 -5.53 35.15
C LEU E 93 -16.34 -5.67 34.97
N GLY E 94 -15.58 -4.94 35.78
CA GLY E 94 -14.14 -4.87 35.63
C GLY E 94 -13.42 -5.29 36.89
N ASP E 95 -12.42 -6.14 36.72
CA ASP E 95 -11.56 -6.54 37.82
C ASP E 95 -10.73 -5.35 38.29
N PRO E 96 -10.17 -5.41 39.51
CA PRO E 96 -9.34 -4.30 40.01
C PRO E 96 -8.33 -3.82 38.98
N GLY E 97 -8.43 -2.56 38.58
CA GLY E 97 -7.67 -1.99 37.49
C GLY E 97 -6.22 -1.70 37.78
N GLY E 98 -5.71 -2.09 38.95
CA GLY E 98 -4.30 -1.88 39.25
C GLY E 98 -3.39 -2.55 38.24
N LEU E 99 -3.77 -3.74 37.79
CA LEU E 99 -3.04 -4.41 36.73
C LEU E 99 -3.55 -3.95 35.36
N ASN E 100 -2.81 -4.32 34.32
CA ASN E 100 -3.14 -3.92 32.96
C ASN E 100 -3.70 -5.06 32.13
N THR E 101 -3.56 -6.30 32.57
CA THR E 101 -4.14 -7.46 31.90
C THR E 101 -5.64 -7.57 32.13
N ASP E 102 -6.15 -6.94 33.18
CA ASP E 102 -7.55 -7.09 33.55
C ASP E 102 -8.48 -6.71 32.42
N LYS E 103 -9.48 -7.55 32.19
CA LYS E 103 -10.46 -7.37 31.13
C LYS E 103 -11.79 -6.93 31.71
N LEU E 104 -12.65 -6.42 30.83
CA LEU E 104 -14.03 -6.09 31.18
C LEU E 104 -14.93 -7.18 30.62
N ILE E 105 -15.82 -7.70 31.47
CA ILE E 105 -16.80 -8.68 31.04
C ILE E 105 -18.13 -7.97 30.86
N PHE E 106 -18.64 -7.99 29.63
CA PHE E 106 -19.84 -7.25 29.25
C PHE E 106 -21.06 -8.16 29.29
N GLY E 107 -22.23 -7.53 29.39
CA GLY E 107 -23.49 -8.22 29.25
C GLY E 107 -24.00 -8.21 27.83
N LYS E 108 -25.15 -8.86 27.63
CA LYS E 108 -25.75 -8.90 26.31
C LYS E 108 -26.16 -7.52 25.82
N GLY E 109 -26.36 -6.57 26.74
CA GLY E 109 -26.65 -5.20 26.35
C GLY E 109 -28.09 -4.96 25.98
N THR E 110 -28.65 -3.86 26.47
CA THR E 110 -30.01 -3.46 26.13
C THR E 110 -29.97 -2.44 25.00
N ARG E 111 -31.14 -2.12 24.46
CA ARG E 111 -31.26 -1.14 23.39
C ARG E 111 -32.17 -0.03 23.86
N VAL E 112 -31.81 1.22 23.53
CA VAL E 112 -32.57 2.39 23.95
C VAL E 112 -33.01 3.14 22.70
N THR E 113 -34.31 3.44 22.64
CA THR E 113 -34.88 4.24 21.56
C THR E 113 -35.64 5.42 22.18
N VAL E 114 -35.58 6.56 21.50
CA VAL E 114 -36.20 7.79 21.98
C VAL E 114 -37.25 8.21 20.95
N GLU E 115 -38.52 8.00 21.28
CA GLU E 115 -39.61 8.47 20.43
C GLU E 115 -39.92 9.93 20.73
N PRO E 116 -40.55 10.63 19.77
CA PRO E 116 -40.95 12.01 20.03
C PRO E 116 -41.92 12.10 21.19
N ARG E 117 -41.88 13.24 21.88
CA ARG E 117 -42.75 13.45 23.03
C ARG E 117 -44.21 13.30 22.65
N SER E 118 -45.05 13.06 23.65
CA SER E 118 -46.48 12.91 23.40
C SER E 118 -47.03 14.18 22.78
N GLN E 119 -47.61 14.06 21.60
CA GLN E 119 -47.94 15.20 20.75
C GLN E 119 -49.37 15.12 20.27
N PRO E 120 -49.96 16.24 19.92
CA PRO E 120 -51.27 16.21 19.25
C PRO E 120 -51.16 15.64 17.85
N HIS E 121 -52.27 15.10 17.37
CA HIS E 121 -52.29 14.47 16.07
C HIS E 121 -52.03 15.50 14.97
N THR E 122 -51.48 15.02 13.85
CA THR E 122 -51.22 15.85 12.69
C THR E 122 -51.60 15.07 11.44
N LYS E 123 -52.25 15.73 10.50
CA LYS E 123 -52.58 15.09 9.24
C LYS E 123 -51.34 15.06 8.36
N PRO E 124 -50.90 13.88 7.91
CA PRO E 124 -49.68 13.81 7.10
C PRO E 124 -49.94 14.16 5.65
N SER E 125 -48.90 14.66 5.00
CA SER E 125 -48.97 14.98 3.57
C SER E 125 -48.37 13.86 2.75
N VAL E 126 -49.04 13.50 1.67
CA VAL E 126 -48.69 12.33 0.86
C VAL E 126 -48.22 12.78 -0.50
N PHE E 127 -47.11 12.23 -0.96
CA PHE E 127 -46.57 12.51 -2.28
C PHE E 127 -46.03 11.22 -2.89
N VAL E 128 -45.81 11.25 -4.20
CA VAL E 128 -45.33 10.09 -4.94
C VAL E 128 -44.15 10.51 -5.80
N MET E 129 -43.07 9.73 -5.74
CA MET E 129 -41.90 9.92 -6.59
C MET E 129 -41.67 8.65 -7.40
N LYS E 130 -41.08 8.81 -8.59
CA LYS E 130 -40.88 7.67 -9.46
C LYS E 130 -39.72 7.96 -10.41
N ASN E 131 -38.81 7.00 -10.55
CA ASN E 131 -37.75 7.03 -11.54
C ASN E 131 -37.54 5.61 -12.03
N GLY E 132 -38.08 5.31 -13.20
CA GLY E 132 -38.10 3.93 -13.66
C GLY E 132 -39.28 3.17 -13.07
N THR E 133 -39.14 1.85 -13.03
CA THR E 133 -40.20 1.00 -12.49
C THR E 133 -40.37 1.16 -11.00
N ASN E 134 -39.38 1.72 -10.31
CA ASN E 134 -39.48 1.91 -8.87
C ASN E 134 -40.45 3.04 -8.54
N VAL E 135 -41.21 2.87 -7.46
CA VAL E 135 -42.17 3.87 -7.01
C VAL E 135 -41.95 4.08 -5.52
N ALA E 136 -41.91 5.35 -5.10
CA ALA E 136 -41.74 5.72 -3.71
C ALA E 136 -42.93 6.54 -3.25
N CYS E 137 -43.55 6.10 -2.15
CA CYS E 137 -44.64 6.83 -1.51
C CYS E 137 -44.09 7.52 -0.27
N LEU E 138 -44.23 8.83 -0.19
CA LEU E 138 -43.68 9.63 0.89
C LEU E 138 -44.83 10.20 1.72
N VAL E 139 -44.76 10.00 3.04
CA VAL E 139 -45.74 10.50 3.98
C VAL E 139 -45.01 11.36 5.00
N LYS E 140 -45.49 12.57 5.22
CA LYS E 140 -44.75 13.55 6.01
C LYS E 140 -45.58 14.05 7.19
N GLU E 141 -44.90 14.17 8.35
CA GLU E 141 -45.36 14.96 9.49
C GLU E 141 -46.67 14.45 10.05
N PHE E 142 -46.65 13.21 10.54
CA PHE E 142 -47.75 12.63 11.28
C PHE E 142 -47.21 12.13 12.62
N TYR E 143 -47.86 12.51 13.71
CA TYR E 143 -47.34 12.10 15.00
C TYR E 143 -47.72 10.66 15.37
N PRO E 144 -48.98 10.26 15.26
CA PRO E 144 -49.33 8.87 15.63
C PRO E 144 -48.64 7.87 14.71
N LYS E 145 -47.83 7.00 15.32
CA LYS E 145 -47.08 6.02 14.53
C LYS E 145 -48.00 5.10 13.74
N ASP E 146 -49.22 4.87 14.23
CA ASP E 146 -50.15 3.97 13.58
C ASP E 146 -50.49 4.48 12.18
N ILE E 147 -50.02 3.77 11.15
CA ILE E 147 -50.19 4.20 9.78
C ILE E 147 -50.18 2.97 8.89
N ARG E 148 -50.87 3.06 7.75
CA ARG E 148 -50.97 1.94 6.81
C ARG E 148 -50.91 2.51 5.40
N ILE E 149 -49.70 2.60 4.85
CA ILE E 149 -49.53 3.07 3.48
C ILE E 149 -49.88 1.93 2.53
N ASN E 150 -50.80 2.19 1.61
CA ASN E 150 -51.23 1.21 0.61
C ASN E 150 -50.96 1.77 -0.77
N LEU E 151 -50.26 1.01 -1.60
CA LEU E 151 -50.02 1.38 -2.98
C LEU E 151 -51.00 0.59 -3.85
N VAL E 152 -51.85 1.31 -4.58
CA VAL E 152 -52.87 0.71 -5.42
C VAL E 152 -52.37 0.71 -6.86
N SER E 153 -52.24 -0.48 -7.42
CA SER E 153 -51.81 -0.68 -8.80
C SER E 153 -52.23 -2.09 -9.20
N SER E 154 -51.70 -2.58 -10.32
CA SER E 154 -52.13 -3.85 -10.89
C SER E 154 -51.02 -4.89 -11.04
N LYS E 155 -49.77 -4.47 -11.15
CA LYS E 155 -48.66 -5.38 -11.46
C LYS E 155 -47.55 -5.19 -10.42
N LYS E 156 -47.92 -5.30 -9.15
CA LYS E 156 -46.93 -5.27 -8.08
C LYS E 156 -45.97 -6.45 -8.24
N ILE E 157 -44.71 -6.18 -8.59
CA ILE E 157 -43.76 -7.29 -8.70
C ILE E 157 -43.09 -7.59 -7.37
N THR E 158 -42.53 -6.58 -6.70
CA THR E 158 -41.98 -6.76 -5.37
C THR E 158 -42.37 -5.58 -4.49
N GLU E 159 -42.46 -5.85 -3.19
CA GLU E 159 -42.85 -4.84 -2.21
C GLU E 159 -41.87 -4.83 -1.06
N PHE E 160 -41.68 -3.66 -0.47
CA PHE E 160 -40.79 -3.48 0.67
C PHE E 160 -41.56 -2.86 1.82
N ASP E 161 -41.27 -3.31 3.03
CA ASP E 161 -41.97 -2.81 4.20
C ASP E 161 -41.67 -1.32 4.38
N PRO E 162 -42.66 -0.51 4.74
CA PRO E 162 -42.42 0.93 4.87
C PRO E 162 -41.41 1.23 5.97
N ALA E 163 -40.61 2.27 5.73
CA ALA E 163 -39.64 2.73 6.71
C ALA E 163 -40.18 3.99 7.37
N ILE E 164 -40.29 3.96 8.70
CA ILE E 164 -40.86 5.04 9.49
C ILE E 164 -39.77 5.56 10.41
N VAL E 165 -39.48 6.86 10.30
CA VAL E 165 -38.38 7.48 11.03
C VAL E 165 -38.86 8.76 11.69
N ILE E 166 -38.07 9.22 12.65
CA ILE E 166 -38.30 10.50 13.30
C ILE E 166 -37.72 11.62 12.45
N SER E 167 -38.38 12.77 12.45
CA SER E 167 -37.96 13.91 11.67
C SER E 167 -37.33 14.97 12.57
N PRO E 168 -36.53 15.87 12.00
CA PRO E 168 -36.01 16.99 12.80
C PRO E 168 -37.10 17.89 13.34
N SER E 169 -38.29 17.91 12.73
CA SER E 169 -39.39 18.72 13.23
C SER E 169 -40.04 18.13 14.47
N GLY E 170 -39.74 16.88 14.80
CA GLY E 170 -40.34 16.23 15.95
C GLY E 170 -41.48 15.29 15.64
N LYS E 171 -41.77 15.04 14.37
CA LYS E 171 -42.84 14.13 13.97
C LYS E 171 -42.24 13.03 13.10
N TYR E 172 -43.10 12.22 12.49
CA TYR E 172 -42.70 11.03 11.78
C TYR E 172 -42.76 11.21 10.27
N ASN E 173 -41.76 10.68 9.58
CA ASN E 173 -41.74 10.61 8.12
C ASN E 173 -41.67 9.14 7.72
N ALA E 174 -42.50 8.75 6.77
CA ALA E 174 -42.55 7.38 6.29
C ALA E 174 -42.29 7.35 4.79
N VAL E 175 -41.59 6.32 4.35
CA VAL E 175 -41.33 6.13 2.92
C VAL E 175 -41.51 4.65 2.61
N LYS E 176 -42.29 4.36 1.57
CA LYS E 176 -42.53 2.99 1.13
C LYS E 176 -42.08 2.83 -0.32
N LEU E 177 -41.32 1.78 -0.61
CA LEU E 177 -40.77 1.56 -1.93
C LEU E 177 -41.33 0.28 -2.54
N GLY E 178 -41.69 0.35 -3.83
CA GLY E 178 -42.25 -0.79 -4.53
C GLY E 178 -41.79 -0.83 -5.97
N LYS E 179 -42.02 -1.99 -6.58
CA LYS E 179 -41.69 -2.23 -7.98
C LYS E 179 -42.97 -2.44 -8.76
N TYR E 180 -43.18 -1.61 -9.78
CA TYR E 180 -44.42 -1.56 -10.54
C TYR E 180 -44.10 -1.36 -12.01
N GLU E 181 -44.74 -2.14 -12.88
CA GLU E 181 -44.58 -1.95 -14.31
C GLU E 181 -45.22 -0.64 -14.76
N ASP E 182 -46.42 -0.35 -14.26
CA ASP E 182 -47.14 0.88 -14.59
C ASP E 182 -46.75 1.92 -13.55
N SER E 183 -45.65 2.63 -13.81
CA SER E 183 -45.11 3.57 -12.84
C SER E 183 -46.09 4.72 -12.58
N ASN E 184 -46.71 5.24 -13.63
CA ASN E 184 -47.59 6.39 -13.52
C ASN E 184 -49.03 6.03 -13.18
N SER E 185 -49.35 4.74 -13.10
CA SER E 185 -50.71 4.28 -12.80
C SER E 185 -50.89 3.87 -11.36
N VAL E 186 -49.94 4.18 -10.49
CA VAL E 186 -50.03 3.82 -9.08
C VAL E 186 -50.67 4.97 -8.30
N THR E 187 -51.36 4.61 -7.21
CA THR E 187 -51.93 5.60 -6.30
C THR E 187 -51.53 5.25 -4.88
N CYS E 188 -51.59 6.24 -4.00
CA CYS E 188 -51.21 6.08 -2.61
C CYS E 188 -52.39 6.38 -1.70
N SER E 189 -52.61 5.50 -0.72
CA SER E 189 -53.67 5.68 0.27
C SER E 189 -53.09 5.54 1.66
N VAL E 190 -53.40 6.49 2.53
CA VAL E 190 -52.92 6.49 3.91
C VAL E 190 -54.13 6.41 4.82
N GLN E 191 -54.18 5.34 5.62
CA GLN E 191 -55.24 5.15 6.61
C GLN E 191 -54.72 5.56 7.98
N HIS E 192 -54.63 6.86 8.21
CA HIS E 192 -54.03 7.39 9.42
C HIS E 192 -55.08 8.05 10.29
N ASP E 193 -55.12 7.67 11.57
CA ASP E 193 -56.00 8.28 12.55
C ASP E 193 -57.45 8.22 12.11
N ASN E 194 -57.86 7.07 11.57
CA ASN E 194 -59.22 6.80 11.09
C ASN E 194 -59.56 7.62 9.85
N LYS E 195 -58.65 8.44 9.34
CA LYS E 195 -58.90 9.29 8.19
C LYS E 195 -58.07 8.83 6.99
N THR E 196 -58.62 9.01 5.81
CA THR E 196 -58.02 8.54 4.56
C THR E 196 -57.43 9.72 3.80
N VAL E 197 -56.18 9.58 3.37
CA VAL E 197 -55.51 10.60 2.56
C VAL E 197 -55.01 9.96 1.27
N HIS E 198 -55.31 10.59 0.14
CA HIS E 198 -54.85 10.13 -1.15
C HIS E 198 -53.77 11.07 -1.70
N SER E 199 -52.96 10.52 -2.60
CA SER E 199 -51.85 11.29 -3.15
C SER E 199 -52.33 12.42 -4.06
N THR E 200 -53.47 12.25 -4.71
CA THR E 200 -54.00 13.23 -5.64
C THR E 200 -54.75 14.37 -4.97
N ASP E 201 -54.95 14.30 -3.64
CA ASP E 201 -55.67 15.36 -2.93
C ASP E 201 -54.90 16.66 -2.87
N PHE E 202 -53.62 16.66 -3.24
CA PHE E 202 -52.81 17.86 -3.21
C PHE E 202 -52.43 18.38 -4.59
N GLU E 203 -52.56 17.55 -5.63
CA GLU E 203 -52.25 17.98 -6.99
C GLU E 203 -53.25 19.00 -7.50
N GLY F 7 -13.97 6.07 11.13
CA GLY F 7 -12.97 5.08 10.74
C GLY F 7 -13.51 3.68 10.62
N THR F 8 -14.83 3.55 10.69
CA THR F 8 -15.47 2.24 10.59
C THR F 8 -15.24 1.64 9.21
N LYS F 9 -15.17 0.32 9.16
CA LYS F 9 -14.87 -0.39 7.93
C LYS F 9 -15.39 -1.82 8.04
N SER F 10 -15.43 -2.50 6.90
CA SER F 10 -15.81 -3.90 6.85
C SER F 10 -14.82 -4.66 5.99
N VAL F 11 -14.59 -5.92 6.35
CA VAL F 11 -13.67 -6.80 5.63
C VAL F 11 -14.39 -8.12 5.37
N THR F 12 -14.54 -8.48 4.11
CA THR F 12 -15.19 -9.72 3.72
C THR F 12 -14.15 -10.69 3.17
N ARG F 13 -14.20 -11.94 3.65
CA ARG F 13 -13.21 -12.93 3.26
C ARG F 13 -13.87 -14.29 3.07
N PRO F 14 -13.31 -15.14 2.23
CA PRO F 14 -13.85 -16.49 2.04
C PRO F 14 -13.42 -17.41 3.17
N THR F 15 -13.90 -18.65 3.11
CA THR F 15 -13.47 -19.66 4.06
C THR F 15 -12.03 -20.08 3.76
N ARG F 16 -11.31 -20.42 4.83
CA ARG F 16 -9.92 -20.88 4.81
C ARG F 16 -8.94 -19.79 4.42
N SER F 17 -9.39 -18.57 4.15
CA SER F 17 -8.49 -17.48 3.80
C SER F 17 -7.91 -16.87 5.08
N SER F 18 -7.26 -15.73 4.94
CA SER F 18 -6.73 -15.00 6.08
C SER F 18 -7.22 -13.56 6.02
N ALA F 19 -7.47 -12.98 7.20
CA ALA F 19 -8.04 -11.64 7.28
C ALA F 19 -7.17 -10.74 8.13
N GLU F 20 -7.17 -9.46 7.80
CA GLU F 20 -6.43 -8.43 8.52
C GLU F 20 -7.42 -7.42 9.07
N ILE F 21 -7.26 -7.07 10.35
CA ILE F 21 -8.10 -6.10 11.01
C ILE F 21 -7.20 -5.02 11.62
N THR F 22 -7.44 -3.77 11.25
CA THR F 22 -6.59 -2.66 11.65
C THR F 22 -7.01 -2.11 13.00
N CYS F 23 -6.03 -1.60 13.74
CA CYS F 23 -6.25 -0.97 15.04
C CYS F 23 -6.26 0.54 14.85
N ASP F 24 -7.41 1.17 15.14
CA ASP F 24 -7.57 2.60 14.90
C ASP F 24 -7.03 3.46 16.02
N LEU F 25 -6.58 2.86 17.12
CA LEU F 25 -6.04 3.65 18.23
C LEU F 25 -4.75 4.34 17.81
N THR F 26 -4.64 5.62 18.13
CA THR F 26 -3.42 6.39 17.90
C THR F 26 -2.65 6.63 19.20
N VAL F 27 -2.85 5.77 20.19
CA VAL F 27 -2.20 5.96 21.48
C VAL F 27 -0.69 5.79 21.34
N ILE F 28 0.03 6.31 22.33
CA ILE F 28 1.49 6.33 22.32
C ILE F 28 1.98 5.73 23.62
N ASN F 29 3.15 5.09 23.55
CA ASN F 29 3.80 4.40 24.67
C ASN F 29 2.81 3.50 25.44
N ALA F 30 2.02 2.76 24.68
CA ALA F 30 1.14 1.78 25.27
C ALA F 30 1.94 0.55 25.73
N PHE F 31 1.34 -0.21 26.64
CA PHE F 31 1.98 -1.41 27.16
C PHE F 31 1.24 -2.70 26.83
N TYR F 32 -0.08 -2.68 26.70
CA TYR F 32 -0.84 -3.84 26.29
C TYR F 32 -1.95 -3.41 25.35
N ILE F 33 -2.30 -4.29 24.43
CA ILE F 33 -3.35 -4.01 23.44
C ILE F 33 -4.31 -5.20 23.45
N HIS F 34 -5.51 -4.98 23.96
CA HIS F 34 -6.50 -6.05 24.04
C HIS F 34 -7.38 -6.03 22.81
N TRP F 35 -7.88 -7.21 22.43
CA TRP F 35 -8.73 -7.34 21.26
C TRP F 35 -10.05 -7.98 21.66
N TYR F 36 -11.16 -7.36 21.27
CA TYR F 36 -12.49 -7.78 21.67
C TYR F 36 -13.31 -8.19 20.46
N LEU F 37 -14.04 -9.28 20.58
CA LEU F 37 -14.97 -9.74 19.56
C LEU F 37 -16.40 -9.50 20.04
N HIS F 38 -17.22 -8.93 19.17
CA HIS F 38 -18.62 -8.69 19.46
C HIS F 38 -19.44 -9.28 18.31
N GLN F 39 -20.08 -10.41 18.56
CA GLN F 39 -20.91 -11.03 17.55
C GLN F 39 -22.30 -10.40 17.60
N GLU F 40 -23.26 -10.99 16.92
CA GLU F 40 -24.63 -10.49 16.95
C GLU F 40 -25.44 -11.23 18.01
N GLY F 41 -26.13 -10.48 18.85
CA GLY F 41 -26.92 -11.08 19.90
C GLY F 41 -26.14 -11.62 21.08
N LYS F 42 -24.84 -11.39 21.12
CA LYS F 42 -23.99 -11.92 22.18
C LYS F 42 -23.14 -10.80 22.76
N ALA F 43 -22.71 -11.01 24.00
CA ALA F 43 -21.92 -10.00 24.69
C ALA F 43 -20.53 -9.89 24.09
N PRO F 44 -19.93 -8.71 24.11
CA PRO F 44 -18.52 -8.58 23.72
C PRO F 44 -17.63 -9.39 24.65
N GLN F 45 -16.64 -10.05 24.06
CA GLN F 45 -15.72 -10.88 24.83
C GLN F 45 -14.31 -10.71 24.30
N ARG F 46 -13.34 -10.67 25.20
CA ARG F 46 -11.95 -10.50 24.81
C ARG F 46 -11.38 -11.78 24.26
N LEU F 47 -10.66 -11.67 23.14
CA LEU F 47 -10.02 -12.81 22.50
C LEU F 47 -8.56 -12.99 22.91
N LEU F 48 -7.81 -11.89 23.04
CA LEU F 48 -6.39 -11.97 23.34
C LEU F 48 -5.89 -10.60 23.74
N TYR F 49 -4.66 -10.55 24.23
CA TYR F 49 -4.02 -9.27 24.50
C TYR F 49 -2.53 -9.36 24.20
N TYR F 50 -2.04 -8.34 23.50
CA TYR F 50 -0.67 -8.31 23.00
C TYR F 50 0.18 -7.46 23.93
N ASP F 51 1.25 -8.04 24.45
CA ASP F 51 2.23 -7.33 25.26
C ASP F 51 3.30 -6.78 24.33
N VAL F 52 3.45 -5.45 24.32
CA VAL F 52 4.45 -4.82 23.46
C VAL F 52 5.79 -4.64 24.15
N SER F 53 5.83 -4.76 25.48
CA SER F 53 7.12 -4.73 26.16
C SER F 53 7.98 -5.92 25.77
N ASN F 54 7.37 -7.11 25.65
CA ASN F 54 8.07 -8.32 25.25
C ASN F 54 7.64 -8.80 23.86
N SER F 55 6.69 -8.13 23.22
CA SER F 55 6.21 -8.49 21.89
C SER F 55 5.72 -9.95 21.86
N LYS F 56 4.66 -10.21 22.63
CA LYS F 56 4.10 -11.55 22.72
C LYS F 56 2.60 -11.44 22.97
N ASP F 57 1.81 -12.17 22.20
CA ASP F 57 0.36 -12.14 22.34
C ASP F 57 -0.09 -13.31 23.20
N VAL F 58 -0.91 -13.02 24.21
CA VAL F 58 -1.44 -14.03 25.12
C VAL F 58 -2.91 -14.26 24.78
N LEU F 59 -3.26 -15.51 24.56
CA LEU F 59 -4.62 -15.88 24.20
C LEU F 59 -5.40 -16.29 25.44
N GLU F 60 -6.70 -15.98 25.43
CA GLU F 60 -7.59 -16.42 26.49
C GLU F 60 -7.70 -17.94 26.48
N SER F 61 -7.89 -18.50 27.68
CA SER F 61 -7.96 -19.95 27.81
C SER F 61 -9.12 -20.51 27.01
N GLY F 62 -8.86 -21.59 26.27
CA GLY F 62 -9.86 -22.20 25.44
C GLY F 62 -9.74 -21.92 23.95
N LEU F 63 -8.68 -21.25 23.52
CA LEU F 63 -8.48 -20.91 22.12
C LEU F 63 -7.29 -21.67 21.56
N SER F 64 -7.43 -22.12 20.32
CA SER F 64 -6.39 -22.91 19.68
C SER F 64 -5.23 -22.00 19.26
N PRO F 65 -4.00 -22.26 19.71
CA PRO F 65 -2.87 -21.46 19.25
C PRO F 65 -2.63 -21.64 17.76
N GLY F 66 -2.09 -20.61 17.14
CA GLY F 66 -1.85 -20.61 15.71
C GLY F 66 -2.99 -20.06 14.88
N LYS F 67 -3.98 -19.44 15.50
CA LYS F 67 -5.13 -18.87 14.81
C LYS F 67 -5.07 -17.35 14.70
N TYR F 68 -4.57 -16.67 15.73
CA TYR F 68 -4.48 -15.22 15.75
C TYR F 68 -3.02 -14.78 15.73
N TYR F 69 -2.83 -13.46 15.64
CA TYR F 69 -1.52 -12.83 15.60
C TYR F 69 -1.74 -11.33 15.67
N THR F 70 -0.76 -10.63 16.23
CA THR F 70 -0.83 -9.17 16.35
C THR F 70 0.38 -8.58 15.65
N HIS F 71 0.25 -8.38 14.34
CA HIS F 71 1.31 -7.75 13.56
C HIS F 71 1.51 -6.31 14.03
N THR F 72 2.77 -5.87 13.99
CA THR F 72 3.13 -4.49 14.33
C THR F 72 4.01 -3.95 13.21
N PRO F 73 3.41 -3.62 12.06
CA PRO F 73 4.22 -3.22 10.90
C PRO F 73 5.08 -2.00 11.16
N ARG F 74 4.60 -1.05 11.95
CA ARG F 74 5.38 0.14 12.26
C ARG F 74 5.44 0.36 13.76
N ARG F 75 5.92 1.52 14.19
CA ARG F 75 5.85 1.89 15.59
C ARG F 75 4.46 2.39 15.91
N TRP F 76 3.86 1.84 16.98
CA TRP F 76 2.52 2.23 17.43
C TRP F 76 1.48 2.06 16.33
N SER F 77 1.48 0.87 15.72
CA SER F 77 0.47 0.49 14.75
C SER F 77 0.32 -1.02 14.79
N TRP F 78 -0.90 -1.49 15.03
CA TRP F 78 -1.14 -2.91 15.25
C TRP F 78 -2.19 -3.42 14.28
N ILE F 79 -2.07 -4.70 13.94
CA ILE F 79 -2.97 -5.37 13.01
C ILE F 79 -3.18 -6.80 13.50
N LEU F 80 -4.43 -7.25 13.54
CA LEU F 80 -4.74 -8.62 13.92
C LEU F 80 -4.93 -9.45 12.66
N ILE F 81 -4.32 -10.63 12.64
CA ILE F 81 -4.32 -11.52 11.48
C ILE F 81 -4.99 -12.81 11.87
N LEU F 82 -5.97 -13.24 11.08
CA LEU F 82 -6.74 -14.44 11.35
C LEU F 82 -6.54 -15.44 10.23
N ARG F 83 -6.23 -16.69 10.59
CA ARG F 83 -6.14 -17.79 9.65
C ARG F 83 -7.40 -18.64 9.71
N ASN F 84 -7.54 -19.52 8.72
CA ASN F 84 -8.57 -20.56 8.69
C ASN F 84 -9.95 -20.00 9.01
N LEU F 85 -10.31 -18.95 8.28
CA LEU F 85 -11.59 -18.29 8.53
C LEU F 85 -12.75 -19.23 8.22
N ILE F 86 -13.71 -19.27 9.14
CA ILE F 86 -14.94 -20.04 8.98
C ILE F 86 -16.10 -19.14 9.36
N GLU F 87 -17.32 -19.64 9.12
CA GLU F 87 -18.52 -18.81 9.31
C GLU F 87 -18.55 -18.15 10.68
N ASN F 88 -18.15 -18.88 11.72
CA ASN F 88 -18.22 -18.36 13.08
C ASN F 88 -17.32 -17.14 13.30
N ASP F 89 -16.33 -16.91 12.44
CA ASP F 89 -15.38 -15.84 12.66
C ASP F 89 -15.96 -14.45 12.44
N SER F 90 -17.16 -14.34 11.88
CA SER F 90 -17.72 -13.03 11.60
C SER F 90 -18.09 -12.31 12.89
N GLY F 91 -18.19 -10.99 12.79
CA GLY F 91 -18.55 -10.18 13.94
C GLY F 91 -17.98 -8.78 13.80
N VAL F 92 -17.71 -8.16 14.94
CA VAL F 92 -17.04 -6.87 15.00
C VAL F 92 -15.83 -7.01 15.90
N TYR F 93 -14.71 -6.41 15.50
CA TYR F 93 -13.48 -6.51 16.26
C TYR F 93 -13.06 -5.13 16.75
N TYR F 94 -12.80 -5.01 18.05
CA TYR F 94 -12.42 -3.78 18.70
C TYR F 94 -10.99 -3.87 19.20
N CYS F 95 -10.21 -2.83 18.97
CA CYS F 95 -8.87 -2.70 19.50
C CYS F 95 -8.93 -1.76 20.70
N ALA F 96 -8.61 -2.26 21.89
CA ALA F 96 -8.82 -1.52 23.12
C ALA F 96 -7.55 -1.48 23.96
N THR F 97 -7.49 -0.52 24.86
CA THR F 97 -6.36 -0.43 25.78
C THR F 97 -6.75 0.41 27.00
N TRP F 98 -6.23 0.01 28.16
CA TRP F 98 -6.38 0.82 29.35
C TRP F 98 -5.54 2.08 29.23
N ASP F 99 -5.81 3.05 30.12
CA ASP F 99 -5.03 4.27 30.18
C ASP F 99 -4.34 4.36 31.54
N ARG F 100 -3.08 4.78 31.52
CA ARG F 100 -2.24 4.82 32.71
C ARG F 100 -2.03 6.26 33.15
N GLY F 101 -2.28 6.53 34.42
CA GLY F 101 -2.01 7.83 35.00
C GLY F 101 -3.10 8.84 34.73
N ASN F 102 -3.13 9.85 35.58
CA ASN F 102 -4.09 10.95 35.51
C ASN F 102 -3.74 11.96 36.59
N PRO F 103 -4.12 13.23 36.42
CA PRO F 103 -3.97 14.18 37.53
C PRO F 103 -4.68 13.74 38.79
N LYS F 104 -5.85 13.12 38.64
CA LYS F 104 -6.52 12.39 39.70
C LYS F 104 -6.61 10.93 39.26
N THR F 105 -5.98 10.04 40.04
CA THR F 105 -5.75 8.68 39.57
C THR F 105 -7.05 7.89 39.52
N HIS F 106 -7.89 8.21 38.54
CA HIS F 106 -9.17 7.54 38.39
C HIS F 106 -9.02 6.15 37.78
N TYR F 107 -8.10 5.98 36.82
CA TYR F 107 -8.10 4.83 35.92
C TYR F 107 -9.48 4.72 35.28
N TYR F 108 -10.00 5.87 34.85
CA TYR F 108 -11.44 6.04 34.66
C TYR F 108 -11.99 5.08 33.60
N LYS F 109 -11.30 4.94 32.48
CA LYS F 109 -11.90 4.30 31.32
C LYS F 109 -10.93 3.30 30.72
N LYS F 110 -11.42 2.59 29.71
CA LYS F 110 -10.61 1.73 28.86
C LYS F 110 -10.89 2.15 27.43
N LEU F 111 -9.95 2.89 26.83
CA LEU F 111 -10.16 3.46 25.51
C LEU F 111 -10.41 2.35 24.50
N PHE F 112 -11.43 2.53 23.68
CA PHE F 112 -11.88 1.53 22.71
C PHE F 112 -11.71 2.06 21.31
N GLY F 113 -11.46 1.15 20.36
CA GLY F 113 -11.24 1.53 18.99
C GLY F 113 -12.52 1.84 18.25
N SER F 114 -12.38 2.06 16.94
CA SER F 114 -13.52 2.36 16.10
C SER F 114 -14.30 1.12 15.67
N GLY F 115 -13.72 -0.06 15.85
CA GLY F 115 -14.43 -1.29 15.53
C GLY F 115 -14.46 -1.56 14.04
N THR F 116 -14.14 -2.79 13.65
CA THR F 116 -14.13 -3.18 12.24
C THR F 116 -14.99 -4.41 12.07
N THR F 117 -15.97 -4.35 11.17
CA THR F 117 -16.81 -5.51 10.92
C THR F 117 -16.07 -6.50 10.06
N LEU F 118 -16.22 -7.78 10.38
CA LEU F 118 -15.65 -8.85 9.57
C LEU F 118 -16.76 -9.81 9.18
N VAL F 119 -16.85 -10.10 7.89
CA VAL F 119 -17.81 -11.04 7.34
C VAL F 119 -17.05 -12.16 6.65
N VAL F 120 -17.41 -13.40 6.96
CA VAL F 120 -16.83 -14.58 6.32
C VAL F 120 -17.92 -15.23 5.50
N THR F 121 -17.67 -15.37 4.20
CA THR F 121 -18.64 -15.95 3.27
C THR F 121 -17.98 -17.09 2.53
N ASP F 122 -18.73 -17.69 1.59
CA ASP F 122 -18.10 -18.61 0.65
C ASP F 122 -17.18 -17.87 -0.29
N LYS F 123 -17.66 -16.77 -0.87
CA LYS F 123 -16.85 -15.85 -1.67
C LYS F 123 -16.19 -16.57 -2.85
N GLN F 124 -16.91 -17.54 -3.42
CA GLN F 124 -16.51 -18.14 -4.69
C GLN F 124 -17.56 -17.95 -5.78
N LEU F 125 -18.85 -18.01 -5.43
CA LEU F 125 -19.93 -17.70 -6.35
C LEU F 125 -20.30 -16.23 -6.33
N ASP F 126 -19.61 -15.41 -5.54
CA ASP F 126 -19.94 -13.99 -5.42
C ASP F 126 -19.60 -13.25 -6.71
N ALA F 127 -20.57 -12.48 -7.20
CA ALA F 127 -20.36 -11.63 -8.36
C ALA F 127 -20.03 -10.22 -7.89
N ASP F 128 -20.00 -9.27 -8.83
CA ASP F 128 -19.76 -7.88 -8.47
C ASP F 128 -20.96 -7.36 -7.67
N VAL F 129 -20.69 -6.90 -6.44
CA VAL F 129 -21.76 -6.53 -5.52
C VAL F 129 -21.58 -5.10 -5.03
N SER F 130 -20.96 -4.26 -5.86
CA SER F 130 -20.87 -2.85 -5.53
C SER F 130 -22.26 -2.22 -5.56
N PRO F 131 -22.53 -1.24 -4.70
CA PRO F 131 -23.86 -0.60 -4.72
C PRO F 131 -24.15 0.06 -6.05
N LYS F 132 -25.38 -0.11 -6.52
CA LYS F 132 -25.82 0.47 -7.78
C LYS F 132 -26.93 1.47 -7.52
N PRO F 133 -26.67 2.77 -7.65
CA PRO F 133 -27.68 3.77 -7.30
C PRO F 133 -28.73 3.96 -8.37
N THR F 134 -29.97 4.14 -7.92
CA THR F 134 -31.11 4.47 -8.79
C THR F 134 -31.86 5.60 -8.10
N ILE F 135 -31.40 6.83 -8.35
CA ILE F 135 -31.85 7.98 -7.58
C ILE F 135 -33.26 8.39 -8.00
N PHE F 136 -33.88 9.26 -7.20
CA PHE F 136 -35.23 9.74 -7.46
C PHE F 136 -35.22 11.25 -7.54
N LEU F 137 -36.23 11.80 -8.21
CA LEU F 137 -36.35 13.23 -8.39
C LEU F 137 -37.47 13.79 -7.52
N PRO F 138 -37.36 15.05 -7.09
CA PRO F 138 -38.44 15.65 -6.31
C PRO F 138 -39.73 15.70 -7.11
N SER F 139 -40.84 15.52 -6.42
CA SER F 139 -42.15 15.63 -7.06
C SER F 139 -42.56 17.09 -7.13
N ILE F 140 -43.02 17.52 -8.32
CA ILE F 140 -43.40 18.92 -8.51
C ILE F 140 -44.61 19.26 -7.64
N ALA F 141 -45.53 18.32 -7.46
CA ALA F 141 -46.67 18.58 -6.60
C ALA F 141 -46.25 18.86 -5.17
N GLU F 142 -45.14 18.27 -4.72
CA GLU F 142 -44.69 18.47 -3.35
C GLU F 142 -44.21 19.90 -3.12
N THR F 143 -43.39 20.42 -4.04
CA THR F 143 -42.94 21.80 -3.94
C THR F 143 -44.02 22.79 -4.37
N LYS F 144 -45.10 22.31 -4.98
CA LYS F 144 -46.18 23.22 -5.39
C LYS F 144 -46.80 23.92 -4.19
N LEU F 145 -47.09 23.17 -3.12
CA LEU F 145 -47.70 23.73 -1.93
C LEU F 145 -46.80 23.70 -0.72
N GLN F 146 -46.11 22.58 -0.48
CA GLN F 146 -45.23 22.48 0.69
C GLN F 146 -43.98 23.34 0.54
N LYS F 147 -43.68 23.79 -0.68
CA LYS F 147 -42.54 24.69 -0.93
C LYS F 147 -41.22 24.06 -0.48
N ALA F 148 -41.04 22.78 -0.79
CA ALA F 148 -39.81 22.09 -0.45
C ALA F 148 -39.62 20.92 -1.38
N GLY F 149 -38.37 20.45 -1.46
CA GLY F 149 -38.03 19.31 -2.27
C GLY F 149 -37.49 18.17 -1.45
N THR F 150 -37.81 16.93 -1.82
CA THR F 150 -37.37 15.75 -1.09
C THR F 150 -36.64 14.82 -2.05
N TYR F 151 -35.32 14.95 -2.10
CA TYR F 151 -34.50 14.03 -2.88
C TYR F 151 -34.55 12.64 -2.25
N LEU F 152 -34.20 11.64 -3.04
CA LEU F 152 -34.16 10.25 -2.57
C LEU F 152 -33.06 9.50 -3.30
N CYS F 153 -32.01 9.15 -2.57
CA CYS F 153 -30.88 8.41 -3.11
C CYS F 153 -31.07 6.95 -2.77
N LEU F 154 -31.40 6.14 -3.76
CA LEU F 154 -31.63 4.72 -3.58
C LEU F 154 -30.41 3.93 -4.01
N LEU F 155 -30.00 2.96 -3.20
CA LEU F 155 -28.94 2.05 -3.54
C LEU F 155 -29.45 0.62 -3.39
N GLU F 156 -28.98 -0.26 -4.26
CA GLU F 156 -29.49 -1.62 -4.25
C GLU F 156 -28.38 -2.59 -4.66
N LYS F 157 -28.58 -3.85 -4.30
CA LYS F 157 -27.70 -4.96 -4.69
C LYS F 157 -26.26 -4.74 -4.21
N PHE F 158 -26.11 -4.72 -2.89
CA PHE F 158 -24.76 -4.74 -2.31
C PHE F 158 -24.69 -5.79 -1.22
N PHE F 159 -23.62 -6.59 -1.21
CA PHE F 159 -23.58 -7.71 -0.27
C PHE F 159 -23.12 -7.29 1.13
N PRO F 160 -22.03 -6.54 1.29
CA PRO F 160 -21.66 -6.10 2.64
C PRO F 160 -22.59 -5.00 3.12
N ASP F 161 -23.35 -5.29 4.18
CA ASP F 161 -24.35 -4.37 4.68
C ASP F 161 -23.76 -3.13 5.36
N VAL F 162 -22.46 -3.12 5.62
CA VAL F 162 -21.83 -1.98 6.31
C VAL F 162 -21.67 -0.86 5.28
N ILE F 163 -22.62 0.07 5.28
CA ILE F 163 -22.68 1.13 4.27
C ILE F 163 -22.98 2.45 4.98
N LYS F 164 -22.28 3.51 4.58
CA LYS F 164 -22.44 4.82 5.20
C LYS F 164 -22.88 5.82 4.16
N ILE F 165 -24.12 6.29 4.25
CA ILE F 165 -24.68 7.23 3.29
C ILE F 165 -24.93 8.56 4.01
N HIS F 166 -24.30 9.61 3.52
CA HIS F 166 -24.55 10.96 4.05
C HIS F 166 -24.49 11.95 2.89
N TRP F 167 -25.26 13.02 3.04
CA TRP F 167 -25.42 14.02 1.99
C TRP F 167 -24.56 15.24 2.29
N GLN F 168 -23.85 15.72 1.27
CA GLN F 168 -22.90 16.83 1.44
C GLN F 168 -23.22 18.02 0.55
N GLU F 169 -24.36 18.04 -0.12
CA GLU F 169 -24.75 19.13 -1.04
C GLU F 169 -23.65 19.24 -2.10
N LYS F 170 -23.01 20.38 -2.27
CA LYS F 170 -21.96 20.53 -3.28
C LYS F 170 -20.56 20.39 -2.69
N LYS F 171 -20.33 20.93 -1.50
CA LYS F 171 -19.03 20.88 -0.86
C LYS F 171 -19.13 20.23 0.51
N SER F 172 -18.02 19.64 0.95
CA SER F 172 -18.03 18.79 2.15
C SER F 172 -18.47 19.54 3.39
N ASN F 173 -18.24 20.85 3.44
CA ASN F 173 -18.60 21.62 4.63
C ASN F 173 -20.11 21.67 4.86
N THR F 174 -20.91 21.40 3.83
CA THR F 174 -22.36 21.45 3.94
C THR F 174 -22.88 20.05 4.24
N ILE F 175 -22.92 19.69 5.52
CA ILE F 175 -23.45 18.40 5.94
C ILE F 175 -24.92 18.58 6.30
N LEU F 176 -25.79 17.86 5.59
CA LEU F 176 -27.23 18.00 5.76
C LEU F 176 -27.78 16.76 6.46
N GLY F 177 -28.59 17.00 7.49
CA GLY F 177 -29.30 15.90 8.15
C GLY F 177 -30.23 15.21 7.18
N SER F 178 -30.10 13.89 7.06
CA SER F 178 -30.88 13.13 6.08
C SER F 178 -31.37 11.85 6.74
N GLN F 179 -32.67 11.74 6.90
CA GLN F 179 -33.25 10.52 7.45
C GLN F 179 -32.99 9.35 6.52
N GLU F 180 -32.85 8.16 7.09
CA GLU F 180 -32.42 6.99 6.35
C GLU F 180 -33.13 5.74 6.86
N GLY F 181 -33.59 4.92 5.93
CA GLY F 181 -34.26 3.69 6.31
C GLY F 181 -33.29 2.57 6.62
N ASN F 182 -33.79 1.55 7.30
CA ASN F 182 -32.95 0.42 7.68
C ASN F 182 -32.64 -0.46 6.47
N THR F 183 -31.54 -1.19 6.56
CA THR F 183 -31.14 -2.08 5.48
C THR F 183 -32.17 -3.18 5.27
N MET F 184 -32.52 -3.43 4.01
CA MET F 184 -33.49 -4.45 3.66
C MET F 184 -32.82 -5.55 2.85
N LYS F 185 -33.05 -6.80 3.23
CA LYS F 185 -32.39 -7.93 2.59
C LYS F 185 -33.22 -8.39 1.39
N THR F 186 -32.62 -8.32 0.20
CA THR F 186 -33.25 -8.80 -1.03
C THR F 186 -32.42 -9.97 -1.53
N ASN F 187 -32.99 -11.18 -1.48
CA ASN F 187 -32.31 -12.42 -1.87
C ASN F 187 -31.00 -12.50 -1.09
N ASP F 188 -29.86 -12.69 -1.75
CA ASP F 188 -28.58 -12.78 -1.05
C ASP F 188 -27.93 -11.42 -0.81
N THR F 189 -28.45 -10.35 -1.40
CA THR F 189 -27.85 -9.04 -1.29
C THR F 189 -28.72 -8.13 -0.42
N TYR F 190 -28.32 -6.87 -0.31
CA TYR F 190 -29.00 -5.89 0.52
C TYR F 190 -29.27 -4.63 -0.28
N MET F 191 -30.21 -3.85 0.24
CA MET F 191 -30.71 -2.64 -0.40
C MET F 191 -30.99 -1.59 0.67
N LYS F 192 -30.89 -0.33 0.28
CA LYS F 192 -31.04 0.78 1.22
C LYS F 192 -31.57 1.99 0.46
N PHE F 193 -32.14 2.94 1.20
CA PHE F 193 -32.61 4.17 0.60
C PHE F 193 -32.60 5.29 1.65
N SER F 194 -32.19 6.48 1.21
CA SER F 194 -32.13 7.65 2.07
C SER F 194 -32.81 8.82 1.37
N TRP F 195 -33.24 9.81 2.17
CA TRP F 195 -33.91 10.98 1.62
C TRP F 195 -33.49 12.22 2.39
N LEU F 196 -33.66 13.37 1.73
CA LEU F 196 -33.31 14.66 2.30
C LEU F 196 -34.39 15.65 1.91
N THR F 197 -34.85 16.46 2.87
CA THR F 197 -35.81 17.52 2.60
C THR F 197 -35.09 18.86 2.62
N VAL F 198 -35.25 19.64 1.56
CA VAL F 198 -34.55 20.91 1.43
C VAL F 198 -35.54 22.05 1.26
N PRO F 199 -35.30 23.20 1.86
CA PRO F 199 -36.24 24.33 1.75
C PRO F 199 -36.15 24.98 0.37
N GLU F 200 -36.86 26.11 0.24
CA GLU F 200 -36.88 26.82 -1.04
C GLU F 200 -35.49 27.33 -1.42
N LYS F 201 -34.68 27.75 -0.44
CA LYS F 201 -33.36 28.28 -0.71
C LYS F 201 -32.29 27.17 -0.68
N SER F 202 -32.61 26.07 -1.35
CA SER F 202 -31.66 24.97 -1.46
C SER F 202 -31.69 24.28 -2.82
N LEU F 203 -32.74 24.51 -3.61
CA LEU F 203 -32.90 23.77 -4.86
C LEU F 203 -32.02 24.35 -5.97
N ASP F 204 -31.37 25.48 -5.69
CA ASP F 204 -30.50 26.13 -6.66
C ASP F 204 -29.14 25.47 -6.76
N LYS F 205 -28.85 24.48 -5.92
CA LYS F 205 -27.55 23.83 -5.88
C LYS F 205 -27.70 22.35 -6.27
N GLU F 206 -26.59 21.63 -6.21
CA GLU F 206 -26.56 20.20 -6.49
C GLU F 206 -26.17 19.44 -5.22
N HIS F 207 -26.80 18.29 -5.02
CA HIS F 207 -26.57 17.50 -3.82
C HIS F 207 -25.97 16.14 -4.19
N ARG F 208 -25.13 15.63 -3.30
CA ARG F 208 -24.48 14.34 -3.49
C ARG F 208 -24.74 13.46 -2.27
N CYS F 209 -25.17 12.22 -2.53
CA CYS F 209 -25.28 11.20 -1.48
C CYS F 209 -23.98 10.41 -1.50
N ILE F 210 -22.99 10.87 -0.73
CA ILE F 210 -21.66 10.29 -0.77
C ILE F 210 -21.68 8.97 -0.02
N VAL F 211 -21.83 7.86 -0.75
CA VAL F 211 -21.96 6.55 -0.14
C VAL F 211 -20.59 5.90 -0.02
N ARG F 212 -20.24 5.50 1.20
CA ARG F 212 -19.01 4.78 1.47
C ARG F 212 -19.34 3.31 1.71
N HIS F 213 -18.65 2.44 0.98
CA HIS F 213 -18.86 1.01 1.04
C HIS F 213 -17.53 0.33 0.73
N GLU F 214 -17.31 -0.84 1.34
CA GLU F 214 -16.03 -1.52 1.19
C GLU F 214 -15.86 -2.06 -0.23
N ASN F 215 -16.87 -2.74 -0.76
CA ASN F 215 -16.81 -3.32 -2.09
C ASN F 215 -17.16 -2.31 -3.18
N ASN F 216 -17.11 -1.03 -2.88
CA ASN F 216 -17.39 0.00 -3.88
C ASN F 216 -16.31 0.00 -4.96
N LYS F 217 -16.70 0.40 -6.17
CA LYS F 217 -15.78 0.42 -7.29
C LYS F 217 -14.66 1.43 -7.05
N ASN F 218 -13.50 1.14 -7.66
CA ASN F 218 -12.29 1.95 -7.57
C ASN F 218 -11.72 2.02 -6.15
N GLY F 219 -12.26 1.25 -5.22
CA GLY F 219 -11.75 1.26 -3.86
C GLY F 219 -11.94 2.57 -3.13
N VAL F 220 -12.80 3.46 -3.63
CA VAL F 220 -13.05 4.75 -3.00
C VAL F 220 -14.55 4.97 -2.95
N ASP F 221 -14.96 5.89 -2.09
CA ASP F 221 -16.38 6.17 -1.92
C ASP F 221 -16.98 6.76 -3.18
N GLN F 222 -18.23 6.40 -3.46
CA GLN F 222 -18.93 6.87 -4.65
C GLN F 222 -19.36 8.33 -4.45
N GLU F 223 -20.01 8.87 -5.47
CA GLU F 223 -20.50 10.25 -5.43
C GLU F 223 -21.56 10.41 -6.50
N ILE F 224 -22.79 10.69 -6.11
CA ILE F 224 -23.91 10.76 -7.03
C ILE F 224 -24.40 12.21 -7.07
N ILE F 225 -24.24 12.85 -8.22
CA ILE F 225 -24.66 14.24 -8.38
C ILE F 225 -26.18 14.27 -8.60
N PHE F 226 -26.84 15.26 -8.00
CA PHE F 226 -28.26 15.41 -8.18
C PHE F 226 -28.59 16.65 -9.01
N PRO F 227 -29.68 16.64 -9.76
CA PRO F 227 -30.10 17.84 -10.50
C PRO F 227 -30.53 18.94 -9.53
N PRO F 228 -30.51 20.21 -9.97
CA PRO F 228 -30.92 21.30 -9.08
C PRO F 228 -32.44 21.42 -8.98
N GLN G 1 -45.55 32.92 43.91
CA GLN G 1 -46.69 32.82 43.00
C GLN G 1 -46.24 32.88 41.55
N VAL G 2 -46.73 31.94 40.74
CA VAL G 2 -46.42 31.95 39.32
C VAL G 2 -47.00 33.21 38.68
N GLN G 3 -46.20 33.86 37.84
CA GLN G 3 -46.62 35.11 37.24
C GLN G 3 -45.91 35.30 35.91
N LEU G 4 -46.70 35.54 34.86
CA LEU G 4 -46.19 35.91 33.55
C LEU G 4 -46.72 37.30 33.20
N GLN G 5 -45.83 38.21 32.84
CA GLN G 5 -46.23 39.55 32.44
C GLN G 5 -45.60 39.91 31.10
N GLN G 6 -46.28 40.78 30.39
CA GLN G 6 -45.93 41.19 29.04
C GLN G 6 -45.92 42.71 28.97
N PRO G 7 -45.28 43.29 27.95
CA PRO G 7 -45.37 44.74 27.77
C PRO G 7 -46.82 45.18 27.62
N GLY G 8 -47.13 46.34 28.19
CA GLY G 8 -48.51 46.79 28.22
C GLY G 8 -49.07 47.06 26.84
N ALA G 9 -48.31 47.75 25.99
CA ALA G 9 -48.77 48.11 24.66
C ALA G 9 -47.56 48.34 23.77
N ASP G 10 -47.83 48.57 22.49
CA ASP G 10 -46.78 48.81 21.52
C ASP G 10 -47.39 49.45 20.29
N LEU G 11 -46.69 50.45 19.74
CA LEU G 11 -47.13 51.15 18.54
C LEU G 11 -45.96 51.22 17.56
N VAL G 12 -46.11 50.59 16.39
CA VAL G 12 -45.09 50.58 15.36
C VAL G 12 -45.72 50.96 14.03
N ARG G 13 -44.86 51.37 13.10
CA ARG G 13 -45.30 51.67 11.75
C ARG G 13 -45.46 50.37 10.95
N PRO G 14 -46.35 50.36 9.95
CA PRO G 14 -46.48 49.17 9.12
C PRO G 14 -45.20 48.88 8.35
N GLY G 15 -44.97 47.59 8.10
CA GLY G 15 -43.80 47.15 7.38
C GLY G 15 -42.56 46.97 8.21
N THR G 16 -42.64 47.15 9.53
CA THR G 16 -41.50 46.99 10.42
C THR G 16 -41.70 45.74 11.26
N SER G 17 -40.67 44.89 11.30
CA SER G 17 -40.72 43.70 12.13
C SER G 17 -40.70 44.10 13.61
N VAL G 18 -41.49 43.39 14.41
CA VAL G 18 -41.66 43.72 15.81
C VAL G 18 -41.22 42.55 16.67
N LYS G 19 -40.90 42.83 17.94
CA LYS G 19 -40.50 41.82 18.89
C LYS G 19 -41.36 41.92 20.14
N LEU G 20 -41.96 40.81 20.54
CA LEU G 20 -42.78 40.73 21.74
C LEU G 20 -42.14 39.78 22.74
N SER G 21 -42.35 40.09 24.03
CA SER G 21 -41.72 39.34 25.11
C SER G 21 -42.77 38.90 26.12
N CYS G 22 -42.46 37.79 26.79
CA CYS G 22 -43.33 37.29 27.87
C CYS G 22 -42.42 36.84 29.01
N LYS G 23 -42.27 37.69 30.03
CA LYS G 23 -41.45 37.37 31.18
C LYS G 23 -42.22 36.46 32.13
N ALA G 24 -41.58 35.36 32.52
CA ALA G 24 -42.21 34.36 33.39
C ALA G 24 -41.37 34.18 34.64
N SER G 25 -42.04 34.01 35.78
CA SER G 25 -41.34 33.83 37.04
C SER G 25 -42.21 33.07 38.02
N GLY G 26 -41.58 32.50 39.04
CA GLY G 26 -42.28 31.82 40.10
C GLY G 26 -42.58 30.36 39.86
N TYR G 27 -41.91 29.72 38.90
CA TYR G 27 -42.17 28.32 38.59
C TYR G 27 -41.00 27.79 37.78
N THR G 28 -41.01 26.46 37.56
CA THR G 28 -40.01 25.80 36.73
C THR G 28 -40.29 26.16 35.28
N PHE G 29 -39.50 27.09 34.75
CA PHE G 29 -39.75 27.62 33.41
C PHE G 29 -39.58 26.54 32.34
N THR G 30 -38.73 25.55 32.61
CA THR G 30 -38.41 24.55 31.60
C THR G 30 -39.55 23.55 31.40
N SER G 31 -40.19 23.11 32.48
CA SER G 31 -41.08 21.96 32.41
C SER G 31 -42.41 22.25 31.72
N TYR G 32 -42.73 23.51 31.43
CA TYR G 32 -44.01 23.86 30.82
C TYR G 32 -43.79 24.56 29.49
N TRP G 33 -44.63 24.22 28.51
CA TRP G 33 -44.59 24.87 27.22
C TRP G 33 -45.01 26.33 27.35
N MET G 34 -44.88 27.07 26.25
CA MET G 34 -45.34 28.46 26.19
C MET G 34 -46.16 28.64 24.93
N HIS G 35 -47.42 28.99 25.07
CA HIS G 35 -48.35 29.13 23.96
C HIS G 35 -48.62 30.60 23.72
N TRP G 36 -48.39 31.06 22.50
CA TRP G 36 -48.75 32.40 22.08
C TRP G 36 -50.06 32.34 21.30
N VAL G 37 -51.00 33.20 21.66
CA VAL G 37 -52.33 33.23 21.08
C VAL G 37 -52.72 34.68 20.81
N GLN G 38 -53.29 34.94 19.64
CA GLN G 38 -53.72 36.28 19.27
C GLN G 38 -55.22 36.43 19.47
N GLN G 39 -55.67 37.68 19.54
CA GLN G 39 -57.08 38.00 19.73
C GLN G 39 -57.36 39.28 18.94
N ARG G 40 -58.13 39.16 17.86
CA ARG G 40 -58.51 40.33 17.10
C ARG G 40 -59.59 41.12 17.85
N PRO G 41 -59.60 42.44 17.72
CA PRO G 41 -60.61 43.24 18.43
C PRO G 41 -62.01 42.89 17.96
N GLY G 42 -62.84 42.44 18.91
CA GLY G 42 -64.20 42.05 18.59
C GLY G 42 -64.36 40.64 18.06
N GLN G 43 -63.36 39.79 18.25
CA GLN G 43 -63.42 38.41 17.78
C GLN G 43 -62.79 37.49 18.83
N GLY G 44 -62.99 36.20 18.63
CA GLY G 44 -62.46 35.22 19.55
C GLY G 44 -60.96 35.02 19.40
N LEU G 45 -60.41 34.20 20.30
CA LEU G 45 -58.99 33.95 20.30
C LEU G 45 -58.58 33.14 19.07
N GLU G 46 -57.32 33.29 18.67
CA GLU G 46 -56.74 32.52 17.58
C GLU G 46 -55.35 32.06 18.00
N TRP G 47 -55.13 30.74 17.98
CA TRP G 47 -53.87 30.18 18.40
C TRP G 47 -52.76 30.58 17.42
N ILE G 48 -51.63 31.04 17.95
CA ILE G 48 -50.50 31.44 17.13
C ILE G 48 -49.48 30.32 17.06
N GLY G 49 -48.98 29.88 18.22
CA GLY G 49 -47.97 28.84 18.20
C GLY G 49 -47.61 28.39 19.60
N VAL G 50 -46.71 27.42 19.65
CA VAL G 50 -46.25 26.84 20.90
C VAL G 50 -44.73 26.64 20.82
N ILE G 51 -44.05 26.94 21.93
CA ILE G 51 -42.60 26.76 22.04
C ILE G 51 -42.29 25.99 23.31
N ASP G 52 -41.49 24.93 23.17
CA ASP G 52 -41.01 24.15 24.30
C ASP G 52 -39.61 24.61 24.63
N PRO G 53 -39.37 25.19 25.81
CA PRO G 53 -38.06 25.81 26.08
C PRO G 53 -36.94 24.81 26.30
N SER G 54 -37.24 23.64 26.88
CA SER G 54 -36.19 22.68 27.17
C SER G 54 -35.48 22.24 25.90
N ASP G 55 -36.25 21.79 24.90
CA ASP G 55 -35.71 21.39 23.61
C ASP G 55 -35.84 22.48 22.56
N SER G 56 -36.39 23.64 22.92
CA SER G 56 -36.64 24.73 21.99
C SER G 56 -37.44 24.26 20.78
N TYR G 57 -38.46 23.45 21.01
CA TYR G 57 -39.23 22.85 19.92
C TYR G 57 -40.47 23.69 19.66
N THR G 58 -40.59 24.20 18.44
CA THR G 58 -41.63 25.17 18.14
C THR G 58 -42.55 24.66 17.04
N ASN G 59 -43.84 24.91 17.22
CA ASN G 59 -44.84 24.66 16.19
C ASN G 59 -45.67 25.92 15.99
N TYR G 60 -46.04 26.17 14.74
CA TYR G 60 -46.74 27.39 14.36
C TYR G 60 -48.05 27.05 13.68
N ASN G 61 -49.00 28.00 13.75
CA ASN G 61 -50.22 27.86 12.99
C ASN G 61 -49.92 27.91 11.50
N GLN G 62 -50.75 27.24 10.71
CA GLN G 62 -50.53 27.21 9.27
C GLN G 62 -50.63 28.60 8.66
N LYS G 63 -51.62 29.39 9.09
CA LYS G 63 -51.80 30.73 8.55
C LYS G 63 -50.70 31.67 9.00
N PHE G 64 -50.25 31.54 10.24
CA PHE G 64 -49.23 32.42 10.79
C PHE G 64 -47.82 31.88 10.58
N LYS G 65 -47.67 30.76 9.88
CA LYS G 65 -46.34 30.20 9.63
C LYS G 65 -45.49 31.16 8.83
N GLY G 66 -44.25 31.34 9.26
CA GLY G 66 -43.32 32.26 8.63
C GLY G 66 -43.44 33.68 9.14
N LYS G 67 -44.68 34.15 9.32
CA LYS G 67 -44.89 35.50 9.84
C LYS G 67 -44.35 35.64 11.26
N ALA G 68 -44.59 34.63 12.09
CA ALA G 68 -44.21 34.67 13.50
C ALA G 68 -43.12 33.64 13.78
N THR G 69 -42.07 34.07 14.44
CA THR G 69 -40.96 33.20 14.84
C THR G 69 -40.82 33.22 16.35
N LEU G 70 -40.83 32.05 16.97
CA LEU G 70 -40.81 31.92 18.42
C LEU G 70 -39.42 31.51 18.88
N THR G 71 -38.91 32.19 19.90
CA THR G 71 -37.59 31.89 20.46
C THR G 71 -37.66 32.00 21.97
N VAL G 72 -36.66 31.41 22.63
CA VAL G 72 -36.62 31.35 24.09
C VAL G 72 -35.21 31.69 24.56
N ASP G 73 -35.12 32.47 25.63
CA ASP G 73 -33.88 32.73 26.34
C ASP G 73 -34.01 32.06 27.71
N THR G 74 -33.43 30.86 27.84
CA THR G 74 -33.57 30.11 29.07
C THR G 74 -32.76 30.73 30.20
N SER G 75 -31.66 31.39 29.89
CA SER G 75 -30.85 32.01 30.94
C SER G 75 -31.64 33.10 31.67
N SER G 76 -32.36 33.93 30.93
CA SER G 76 -33.19 34.98 31.51
C SER G 76 -34.64 34.53 31.68
N SER G 77 -34.99 33.32 31.26
CA SER G 77 -36.34 32.79 31.37
C SER G 77 -37.36 33.69 30.67
N THR G 78 -37.14 33.89 29.37
CA THR G 78 -37.99 34.76 28.56
C THR G 78 -38.39 34.04 27.29
N ALA G 79 -39.54 34.42 26.74
CA ALA G 79 -40.04 33.91 25.47
C ALA G 79 -40.37 35.07 24.56
N TYR G 80 -39.81 35.06 23.36
CA TYR G 80 -39.95 36.16 22.41
C TYR G 80 -40.61 35.69 21.13
N MET G 81 -41.36 36.60 20.51
CA MET G 81 -41.91 36.40 19.18
C MET G 81 -41.41 37.51 18.25
N GLN G 82 -40.98 37.12 17.07
CA GLN G 82 -40.66 38.05 15.99
C GLN G 82 -41.80 38.05 14.98
N LEU G 83 -42.34 39.24 14.72
CA LEU G 83 -43.42 39.42 13.76
C LEU G 83 -42.86 40.13 12.53
N SER G 84 -43.13 39.55 11.35
CA SER G 84 -42.57 40.03 10.10
C SER G 84 -43.68 40.45 9.16
N SER G 85 -43.36 41.41 8.28
CA SER G 85 -44.28 41.91 7.26
C SER G 85 -45.58 42.43 7.90
N LEU G 86 -45.40 43.39 8.81
CA LEU G 86 -46.55 43.98 9.50
C LEU G 86 -47.42 44.75 8.52
N THR G 87 -48.73 44.56 8.63
CA THR G 87 -49.69 45.24 7.78
C THR G 87 -50.84 45.74 8.64
N SER G 88 -51.90 46.23 7.99
CA SER G 88 -53.02 46.78 8.73
C SER G 88 -53.74 45.72 9.55
N GLU G 89 -53.91 44.52 9.00
CA GLU G 89 -54.66 43.47 9.68
C GLU G 89 -53.89 42.84 10.83
N ASP G 90 -52.58 43.08 10.93
CA ASP G 90 -51.77 42.47 11.99
C ASP G 90 -51.70 43.36 13.22
N SER G 91 -52.87 43.77 13.72
CA SER G 91 -52.98 44.51 14.96
C SER G 91 -54.03 43.81 15.82
N ALA G 92 -53.62 43.38 17.02
CA ALA G 92 -54.48 42.57 17.88
C ALA G 92 -53.83 42.49 19.25
N VAL G 93 -54.51 41.84 20.18
CA VAL G 93 -53.97 41.62 21.52
C VAL G 93 -53.31 40.25 21.54
N TYR G 94 -52.03 40.22 21.88
CA TYR G 94 -51.25 38.98 21.88
C TYR G 94 -51.02 38.53 23.32
N TYR G 95 -51.16 37.23 23.56
CA TYR G 95 -51.16 36.65 24.89
C TYR G 95 -50.19 35.48 24.94
N CYS G 96 -49.52 35.33 26.07
CA CYS G 96 -48.67 34.19 26.36
C CYS G 96 -49.27 33.40 27.53
N ALA G 97 -49.29 32.08 27.39
CA ALA G 97 -49.92 31.21 28.37
C ALA G 97 -49.04 29.99 28.61
N ARG G 98 -49.27 29.35 29.76
CA ARG G 98 -48.48 28.21 30.20
C ARG G 98 -49.29 26.93 30.09
N SER G 99 -48.65 25.88 29.60
CA SER G 99 -49.30 24.58 29.38
C SER G 99 -48.64 23.51 30.26
N ASP G 100 -49.03 22.26 30.02
CA ASP G 100 -48.52 21.14 30.79
C ASP G 100 -47.99 20.05 29.87
N ASP G 101 -47.67 18.88 30.42
CA ASP G 101 -46.91 17.87 29.69
C ASP G 101 -47.74 17.03 28.74
N TYR G 102 -49.05 17.26 28.65
CA TYR G 102 -49.91 16.69 27.61
C TYR G 102 -50.16 15.20 27.87
N ASP G 103 -49.51 14.64 28.88
CA ASP G 103 -49.72 13.24 29.21
C ASP G 103 -50.47 13.03 30.51
N GLU G 104 -50.47 14.02 31.40
CA GLU G 104 -51.20 13.94 32.66
C GLU G 104 -52.18 15.09 32.81
N GLY G 105 -52.76 15.55 31.70
CA GLY G 105 -53.70 16.65 31.75
C GLY G 105 -53.15 17.93 31.17
N TYR G 106 -53.74 18.40 30.08
CA TYR G 106 -53.30 19.60 29.40
C TYR G 106 -54.25 20.74 29.75
N PHE G 107 -53.70 21.94 29.93
CA PHE G 107 -54.50 23.09 30.31
C PHE G 107 -53.68 24.36 30.09
N PHE G 108 -54.38 25.50 30.18
CA PHE G 108 -53.76 26.82 30.15
C PHE G 108 -53.79 27.35 31.57
N ASP G 109 -52.71 27.09 32.31
CA ASP G 109 -52.71 27.36 33.74
C ASP G 109 -52.86 28.85 34.04
N GLN G 110 -52.01 29.67 33.43
CA GLN G 110 -51.99 31.09 33.73
C GLN G 110 -51.85 31.89 32.44
N TRP G 111 -52.24 33.15 32.51
CA TRP G 111 -52.16 34.05 31.37
C TRP G 111 -51.53 35.36 31.81
N GLY G 112 -50.86 36.02 30.87
CA GLY G 112 -50.29 37.33 31.12
C GLY G 112 -51.30 38.44 30.90
N GLN G 113 -50.81 39.67 30.96
CA GLN G 113 -51.65 40.82 30.69
C GLN G 113 -51.83 41.07 29.20
N GLY G 114 -51.04 40.43 28.34
CA GLY G 114 -51.13 40.63 26.92
C GLY G 114 -50.51 41.93 26.48
N THR G 115 -50.47 42.11 25.16
CA THR G 115 -49.98 43.35 24.57
C THR G 115 -50.81 43.67 23.35
N THR G 116 -51.35 44.89 23.29
CA THR G 116 -52.19 45.32 22.18
C THR G 116 -51.29 45.91 21.10
N LEU G 117 -50.83 45.04 20.20
CA LEU G 117 -49.98 45.47 19.10
C LEU G 117 -50.82 46.17 18.05
N THR G 118 -50.48 47.43 17.77
CA THR G 118 -51.16 48.24 16.77
C THR G 118 -50.16 48.72 15.74
N VAL G 119 -50.62 48.84 14.50
CA VAL G 119 -49.77 49.30 13.41
C VAL G 119 -50.03 50.76 13.11
N ASP H 1 -59.43 20.88 8.27
CA ASP H 1 -58.90 20.64 9.61
C ASP H 1 -60.02 20.53 10.63
N VAL H 2 -59.67 20.69 11.90
CA VAL H 2 -60.65 20.62 12.99
C VAL H 2 -61.18 22.02 13.25
N VAL H 3 -62.50 22.15 13.28
CA VAL H 3 -63.16 23.42 13.56
C VAL H 3 -64.28 23.19 14.57
N MET H 4 -64.32 24.01 15.61
CA MET H 4 -65.36 23.91 16.61
C MET H 4 -66.56 24.76 16.21
N THR H 5 -67.72 24.40 16.75
CA THR H 5 -68.95 25.14 16.50
C THR H 5 -69.72 25.25 17.80
N GLN H 6 -69.99 26.47 18.24
CA GLN H 6 -70.80 26.72 19.42
C GLN H 6 -72.23 27.01 19.00
N THR H 7 -73.19 26.30 19.61
CA THR H 7 -74.56 26.36 19.12
C THR H 7 -75.26 27.67 19.49
N PRO H 8 -75.38 28.05 20.77
CA PRO H 8 -76.16 29.26 21.07
C PRO H 8 -75.46 30.55 20.71
N LEU H 9 -74.14 30.62 20.91
CA LEU H 9 -73.28 31.78 20.59
C LEU H 9 -73.80 33.09 21.19
N THR H 10 -74.76 32.99 22.11
CA THR H 10 -75.29 34.10 22.89
C THR H 10 -76.24 33.52 23.94
N LEU H 11 -76.28 34.17 25.11
CA LEU H 11 -77.12 33.66 26.19
C LEU H 11 -77.43 34.83 27.13
N SER H 12 -78.63 35.38 27.02
CA SER H 12 -79.11 36.40 27.96
C SER H 12 -79.89 35.67 29.05
N VAL H 13 -79.20 35.36 30.14
CA VAL H 13 -79.72 34.50 31.19
C VAL H 13 -79.80 35.29 32.48
N THR H 14 -80.95 35.23 33.15
CA THR H 14 -81.16 35.92 34.40
C THR H 14 -80.51 35.16 35.56
N VAL H 15 -80.39 35.84 36.70
CA VAL H 15 -79.73 35.27 37.86
C VAL H 15 -80.55 34.11 38.41
N GLY H 16 -79.86 33.04 38.81
CA GLY H 16 -80.48 31.90 39.43
C GLY H 16 -80.99 30.83 38.49
N GLN H 17 -80.88 31.03 37.18
CA GLN H 17 -81.39 30.07 36.21
C GLN H 17 -80.25 29.27 35.62
N PRO H 18 -80.21 27.95 35.81
CA PRO H 18 -79.15 27.14 35.19
C PRO H 18 -79.22 27.23 33.67
N ALA H 19 -78.03 27.18 33.05
CA ALA H 19 -77.92 27.32 31.60
C ALA H 19 -76.94 26.30 31.07
N SER H 20 -77.05 26.02 29.77
CA SER H 20 -76.20 25.05 29.11
C SER H 20 -75.69 25.61 27.79
N ILE H 21 -74.38 25.46 27.55
CA ILE H 21 -73.74 25.89 26.32
C ILE H 21 -73.11 24.65 25.69
N SER H 22 -73.48 24.35 24.45
CA SER H 22 -73.02 23.15 23.78
C SER H 22 -72.11 23.52 22.62
N CYS H 23 -71.05 22.74 22.44
CA CYS H 23 -70.16 22.92 21.30
C CYS H 23 -69.80 21.57 20.71
N LYS H 24 -69.63 21.55 19.39
CA LYS H 24 -69.43 20.33 18.63
C LYS H 24 -68.21 20.45 17.74
N SER H 25 -67.63 19.30 17.41
CA SER H 25 -66.41 19.22 16.63
C SER H 25 -66.64 18.40 15.36
N SER H 26 -65.86 18.70 14.33
CA SER H 26 -65.97 17.96 13.08
C SER H 26 -65.44 16.54 13.20
N GLN H 27 -64.40 16.34 14.02
CA GLN H 27 -63.82 15.02 14.23
C GLN H 27 -63.75 14.74 15.73
N SER H 28 -63.69 13.45 16.05
CA SER H 28 -63.63 13.03 17.45
C SER H 28 -62.38 13.58 18.13
N LEU H 29 -62.52 13.93 19.40
CA LEU H 29 -61.42 14.49 20.18
C LEU H 29 -60.78 13.46 21.10
N LEU H 30 -61.09 12.18 20.92
CA LEU H 30 -60.49 11.13 21.74
C LEU H 30 -59.06 10.90 21.24
N HIS H 31 -58.09 11.41 21.99
CA HIS H 31 -56.70 11.23 21.64
C HIS H 31 -56.32 9.75 21.71
N SER H 32 -55.38 9.34 20.86
CA SER H 32 -54.87 7.98 20.92
C SER H 32 -54.15 7.70 22.22
N ASN H 33 -53.77 8.74 22.96
CA ASN H 33 -53.14 8.56 24.25
C ASN H 33 -54.08 7.87 25.23
N GLY H 34 -55.36 8.23 25.20
CA GLY H 34 -56.34 7.64 26.08
C GLY H 34 -57.18 8.67 26.80
N LYS H 35 -57.08 9.92 26.37
CA LYS H 35 -57.81 11.02 26.96
C LYS H 35 -58.46 11.86 25.87
N THR H 36 -59.45 12.64 26.26
CA THR H 36 -60.04 13.65 25.39
C THR H 36 -59.79 15.03 26.00
N TYR H 37 -59.51 16.00 25.13
CA TYR H 37 -59.14 17.34 25.57
C TYR H 37 -60.18 18.33 25.08
N LEU H 38 -60.73 19.10 26.02
CA LEU H 38 -61.63 20.20 25.69
C LEU H 38 -61.62 21.16 26.86
N ASN H 39 -61.10 22.37 26.63
CA ASN H 39 -60.95 23.36 27.69
C ASN H 39 -62.05 24.40 27.54
N TRP H 40 -62.82 24.60 28.61
CA TRP H 40 -63.82 25.66 28.68
C TRP H 40 -63.16 26.85 29.35
N LEU H 41 -62.94 27.90 28.56
CA LEU H 41 -62.23 29.10 28.98
C LEU H 41 -63.20 30.26 29.09
N LEU H 42 -63.06 31.04 30.16
CA LEU H 42 -63.90 32.20 30.41
C LEU H 42 -63.07 33.46 30.25
N GLN H 43 -63.52 34.36 29.39
CA GLN H 43 -62.88 35.66 29.16
C GLN H 43 -63.78 36.74 29.75
N ARG H 44 -63.35 37.31 30.87
CA ARG H 44 -64.03 38.47 31.40
C ARG H 44 -63.57 39.72 30.65
N PRO H 45 -64.49 40.51 30.10
CA PRO H 45 -64.07 41.66 29.28
C PRO H 45 -63.19 42.63 30.07
N GLY H 46 -62.10 43.07 29.43
CA GLY H 46 -61.16 43.98 30.05
C GLY H 46 -59.95 43.33 30.68
N GLN H 47 -59.96 42.01 30.89
CA GLN H 47 -58.85 41.31 31.49
C GLN H 47 -58.53 40.06 30.67
N SER H 48 -57.48 39.35 31.09
CA SER H 48 -57.06 38.15 30.38
C SER H 48 -58.04 37.01 30.64
N PRO H 49 -58.20 36.10 29.68
CA PRO H 49 -59.08 34.94 29.90
C PRO H 49 -58.54 34.04 31.00
N LYS H 50 -59.46 33.39 31.70
CA LYS H 50 -59.13 32.44 32.74
C LYS H 50 -59.75 31.08 32.41
N LEU H 51 -59.04 30.01 32.77
CA LEU H 51 -59.46 28.67 32.47
C LEU H 51 -60.46 28.20 33.52
N LEU H 52 -61.64 27.77 33.07
CA LEU H 52 -62.65 27.22 33.96
C LEU H 52 -62.57 25.70 34.04
N ILE H 53 -62.71 25.03 32.91
CA ILE H 53 -62.83 23.58 32.87
C ILE H 53 -61.72 23.01 32.00
N TYR H 54 -61.02 22.00 32.51
CA TYR H 54 -60.03 21.28 31.72
C TYR H 54 -60.35 19.79 31.76
N LEU H 55 -59.95 19.10 30.69
CA LEU H 55 -60.24 17.67 30.52
C LEU H 55 -61.74 17.38 30.60
N VAL H 56 -62.53 18.28 30.00
CA VAL H 56 -63.98 18.09 29.83
C VAL H 56 -64.70 18.07 31.18
N SER H 57 -64.32 17.13 32.05
CA SER H 57 -65.04 16.95 33.30
C SER H 57 -64.44 17.74 34.46
N LYS H 58 -63.11 17.71 34.60
CA LYS H 58 -62.48 18.33 35.76
C LYS H 58 -62.61 19.84 35.72
N VAL H 59 -62.43 20.46 36.89
CA VAL H 59 -62.61 21.89 37.07
C VAL H 59 -61.35 22.46 37.72
N GLU H 60 -60.88 23.60 37.20
CA GLU H 60 -59.71 24.25 37.76
C GLU H 60 -59.99 24.72 39.18
N SER H 61 -58.98 24.64 40.04
CA SER H 61 -59.10 25.10 41.41
C SER H 61 -59.32 26.61 41.46
N GLY H 62 -60.02 27.06 42.50
CA GLY H 62 -60.38 28.45 42.60
C GLY H 62 -61.60 28.85 41.81
N VAL H 63 -62.41 27.88 41.40
CA VAL H 63 -63.61 28.13 40.59
C VAL H 63 -64.82 27.63 41.35
N PRO H 64 -65.93 28.38 41.37
CA PRO H 64 -67.11 27.93 42.12
C PRO H 64 -67.70 26.65 41.53
N ASP H 65 -68.38 25.90 42.39
CA ASP H 65 -68.89 24.58 42.05
C ASP H 65 -70.05 24.61 41.06
N ARG H 66 -70.61 25.78 40.77
CA ARG H 66 -71.74 25.84 39.84
C ARG H 66 -71.35 25.34 38.45
N PHE H 67 -70.15 25.70 37.99
CA PHE H 67 -69.72 25.29 36.66
C PHE H 67 -69.45 23.79 36.62
N SER H 68 -69.83 23.18 35.51
CA SER H 68 -69.58 21.76 35.30
C SER H 68 -69.49 21.49 33.81
N GLY H 69 -68.92 20.34 33.46
CA GLY H 69 -68.77 19.96 32.07
C GLY H 69 -69.21 18.53 31.84
N SER H 70 -69.66 18.27 30.62
CA SER H 70 -70.12 16.94 30.24
C SER H 70 -70.01 16.80 28.73
N GLY H 71 -70.28 15.60 28.24
CA GLY H 71 -70.26 15.30 26.83
C GLY H 71 -69.14 14.34 26.46
N SER H 72 -69.20 13.89 25.22
CA SER H 72 -68.25 12.91 24.70
C SER H 72 -68.42 12.85 23.19
N GLY H 73 -67.72 11.91 22.56
CA GLY H 73 -67.76 11.76 21.13
C GLY H 73 -67.29 13.02 20.42
N THR H 74 -68.23 13.70 19.76
CA THR H 74 -67.93 14.98 19.12
C THR H 74 -68.73 16.13 19.70
N ASP H 75 -69.52 15.90 20.75
CA ASP H 75 -70.39 16.94 21.30
C ASP H 75 -70.14 17.06 22.80
N PHE H 76 -69.94 18.29 23.27
CA PHE H 76 -69.72 18.57 24.68
C PHE H 76 -70.60 19.73 25.11
N THR H 77 -70.76 19.88 26.42
CA THR H 77 -71.64 20.91 26.96
C THR H 77 -71.17 21.34 28.33
N LEU H 78 -71.07 22.65 28.53
CA LEU H 78 -70.80 23.27 29.81
C LEU H 78 -72.11 23.68 30.45
N LYS H 79 -72.25 23.42 31.74
CA LYS H 79 -73.47 23.70 32.48
C LYS H 79 -73.16 24.64 33.64
N ILE H 80 -74.06 25.61 33.85
CA ILE H 80 -73.99 26.53 34.97
C ILE H 80 -75.26 26.33 35.78
N SER H 81 -75.12 25.66 36.93
CA SER H 81 -76.28 25.41 37.78
C SER H 81 -76.88 26.71 38.30
N ARG H 82 -76.03 27.64 38.74
CA ARG H 82 -76.46 28.94 39.21
C ARG H 82 -75.69 30.01 38.45
N VAL H 83 -76.42 30.96 37.88
CA VAL H 83 -75.83 32.04 37.10
C VAL H 83 -75.79 33.28 37.98
N GLU H 84 -74.61 33.87 38.14
CA GLU H 84 -74.41 35.03 38.99
C GLU H 84 -73.93 36.20 38.15
N ALA H 85 -73.60 37.31 38.83
CA ALA H 85 -73.14 38.51 38.15
C ALA H 85 -71.69 38.41 37.68
N GLU H 86 -70.93 37.46 38.21
CA GLU H 86 -69.53 37.31 37.84
C GLU H 86 -69.31 36.32 36.70
N ASP H 87 -70.37 35.68 36.21
CA ASP H 87 -70.25 34.75 35.10
C ASP H 87 -70.39 35.41 33.74
N LEU H 88 -70.78 36.68 33.69
CA LEU H 88 -70.94 37.37 32.42
C LEU H 88 -69.59 37.56 31.75
N GLY H 89 -69.59 37.44 30.43
CA GLY H 89 -68.38 37.59 29.66
C GLY H 89 -68.47 36.76 28.39
N LEU H 90 -67.37 36.10 28.04
CA LEU H 90 -67.31 35.25 26.87
C LEU H 90 -66.80 33.87 27.27
N TYR H 91 -67.22 32.86 26.51
CA TYR H 91 -66.87 31.47 26.78
C TYR H 91 -66.37 30.83 25.49
N TYR H 92 -65.28 30.08 25.59
CA TYR H 92 -64.71 29.38 24.45
C TYR H 92 -64.49 27.92 24.80
N CYS H 93 -64.86 27.03 23.89
CA CYS H 93 -64.49 25.62 23.98
C CYS H 93 -63.33 25.39 23.04
N LEU H 94 -62.21 24.93 23.59
CA LEU H 94 -60.94 24.88 22.89
C LEU H 94 -60.46 23.44 22.80
N GLN H 95 -60.09 23.02 21.60
CA GLN H 95 -59.68 21.65 21.32
C GLN H 95 -58.19 21.61 21.03
N VAL H 96 -57.47 20.73 21.72
CA VAL H 96 -56.02 20.67 21.62
C VAL H 96 -55.52 19.31 21.14
N THR H 97 -56.41 18.34 20.90
CA THR H 97 -55.96 17.02 20.48
C THR H 97 -55.37 17.04 19.07
N HIS H 98 -55.83 17.94 18.21
CA HIS H 98 -55.25 18.15 16.90
C HIS H 98 -54.47 19.45 16.89
N PHE H 99 -53.28 19.41 16.27
CA PHE H 99 -52.32 20.50 16.46
C PHE H 99 -52.80 21.88 16.04
N PRO H 100 -53.56 22.07 14.94
CA PRO H 100 -54.04 23.41 14.62
C PRO H 100 -54.65 24.18 15.78
N LEU H 101 -55.08 23.47 16.83
CA LEU H 101 -55.51 24.09 18.08
C LEU H 101 -56.63 25.10 17.86
N THR H 102 -57.64 24.69 17.10
CA THR H 102 -58.73 25.58 16.75
C THR H 102 -59.49 26.02 18.00
N PHE H 103 -59.88 27.29 18.01
CA PHE H 103 -60.71 27.85 19.07
C PHE H 103 -62.17 27.85 18.64
N GLY H 104 -63.06 28.00 19.64
CA GLY H 104 -64.48 28.08 19.35
C GLY H 104 -64.91 29.44 18.85
N ALA H 105 -66.15 29.49 18.36
CA ALA H 105 -66.67 30.75 17.84
C ALA H 105 -66.80 31.79 18.94
N GLY H 106 -67.26 31.38 20.12
CA GLY H 106 -67.41 32.31 21.22
C GLY H 106 -68.86 32.49 21.64
N THR H 107 -69.14 32.26 22.92
CA THR H 107 -70.49 32.42 23.47
C THR H 107 -70.49 33.62 24.41
N LYS H 108 -71.36 34.58 24.14
CA LYS H 108 -71.47 35.79 24.95
C LYS H 108 -72.58 35.60 25.97
N LEU H 109 -72.28 35.88 27.23
CA LEU H 109 -73.26 35.77 28.31
C LEU H 109 -73.79 37.15 28.67
N GLU H 110 -75.11 37.28 28.66
CA GLU H 110 -75.79 38.53 28.96
C GLU H 110 -76.88 38.27 30.00
N LEU H 111 -77.61 39.32 30.34
CA LEU H 111 -78.66 39.25 31.34
C LEU H 111 -79.92 39.94 30.82
N LYS H 112 -81.07 39.48 31.28
CA LYS H 112 -82.35 40.04 30.88
C LYS H 112 -82.73 41.24 31.74
#